data_5EF3
#
_entry.id   5EF3
#
_cell.length_a   141.230
_cell.length_b   111.160
_cell.length_c   138.290
_cell.angle_alpha   90.000
_cell.angle_beta   117.370
_cell.angle_gamma   90.000
#
_symmetry.space_group_name_H-M   'C 1 2 1'
#
loop_
_entity.id
_entity.type
_entity.pdbx_description
1 polymer 'Transcription attenuation protein MtrB'
2 polymer '(GAGUU)10GAG 53-NUCLEOTIDE RNA'
3 non-polymer TRYPTOPHAN
4 water water
#
loop_
_entity_poly.entity_id
_entity_poly.type
_entity_poly.pdbx_seq_one_letter_code
_entity_poly.pdbx_strand_id
1 'polypeptide(L)' MYTNSDFVVIKALEDGVNVIGLTRGADTRFHHSEKLDKGEVLIAQFTEHTSAIKVRGKAYIQTRHGVIESEGKK A,B,C,D,E,F,G,H,I,J,K,L,M,N,O,P,Q,R,S,T,U,V
2 'polyribonucleotide' GAGUUGAGUUGAGUUGAGUUGAGUUGAGUUGAGUUGAGUUGAGUUGAGUUGAGUU W
#
loop_
_chem_comp.id
_chem_comp.type
_chem_comp.name
_chem_comp.formula
A RNA linking ADENOSINE-5'-MONOPHOSPHATE 'C10 H14 N5 O7 P'
G RNA linking GUANOSINE-5'-MONOPHOSPHATE 'C10 H14 N5 O8 P'
U RNA linking URIDINE-5'-MONOPHOSPHATE 'C9 H13 N2 O9 P'
#
# COMPACT_ATOMS: atom_id res chain seq x y z
N ASN A 4 -21.37 -7.61 17.62
CA ASN A 4 -20.50 -7.18 16.49
C ASN A 4 -19.99 -5.74 16.54
N SER A 5 -20.32 -5.01 17.60
CA SER A 5 -20.04 -3.63 17.73
C SER A 5 -18.55 -3.36 17.97
N ASP A 6 -18.20 -2.08 17.74
CA ASP A 6 -16.93 -1.52 18.01
C ASP A 6 -16.61 -1.57 19.48
N PHE A 7 -15.33 -1.45 19.80
CA PHE A 7 -14.85 -1.47 21.18
C PHE A 7 -13.68 -0.51 21.34
N VAL A 8 -13.31 -0.19 22.57
CA VAL A 8 -12.25 0.79 22.91
C VAL A 8 -11.36 -0.03 23.86
N VAL A 9 -10.06 0.17 23.79
CA VAL A 9 -9.12 -0.40 24.72
C VAL A 9 -8.66 0.79 25.61
N ILE A 10 -8.70 0.58 26.93
CA ILE A 10 -8.25 1.62 27.89
C ILE A 10 -7.20 1.00 28.83
N LYS A 11 -5.96 1.54 28.84
CA LYS A 11 -4.93 1.11 29.77
C LYS A 11 -4.68 2.25 30.76
N ALA A 12 -4.92 1.98 32.06
CA ALA A 12 -4.75 2.97 33.11
C ALA A 12 -3.24 3.24 33.25
N LEU A 13 -2.83 4.49 33.23
CA LEU A 13 -1.40 4.87 33.39
C LEU A 13 -1.18 5.37 34.85
N GLU A 14 -2.21 5.39 35.68
CA GLU A 14 -2.08 5.79 37.11
C GLU A 14 -3.28 5.11 37.80
N ASP A 15 -3.34 5.15 39.13
CA ASP A 15 -4.48 4.62 39.89
C ASP A 15 -5.70 5.48 39.76
N GLY A 16 -6.87 4.87 39.93
CA GLY A 16 -8.17 5.60 40.08
C GLY A 16 -8.72 6.08 38.73
N VAL A 17 -8.29 5.48 37.63
CA VAL A 17 -8.86 5.87 36.37
C VAL A 17 -10.34 5.38 36.32
N ASN A 18 -11.25 6.23 35.84
CA ASN A 18 -12.67 5.82 35.71
C ASN A 18 -13.06 5.72 34.23
N VAL A 19 -13.54 4.53 33.81
CA VAL A 19 -14.20 4.36 32.51
C VAL A 19 -15.71 4.37 32.76
N ILE A 20 -16.37 5.43 32.31
CA ILE A 20 -17.77 5.69 32.64
C ILE A 20 -18.67 5.39 31.42
N GLY A 21 -19.75 4.59 31.62
CA GLY A 21 -20.67 4.27 30.50
C GLY A 21 -21.86 5.21 30.56
N LEU A 22 -22.18 5.84 29.44
CA LEU A 22 -23.38 6.68 29.35
C LEU A 22 -24.55 5.89 28.70
N THR A 23 -25.76 6.01 29.28
CA THR A 23 -26.93 5.27 28.75
C THR A 23 -27.30 5.62 27.33
N ARG A 24 -27.62 4.57 26.60
CA ARG A 24 -28.26 4.66 25.26
C ARG A 24 -29.70 5.03 25.40
N GLY A 25 -30.20 5.89 24.50
CA GLY A 25 -31.61 6.21 24.45
C GLY A 25 -31.91 7.70 24.69
N ALA A 26 -33.16 7.99 25.02
CA ALA A 26 -33.63 9.38 25.12
C ALA A 26 -33.02 10.02 26.38
N ASP A 27 -32.82 9.19 27.40
CA ASP A 27 -32.22 9.56 28.68
C ASP A 27 -30.65 9.37 28.57
N THR A 28 -29.93 10.42 28.86
CA THR A 28 -28.48 10.24 28.97
C THR A 28 -28.02 10.47 30.44
N ARG A 29 -27.38 9.48 31.05
CA ARG A 29 -26.80 9.64 32.39
C ARG A 29 -25.69 8.65 32.47
N PHE A 30 -24.84 8.75 33.50
CA PHE A 30 -23.86 7.67 33.78
C PHE A 30 -24.58 6.45 34.38
N HIS A 31 -24.38 5.21 33.90
CA HIS A 31 -25.02 4.06 34.53
C HIS A 31 -23.95 3.21 35.19
N HIS A 32 -22.66 3.35 34.87
CA HIS A 32 -21.68 2.50 35.55
C HIS A 32 -20.36 3.23 35.46
N SER A 33 -19.50 3.09 36.45
CA SER A 33 -18.16 3.68 36.38
C SER A 33 -17.20 2.55 36.74
N GLU A 34 -16.31 2.13 35.86
CA GLU A 34 -15.36 1.03 36.13
C GLU A 34 -14.03 1.66 36.57
N LYS A 35 -13.58 1.30 37.77
CA LYS A 35 -12.33 1.81 38.31
C LYS A 35 -11.17 0.93 37.82
N LEU A 36 -10.17 1.49 37.12
CA LEU A 36 -8.90 0.76 36.83
C LEU A 36 -7.68 1.32 37.58
N ASP A 37 -6.88 0.42 38.14
CA ASP A 37 -5.64 0.90 38.78
C ASP A 37 -4.53 0.73 37.80
N LYS A 38 -3.37 1.30 38.14
CA LYS A 38 -2.32 1.44 37.24
C LYS A 38 -1.96 0.15 36.55
N GLY A 39 -1.92 0.23 35.23
CA GLY A 39 -1.46 -0.91 34.40
C GLY A 39 -2.60 -1.92 34.05
N GLU A 40 -3.79 -1.76 34.61
CA GLU A 40 -4.90 -2.64 34.24
C GLU A 40 -5.46 -2.17 32.89
N VAL A 41 -5.99 -3.14 32.12
CA VAL A 41 -6.62 -2.82 30.84
C VAL A 41 -8.10 -3.21 30.75
N LEU A 42 -8.92 -2.34 30.17
CA LEU A 42 -10.32 -2.66 29.97
C LEU A 42 -10.60 -2.54 28.46
N ILE A 43 -11.22 -3.58 27.89
CA ILE A 43 -11.64 -3.55 26.51
C ILE A 43 -13.19 -3.59 26.55
N ALA A 44 -13.79 -2.52 26.08
CA ALA A 44 -15.19 -2.29 26.39
C ALA A 44 -15.90 -2.00 25.09
N GLN A 45 -17.05 -2.66 24.89
CA GLN A 45 -17.84 -2.42 23.69
C GLN A 45 -18.87 -1.35 23.89
N PHE A 46 -19.31 -0.75 22.79
CA PHE A 46 -20.62 -0.09 22.74
C PHE A 46 -21.70 -1.15 22.71
N THR A 47 -22.84 -0.88 23.33
CA THR A 47 -23.79 -1.97 23.63
C THR A 47 -25.18 -1.47 23.51
N GLU A 48 -26.15 -2.35 23.67
CA GLU A 48 -27.53 -1.90 23.76
C GLU A 48 -27.70 -0.82 24.91
N HIS A 49 -26.89 -0.92 25.98
CA HIS A 49 -27.01 0.01 27.17
C HIS A 49 -26.02 1.16 27.18
N THR A 50 -24.97 1.06 26.40
CA THR A 50 -23.85 2.03 26.47
C THR A 50 -23.56 2.64 25.05
N SER A 51 -23.96 3.88 24.81
CA SER A 51 -23.76 4.47 23.48
C SER A 51 -22.70 5.59 23.53
N ALA A 52 -22.09 5.84 24.71
CA ALA A 52 -20.93 6.81 24.82
C ALA A 52 -20.12 6.38 26.04
N ILE A 53 -18.80 6.59 26.00
CA ILE A 53 -17.92 6.12 27.04
C ILE A 53 -16.98 7.31 27.41
N LYS A 54 -16.88 7.68 28.71
CA LYS A 54 -16.08 8.81 29.13
C LYS A 54 -14.90 8.26 29.93
N VAL A 55 -13.67 8.78 29.64
CA VAL A 55 -12.54 8.33 30.42
C VAL A 55 -11.99 9.53 31.20
N ARG A 56 -11.84 9.34 32.51
CA ARG A 56 -11.25 10.32 33.40
C ARG A 56 -10.01 9.78 34.05
N GLY A 57 -8.96 10.59 34.16
CA GLY A 57 -7.68 10.10 34.67
C GLY A 57 -6.73 9.79 33.52
N LYS A 58 -5.47 9.44 33.86
CA LYS A 58 -4.43 9.29 32.88
C LYS A 58 -4.51 7.87 32.30
N ALA A 59 -4.71 7.81 31.01
CA ALA A 59 -4.94 6.48 30.33
C ALA A 59 -4.50 6.54 28.85
N TYR A 60 -4.15 5.37 28.33
CA TYR A 60 -3.70 5.21 26.91
C TYR A 60 -4.84 4.48 26.27
N ILE A 61 -5.44 5.10 25.25
CA ILE A 61 -6.69 4.59 24.70
C ILE A 61 -6.48 4.21 23.18
N GLN A 62 -7.06 3.11 22.75
CA GLN A 62 -6.98 2.71 21.28
C GLN A 62 -8.39 2.51 20.83
N THR A 63 -8.70 3.19 19.69
CA THR A 63 -9.92 2.95 19.03
C THR A 63 -9.59 2.58 17.61
N ARG A 64 -10.66 2.34 16.85
CA ARG A 64 -10.38 2.14 15.43
C ARG A 64 -9.83 3.42 14.79
N HIS A 65 -10.01 4.56 15.45
CA HIS A 65 -9.43 5.82 14.85
C HIS A 65 -7.98 6.00 15.25
N GLY A 66 -7.43 5.15 16.14
CA GLY A 66 -5.99 5.28 16.48
C GLY A 66 -5.85 5.41 17.98
N VAL A 67 -4.70 5.98 18.39
CA VAL A 67 -4.36 6.18 19.80
C VAL A 67 -4.81 7.58 20.24
N ILE A 68 -5.31 7.68 21.48
CA ILE A 68 -5.47 9.05 22.02
C ILE A 68 -5.12 8.86 23.48
N GLU A 69 -4.83 9.97 24.20
CA GLU A 69 -4.49 9.79 25.58
C GLU A 69 -5.33 10.71 26.41
N SER A 70 -5.84 10.22 27.52
CA SER A 70 -6.55 11.12 28.45
C SER A 70 -5.58 11.51 29.53
N GLU A 71 -5.78 12.68 30.13
CA GLU A 71 -4.81 13.22 31.12
C GLU A 71 -5.62 13.55 32.33
N GLY A 72 -5.13 13.18 33.53
CA GLY A 72 -5.88 13.43 34.80
C GLY A 72 -5.76 14.87 35.28
N SER B 5 -22.09 1.00 13.68
CA SER B 5 -22.50 2.44 13.79
C SER B 5 -21.32 3.38 14.21
N ASP B 6 -21.09 4.47 13.47
CA ASP B 6 -19.94 5.41 13.72
C ASP B 6 -19.83 6.09 15.06
N PHE B 7 -18.61 6.50 15.45
CA PHE B 7 -18.43 7.19 16.69
C PHE B 7 -17.37 8.26 16.41
N VAL B 8 -17.31 9.25 17.32
CA VAL B 8 -16.43 10.42 17.25
C VAL B 8 -15.65 10.32 18.59
N VAL B 9 -14.36 10.60 18.56
CA VAL B 9 -13.53 10.73 19.76
C VAL B 9 -13.31 12.23 20.01
N ILE B 10 -13.56 12.66 21.26
CA ILE B 10 -13.36 14.05 21.64
C ILE B 10 -12.43 14.14 22.87
N LYS B 11 -11.29 14.87 22.71
CA LYS B 11 -10.39 15.06 23.80
C LYS B 11 -10.42 16.55 24.12
N ALA B 12 -10.88 16.90 25.31
CA ALA B 12 -10.90 18.30 25.78
C ALA B 12 -9.45 18.85 25.94
N LEU B 13 -9.17 19.98 25.30
CA LEU B 13 -7.89 20.63 25.45
C LEU B 13 -7.98 21.77 26.45
N GLU B 14 -9.14 22.07 27.01
CA GLU B 14 -9.29 23.09 28.13
C GLU B 14 -10.58 22.66 28.91
N ASP B 15 -10.86 23.33 30.02
CA ASP B 15 -12.06 23.04 30.82
C ASP B 15 -13.31 23.50 30.11
N GLY B 16 -14.44 22.83 30.37
CA GLY B 16 -15.75 23.29 29.85
C GLY B 16 -16.09 23.08 28.37
N VAL B 17 -15.33 22.21 27.71
CA VAL B 17 -15.65 21.79 26.40
C VAL B 17 -17.02 21.13 26.49
N ASN B 18 -17.92 21.54 25.60
CA ASN B 18 -19.28 21.04 25.53
C ASN B 18 -19.54 20.15 24.29
N VAL B 19 -19.81 18.86 24.49
CA VAL B 19 -20.19 17.97 23.41
C VAL B 19 -21.75 17.89 23.42
N ILE B 20 -22.38 18.38 22.34
CA ILE B 20 -23.80 18.63 22.23
C ILE B 20 -24.45 17.63 21.25
N GLY B 21 -25.42 16.79 21.70
CA GLY B 21 -26.08 15.78 20.83
C GLY B 21 -27.33 16.40 20.26
N LEU B 22 -27.55 16.32 18.92
CA LEU B 22 -28.73 16.90 18.29
C LEU B 22 -29.72 15.77 18.02
N THR B 23 -31.03 16.04 18.22
CA THR B 23 -32.05 15.04 18.05
C THR B 23 -32.16 14.47 16.64
N ARG B 24 -32.30 13.15 16.51
CA ARG B 24 -32.60 12.56 15.20
C ARG B 24 -34.09 12.81 14.97
N GLY B 25 -34.56 12.99 13.75
CA GLY B 25 -35.99 13.05 13.58
C GLY B 25 -36.29 14.28 12.74
N ALA B 26 -37.56 14.56 12.53
CA ALA B 26 -37.96 15.68 11.72
C ALA B 26 -37.54 16.97 12.44
N ASP B 27 -37.42 16.97 13.76
CA ASP B 27 -37.09 18.23 14.41
C ASP B 27 -35.64 18.25 14.81
N THR B 28 -35.05 19.44 14.85
CA THR B 28 -33.68 19.46 15.30
C THR B 28 -33.48 20.37 16.54
N ARG B 29 -33.01 19.81 17.67
CA ARG B 29 -32.64 20.68 18.74
C ARG B 29 -31.68 19.90 19.56
N PHE B 30 -31.01 20.47 20.56
CA PHE B 30 -30.07 19.65 21.37
C PHE B 30 -30.85 18.85 22.42
N HIS B 31 -30.44 17.66 22.76
CA HIS B 31 -31.20 16.89 23.83
C HIS B 31 -30.19 16.58 24.92
N HIS B 32 -28.88 16.77 24.72
CA HIS B 32 -27.96 16.52 25.80
C HIS B 32 -26.67 17.30 25.56
N SER B 33 -26.11 17.84 26.63
CA SER B 33 -24.77 18.48 26.54
C SER B 33 -23.86 17.81 27.55
N GLU B 34 -22.73 17.26 27.11
CA GLU B 34 -21.86 16.58 28.03
C GLU B 34 -20.59 17.43 28.10
N LYS B 35 -20.29 17.99 29.26
CA LYS B 35 -19.15 18.84 29.40
C LYS B 35 -17.98 18.01 29.77
N LEU B 36 -16.81 18.45 29.29
CA LEU B 36 -15.58 17.73 29.50
C LEU B 36 -14.60 18.72 30.06
N ASP B 37 -13.86 18.25 31.07
CA ASP B 37 -12.72 19.02 31.50
C ASP B 37 -11.40 18.60 30.85
N LYS B 38 -10.40 19.46 31.00
CA LYS B 38 -9.20 19.34 30.25
C LYS B 38 -8.60 17.99 30.39
N GLY B 39 -8.36 17.36 29.26
CA GLY B 39 -7.70 16.11 29.31
C GLY B 39 -8.71 14.94 29.40
N GLU B 40 -9.99 15.18 29.66
CA GLU B 40 -10.95 14.02 29.61
C GLU B 40 -11.27 13.68 28.13
N VAL B 41 -11.60 12.39 27.85
CA VAL B 41 -11.94 11.95 26.52
C VAL B 41 -13.39 11.39 26.52
N LEU B 42 -14.16 11.76 25.47
CA LEU B 42 -15.51 11.22 25.30
C LEU B 42 -15.50 10.49 23.93
N ILE B 43 -15.92 9.22 23.90
CA ILE B 43 -16.06 8.46 22.63
C ILE B 43 -17.55 8.28 22.46
N ALA B 44 -18.18 8.99 21.50
CA ALA B 44 -19.63 8.99 21.43
C ALA B 44 -20.11 8.51 20.06
N GLN B 45 -21.09 7.63 20.07
CA GLN B 45 -21.70 7.14 18.86
C GLN B 45 -22.75 8.04 18.31
N PHE B 46 -23.03 7.89 17.00
CA PHE B 46 -24.37 8.22 16.48
C PHE B 46 -25.36 7.14 16.84
N THR B 47 -26.61 7.54 17.12
CA THR B 47 -27.55 6.60 17.74
C THR B 47 -28.95 6.78 17.22
N GLU B 48 -29.89 5.97 17.73
CA GLU B 48 -31.32 6.19 17.46
C GLU B 48 -31.75 7.62 17.90
N HIS B 49 -31.11 8.22 18.91
CA HIS B 49 -31.55 9.57 19.42
C HIS B 49 -30.64 10.76 18.96
N THR B 50 -29.43 10.44 18.47
CA THR B 50 -28.39 11.50 18.15
C THR B 50 -27.93 11.29 16.70
N SER B 51 -28.33 12.18 15.78
CA SER B 51 -27.83 12.09 14.42
C SER B 51 -26.88 13.25 14.00
N ALA B 52 -26.53 14.13 14.91
CA ALA B 52 -25.54 15.17 14.63
C ALA B 52 -24.94 15.60 16.00
N ILE B 53 -23.64 15.97 16.04
CA ILE B 53 -22.95 16.21 17.31
C ILE B 53 -22.16 17.49 17.04
N LYS B 54 -22.29 18.43 17.98
CA LYS B 54 -21.61 19.70 17.93
C LYS B 54 -20.61 19.82 19.08
N VAL B 55 -19.37 20.31 18.75
CA VAL B 55 -18.39 20.48 19.78
C VAL B 55 -18.06 21.96 19.89
N ARG B 56 -18.10 22.48 21.13
CA ARG B 56 -17.82 23.85 21.44
C ARG B 56 -16.67 23.90 22.44
N GLY B 57 -15.76 24.88 22.29
CA GLY B 57 -14.55 24.79 23.04
C GLY B 57 -13.33 24.18 22.33
N LYS B 58 -12.13 24.39 22.89
CA LYS B 58 -10.96 23.74 22.35
C LYS B 58 -10.86 22.20 22.56
N ALA B 59 -10.85 21.43 21.45
CA ALA B 59 -10.87 19.98 21.56
C ALA B 59 -10.15 19.34 20.36
N TYR B 60 -9.53 18.20 20.64
CA TYR B 60 -8.91 17.43 19.56
C TYR B 60 -9.89 16.32 19.22
N ILE B 61 -10.25 16.18 17.93
CA ILE B 61 -11.34 15.29 17.56
C ILE B 61 -10.88 14.20 16.53
N GLN B 62 -11.17 12.91 16.79
CA GLN B 62 -10.97 11.92 15.71
C GLN B 62 -12.27 11.36 15.18
N THR B 63 -12.38 11.29 13.86
CA THR B 63 -13.47 10.59 13.27
C THR B 63 -12.87 9.66 12.21
N ARG B 64 -13.73 8.85 11.60
CA ARG B 64 -13.30 8.01 10.47
C ARG B 64 -12.65 8.87 9.36
N HIS B 65 -13.08 10.13 9.23
CA HIS B 65 -12.40 11.04 8.19
C HIS B 65 -11.18 11.71 8.64
N GLY B 66 -10.64 11.38 9.82
CA GLY B 66 -9.33 11.94 10.15
C GLY B 66 -9.44 12.78 11.44
N VAL B 67 -8.39 13.54 11.72
CA VAL B 67 -8.46 14.46 12.85
C VAL B 67 -8.93 15.87 12.45
N ILE B 68 -9.64 16.48 13.39
CA ILE B 68 -10.06 17.85 13.23
C ILE B 68 -9.95 18.50 14.64
N GLU B 69 -9.80 19.82 14.68
CA GLU B 69 -9.69 20.48 16.01
C GLU B 69 -10.75 21.52 16.07
N SER B 70 -11.50 21.52 17.21
CA SER B 70 -12.38 22.67 17.45
C SER B 70 -11.63 23.74 18.25
N GLU B 71 -12.01 24.96 18.02
CA GLU B 71 -11.42 26.09 18.71
C GLU B 71 -12.49 26.82 19.50
N GLY B 72 -12.18 27.16 20.75
CA GLY B 72 -13.22 27.57 21.74
C GLY B 72 -13.30 29.06 21.82
N ASN C 4 -26.39 3.81 10.60
CA ASN C 4 -25.12 3.47 9.88
C ASN C 4 -24.83 4.36 8.60
N SER C 5 -25.44 5.54 8.50
CA SER C 5 -25.30 6.34 7.28
C SER C 5 -23.94 7.04 7.24
N ASP C 6 -23.60 7.71 6.15
CA ASP C 6 -22.37 8.53 6.11
C ASP C 6 -22.58 9.81 6.95
N PHE C 7 -21.51 10.55 7.26
CA PHE C 7 -21.65 11.80 7.98
C PHE C 7 -20.59 12.80 7.37
N VAL C 8 -20.85 14.07 7.57
CA VAL C 8 -19.89 15.10 7.14
C VAL C 8 -19.42 15.89 8.38
N VAL C 9 -18.15 16.30 8.35
CA VAL C 9 -17.55 17.12 9.35
C VAL C 9 -17.43 18.54 8.82
N ILE C 10 -18.00 19.50 9.57
CA ILE C 10 -17.97 20.88 9.15
C ILE C 10 -17.33 21.68 10.28
N LYS C 11 -16.21 22.38 9.98
CA LYS C 11 -15.60 23.24 11.00
C LYS C 11 -15.79 24.67 10.51
N ALA C 12 -16.43 25.54 11.33
CA ALA C 12 -16.64 26.93 10.88
C ALA C 12 -15.29 27.70 10.93
N LEU C 13 -14.98 28.40 9.86
CA LEU C 13 -13.74 29.23 9.81
C LEU C 13 -14.03 30.71 10.07
N GLU C 14 -15.29 31.04 10.29
CA GLU C 14 -15.77 32.38 10.66
C GLU C 14 -17.11 32.21 11.35
N ASP C 15 -17.60 33.27 11.95
CA ASP C 15 -18.92 33.26 12.59
C ASP C 15 -20.09 33.19 11.58
N GLY C 16 -21.21 32.54 11.92
CA GLY C 16 -22.45 32.63 11.10
C GLY C 16 -22.51 31.65 9.91
N VAL C 17 -21.67 30.62 9.91
CA VAL C 17 -21.78 29.57 8.94
C VAL C 17 -23.13 28.84 9.11
N ASN C 18 -23.76 28.47 8.00
CA ASN C 18 -25.01 27.81 8.06
C ASN C 18 -24.85 26.41 7.45
N VAL C 19 -25.29 25.40 8.21
CA VAL C 19 -25.30 24.02 7.74
C VAL C 19 -26.78 23.66 7.56
N ILE C 20 -27.22 23.55 6.31
CA ILE C 20 -28.64 23.56 5.99
C ILE C 20 -29.02 22.10 5.63
N GLY C 21 -29.99 21.51 6.31
CA GLY C 21 -30.41 20.14 5.97
C GLY C 21 -31.53 20.24 4.94
N LEU C 22 -31.50 19.45 3.88
CA LEU C 22 -32.59 19.46 2.88
C LEU C 22 -33.43 18.21 3.05
N THR C 23 -34.76 18.33 2.86
CA THR C 23 -35.67 17.21 3.13
C THR C 23 -35.49 16.02 2.23
N ARG C 24 -35.47 14.82 2.79
CA ARG C 24 -35.53 13.62 1.99
C ARG C 24 -36.91 13.49 1.45
N GLY C 25 -37.05 12.88 0.26
CA GLY C 25 -38.41 12.50 -0.19
C GLY C 25 -38.67 13.15 -1.51
N ALA C 26 -39.93 13.09 -1.90
CA ALA C 26 -40.36 13.64 -3.22
C ALA C 26 -40.15 15.16 -3.24
N ASP C 27 -40.32 15.84 -2.09
CA ASP C 27 -40.23 17.30 -2.07
C ASP C 27 -38.83 17.69 -1.54
N THR C 28 -38.29 18.83 -2.00
CA THR C 28 -37.02 19.31 -1.52
C THR C 28 -37.11 20.76 -0.99
N ARG C 29 -36.86 20.92 0.32
CA ARG C 29 -36.84 22.25 0.96
C ARG C 29 -35.92 22.19 2.16
N PHE C 30 -35.54 23.36 2.65
CA PHE C 30 -34.69 23.42 3.83
C PHE C 30 -35.56 23.11 5.02
N HIS C 31 -35.15 22.18 5.89
CA HIS C 31 -35.97 21.92 7.08
C HIS C 31 -35.28 22.44 8.31
N HIS C 32 -34.00 22.85 8.25
CA HIS C 32 -33.30 23.29 9.43
C HIS C 32 -32.02 23.93 8.95
N SER C 33 -31.59 25.00 9.57
CA SER C 33 -30.29 25.63 9.29
C SER C 33 -29.63 25.67 10.63
N GLU C 34 -28.51 24.99 10.82
CA GLU C 34 -27.81 25.07 12.08
C GLU C 34 -26.70 26.11 11.91
N LYS C 35 -26.71 27.12 12.75
CA LYS C 35 -25.77 28.20 12.65
C LYS C 35 -24.55 27.88 13.48
N LEU C 36 -23.34 27.98 12.93
CA LEU C 36 -22.07 27.69 13.65
C LEU C 36 -21.21 28.94 13.73
N ASP C 37 -20.59 29.16 14.85
CA ASP C 37 -19.63 30.23 15.01
C ASP C 37 -18.18 29.76 14.89
N LYS C 38 -17.29 30.71 14.80
CA LYS C 38 -15.97 30.39 14.34
C LYS C 38 -15.29 29.41 15.24
N GLY C 39 -14.69 28.36 14.67
CA GLY C 39 -13.96 27.37 15.46
C GLY C 39 -14.86 26.19 15.89
N GLU C 40 -16.21 26.31 15.85
CA GLU C 40 -17.08 25.16 16.22
C GLU C 40 -17.07 24.10 15.15
N VAL C 41 -17.26 22.83 15.59
CA VAL C 41 -17.30 21.68 14.64
C VAL C 41 -18.68 20.96 14.76
N LEU C 42 -19.34 20.73 13.62
CA LEU C 42 -20.56 19.94 13.58
C LEU C 42 -20.24 18.67 12.78
N ILE C 43 -20.64 17.53 13.34
CA ILE C 43 -20.55 16.28 12.68
C ILE C 43 -21.97 15.81 12.41
N ALA C 44 -22.40 15.76 11.14
CA ALA C 44 -23.84 15.65 10.81
C ALA C 44 -24.04 14.48 9.88
N GLN C 45 -24.97 13.53 10.20
CA GLN C 45 -25.23 12.42 9.36
C GLN C 45 -26.25 12.74 8.28
N PHE C 46 -26.27 11.95 7.20
CA PHE C 46 -27.48 11.77 6.42
C PHE C 46 -28.45 10.86 7.17
N THR C 47 -29.73 11.16 7.06
CA THR C 47 -30.73 10.54 7.92
C THR C 47 -32.03 10.30 7.19
N GLU C 48 -33.04 9.74 7.90
CA GLU C 48 -34.39 9.64 7.37
C GLU C 48 -34.92 10.98 6.86
N HIS C 49 -34.60 12.09 7.56
CA HIS C 49 -35.13 13.38 7.18
C HIS C 49 -34.22 14.24 6.27
N THR C 50 -32.91 13.95 6.27
CA THR C 50 -31.93 14.76 5.56
C THR C 50 -31.21 13.94 4.56
N SER C 51 -31.44 14.20 3.26
CA SER C 51 -30.73 13.49 2.17
C SER C 51 -29.78 14.43 1.41
N ALA C 52 -29.72 15.69 1.80
CA ALA C 52 -28.71 16.62 1.16
C ALA C 52 -28.35 17.73 2.14
N ILE C 53 -27.09 18.17 2.13
CA ILE C 53 -26.66 19.14 3.12
C ILE C 53 -25.96 20.28 2.41
N LYS C 54 -26.35 21.50 2.70
CA LYS C 54 -25.77 22.67 2.00
C LYS C 54 -24.96 23.44 3.04
N VAL C 55 -23.73 23.90 2.68
CA VAL C 55 -23.01 24.72 3.62
C VAL C 55 -22.83 26.10 3.02
N ARG C 56 -23.24 27.14 3.77
CA ARG C 56 -22.95 28.54 3.39
C ARG C 56 -22.07 29.21 4.39
N GLY C 57 -21.13 30.00 3.88
CA GLY C 57 -20.11 30.64 4.76
C GLY C 57 -18.79 29.90 4.72
N LYS C 58 -17.75 30.42 5.39
CA LYS C 58 -16.41 29.85 5.26
C LYS C 58 -16.22 28.67 6.24
N ALA C 59 -15.89 27.53 5.70
CA ALA C 59 -15.77 26.28 6.52
C ALA C 59 -14.82 25.28 5.88
N TYR C 60 -14.13 24.54 6.73
CA TYR C 60 -13.37 23.44 6.34
C TYR C 60 -14.24 22.16 6.46
N ILE C 61 -14.37 21.39 5.38
CA ILE C 61 -15.28 20.21 5.40
C ILE C 61 -14.56 18.90 5.15
N GLN C 62 -14.88 17.84 5.91
CA GLN C 62 -14.34 16.49 5.59
C GLN C 62 -15.49 15.60 5.29
N THR C 63 -15.33 14.79 4.22
CA THR C 63 -16.30 13.70 4.00
C THR C 63 -15.46 12.49 3.61
N ARG C 64 -16.12 11.35 3.40
CA ARG C 64 -15.42 10.18 2.97
C ARG C 64 -14.62 10.41 1.64
N HIS C 65 -15.02 11.37 0.82
CA HIS C 65 -14.21 11.64 -0.46
C HIS C 65 -13.16 12.63 -0.27
N GLY C 66 -12.92 13.14 0.93
CA GLY C 66 -11.72 13.96 1.13
C GLY C 66 -12.11 15.30 1.83
N VAL C 67 -11.20 16.27 1.73
CA VAL C 67 -11.42 17.58 2.28
C VAL C 67 -11.99 18.48 1.15
N ILE C 68 -12.87 19.39 1.51
CA ILE C 68 -13.22 20.46 0.63
C ILE C 68 -13.48 21.72 1.50
N GLU C 69 -13.43 22.92 0.89
CA GLU C 69 -13.68 24.14 1.67
C GLU C 69 -14.78 24.96 1.07
N SER C 70 -15.77 25.36 1.88
CA SER C 70 -16.74 26.35 1.36
C SER C 70 -16.22 27.77 1.63
N GLU C 71 -16.61 28.72 0.79
CA GLU C 71 -16.17 30.16 0.96
C GLU C 71 -17.35 31.10 1.10
N GLY C 72 -17.24 32.14 1.94
CA GLY C 72 -18.39 33.02 2.32
C GLY C 72 -18.82 34.12 1.36
N SER D 5 -25.80 4.26 1.14
CA SER D 5 -26.01 5.03 -0.10
C SER D 5 -24.97 6.19 -0.41
N ASP D 6 -24.47 6.19 -1.64
CA ASP D 6 -23.48 7.16 -2.14
C ASP D 6 -23.91 8.64 -2.21
N PHE D 7 -22.95 9.57 -2.20
CA PHE D 7 -23.30 11.00 -2.31
C PHE D 7 -22.25 11.64 -3.18
N VAL D 8 -22.56 12.81 -3.64
CA VAL D 8 -21.60 13.55 -4.43
C VAL D 8 -21.44 14.92 -3.68
N VAL D 9 -20.26 15.53 -3.76
CA VAL D 9 -19.98 16.84 -3.22
C VAL D 9 -19.83 17.77 -4.36
N ILE D 10 -20.51 18.91 -4.28
CA ILE D 10 -20.43 19.92 -5.36
C ILE D 10 -20.11 21.26 -4.74
N LYS D 11 -19.01 21.85 -5.17
CA LYS D 11 -18.64 23.20 -4.71
C LYS D 11 -18.74 24.14 -5.91
N ALA D 12 -19.63 25.15 -5.84
CA ALA D 12 -19.82 26.15 -6.95
C ALA D 12 -18.57 27.00 -7.07
N LEU D 13 -18.05 27.10 -8.29
CA LEU D 13 -16.88 27.96 -8.60
C LEU D 13 -17.31 29.31 -9.25
N GLU D 14 -18.60 29.51 -9.51
CA GLU D 14 -19.17 30.78 -9.97
C GLU D 14 -20.63 30.84 -9.47
N ASP D 15 -21.24 32.01 -9.61
CA ASP D 15 -22.69 32.13 -9.29
C ASP D 15 -23.63 31.31 -10.17
N GLY D 16 -24.74 30.87 -9.61
CA GLY D 16 -25.80 30.28 -10.42
C GLY D 16 -25.60 28.85 -10.93
N VAL D 17 -24.75 28.06 -10.27
CA VAL D 17 -24.59 26.68 -10.59
C VAL D 17 -25.91 25.94 -10.25
N ASN D 18 -26.33 24.99 -11.11
CA ASN D 18 -27.46 24.18 -10.78
C ASN D 18 -27.10 22.76 -10.49
N VAL D 19 -27.61 22.24 -9.39
CA VAL D 19 -27.50 20.82 -9.09
C VAL D 19 -28.91 20.20 -9.27
N ILE D 20 -29.08 19.31 -10.26
CA ILE D 20 -30.43 18.96 -10.74
C ILE D 20 -30.67 17.47 -10.43
N GLY D 21 -31.78 17.16 -9.79
CA GLY D 21 -32.06 15.77 -9.46
C GLY D 21 -32.99 15.18 -10.52
N LEU D 22 -32.68 13.97 -11.02
CA LEU D 22 -33.53 13.32 -12.02
C LEU D 22 -34.34 12.21 -11.27
N THR D 23 -35.62 12.03 -11.66
CA THR D 23 -36.49 11.10 -10.92
C THR D 23 -36.01 9.65 -11.07
N ARG D 24 -36.08 8.92 -9.96
CA ARG D 24 -35.91 7.48 -10.04
C ARG D 24 -37.15 6.83 -10.62
N GLY D 25 -37.01 5.71 -11.31
CA GLY D 25 -38.21 4.94 -11.74
C GLY D 25 -38.28 4.83 -13.27
N ALA D 26 -39.45 4.43 -13.76
CA ALA D 26 -39.71 4.30 -15.21
C ALA D 26 -39.74 5.70 -15.90
N ASP D 27 -40.27 6.72 -15.24
CA ASP D 27 -40.32 8.08 -15.73
C ASP D 27 -38.96 8.83 -15.36
N THR D 28 -38.40 9.55 -16.31
CA THR D 28 -37.23 10.34 -15.96
C THR D 28 -37.49 11.81 -16.26
N ARG D 29 -37.40 12.65 -15.24
CA ARG D 29 -37.59 14.05 -15.41
C ARG D 29 -36.84 14.73 -14.32
N PHE D 30 -36.66 16.06 -14.44
CA PHE D 30 -36.03 16.83 -13.37
C PHE D 30 -37.11 17.02 -12.32
N HIS D 31 -36.81 16.86 -11.06
CA HIS D 31 -37.83 17.12 -10.04
C HIS D 31 -37.30 18.27 -9.14
N HIS D 32 -36.01 18.65 -9.20
CA HIS D 32 -35.57 19.73 -8.38
C HIS D 32 -34.28 20.31 -8.92
N SER D 33 -34.10 21.61 -8.82
CA SER D 33 -32.87 22.26 -9.27
C SER D 33 -32.40 23.14 -8.12
N GLU D 34 -31.24 22.83 -7.52
CA GLU D 34 -30.72 23.55 -6.37
C GLU D 34 -29.69 24.50 -6.88
N LYS D 35 -29.94 25.78 -6.71
CA LYS D 35 -29.00 26.83 -7.18
C LYS D 35 -27.94 27.09 -6.12
N LEU D 36 -26.67 27.01 -6.51
CA LEU D 36 -25.50 27.37 -5.70
C LEU D 36 -24.80 28.63 -6.21
N ASP D 37 -24.60 29.59 -5.32
CA ASP D 37 -23.72 30.67 -5.67
C ASP D 37 -22.28 30.38 -5.22
N LYS D 38 -21.36 31.17 -5.73
CA LYS D 38 -19.97 30.92 -5.68
C LYS D 38 -19.47 30.63 -4.26
N GLY D 39 -18.67 29.58 -4.11
CA GLY D 39 -18.15 29.22 -2.84
C GLY D 39 -19.06 28.30 -1.97
N GLU D 40 -20.34 28.14 -2.30
CA GLU D 40 -21.22 27.25 -1.57
C GLU D 40 -21.03 25.82 -1.98
N VAL D 41 -21.34 24.91 -1.04
CA VAL D 41 -21.11 23.54 -1.14
C VAL D 41 -22.41 22.80 -0.83
N LEU D 42 -22.73 21.83 -1.69
CA LEU D 42 -23.83 20.97 -1.51
C LEU D 42 -23.32 19.54 -1.49
N ILE D 43 -23.80 18.74 -0.53
CA ILE D 43 -23.39 17.35 -0.44
C ILE D 43 -24.73 16.56 -0.58
N ALA D 44 -24.87 15.86 -1.70
CA ALA D 44 -26.19 15.33 -2.04
C ALA D 44 -26.15 13.84 -2.29
N GLN D 45 -27.04 13.10 -1.63
CA GLN D 45 -27.16 11.65 -1.87
C GLN D 45 -27.99 11.24 -3.08
N PHE D 46 -27.74 10.02 -3.56
CA PHE D 46 -28.76 9.27 -4.29
C PHE D 46 -29.81 8.75 -3.37
N THR D 47 -31.04 8.70 -3.82
CA THR D 47 -32.14 8.51 -2.88
C THR D 47 -33.26 7.69 -3.51
N GLU D 48 -34.27 7.40 -2.73
CA GLU D 48 -35.40 6.75 -3.26
C GLU D 48 -36.02 7.62 -4.41
N HIS D 49 -35.89 8.96 -4.33
CA HIS D 49 -36.39 9.85 -5.39
C HIS D 49 -35.44 10.37 -6.48
N THR D 50 -34.11 10.31 -6.22
CA THR D 50 -33.13 10.76 -7.16
C THR D 50 -32.15 9.61 -7.47
N SER D 51 -32.12 9.13 -8.72
CA SER D 51 -31.16 8.14 -9.16
C SER D 51 -30.06 8.70 -10.17
N ALA D 52 -30.13 9.99 -10.51
CA ALA D 52 -29.11 10.61 -11.33
C ALA D 52 -29.12 12.09 -10.99
N ILE D 53 -27.96 12.73 -11.13
CA ILE D 53 -27.75 14.09 -10.75
C ILE D 53 -26.95 14.73 -11.89
N LYS D 54 -27.39 15.91 -12.33
CA LYS D 54 -26.72 16.67 -13.38
C LYS D 54 -26.21 17.94 -12.79
N VAL D 55 -24.99 18.35 -13.14
CA VAL D 55 -24.50 19.64 -12.70
C VAL D 55 -24.26 20.50 -13.89
N ARG D 56 -24.74 21.72 -13.86
CA ARG D 56 -24.60 22.69 -14.95
C ARG D 56 -23.99 23.94 -14.34
N GLY D 57 -22.93 24.49 -14.92
CA GLY D 57 -22.23 25.62 -14.31
C GLY D 57 -20.85 25.16 -13.84
N LYS D 58 -19.95 26.11 -13.50
CA LYS D 58 -18.59 25.77 -13.14
C LYS D 58 -18.52 25.34 -11.74
N ALA D 59 -18.13 24.08 -11.53
CA ALA D 59 -18.16 23.49 -10.14
C ALA D 59 -17.06 22.47 -9.97
N TYR D 60 -16.62 22.27 -8.76
CA TYR D 60 -15.62 21.29 -8.43
C TYR D 60 -16.39 20.13 -7.77
N ILE D 61 -16.18 18.92 -8.30
CA ILE D 61 -17.10 17.80 -7.91
C ILE D 61 -16.28 16.68 -7.35
N GLN D 62 -16.67 16.10 -6.22
CA GLN D 62 -16.02 14.89 -5.67
C GLN D 62 -17.04 13.77 -5.64
N THR D 63 -16.61 12.60 -6.11
CA THR D 63 -17.43 11.41 -5.87
C THR D 63 -16.51 10.33 -5.37
N ARG D 64 -17.06 9.13 -5.10
CA ARG D 64 -16.20 8.01 -4.77
C ARG D 64 -15.20 7.70 -5.92
N HIS D 65 -15.47 8.13 -7.15
CA HIS D 65 -14.47 7.84 -8.26
C HIS D 65 -13.48 8.96 -8.35
N GLY D 66 -13.57 10.03 -7.54
CA GLY D 66 -12.50 11.03 -7.46
C GLY D 66 -13.05 12.38 -7.88
N VAL D 67 -12.14 13.26 -8.36
CA VAL D 67 -12.48 14.64 -8.65
C VAL D 67 -12.91 14.75 -10.12
N ILE D 68 -13.97 15.51 -10.36
CA ILE D 68 -14.32 15.91 -11.73
C ILE D 68 -14.72 17.36 -11.72
N GLU D 69 -14.57 18.07 -12.83
CA GLU D 69 -15.01 19.44 -12.86
C GLU D 69 -16.03 19.68 -13.94
N SER D 70 -17.14 20.30 -13.58
CA SER D 70 -18.04 20.81 -14.58
C SER D 70 -17.61 22.22 -15.02
N GLU D 71 -17.82 22.48 -16.30
CA GLU D 71 -17.44 23.76 -16.88
C GLU D 71 -18.67 24.45 -17.37
N GLY D 72 -18.71 25.72 -17.00
CA GLY D 72 -19.80 26.56 -17.34
C GLY D 72 -19.95 26.86 -18.82
N LYS D 73 -21.23 26.85 -19.18
CA LYS D 73 -21.90 27.91 -19.98
C LYS D 73 -20.99 29.08 -20.44
N SER E 5 -25.40 0.85 -4.40
CA SER E 5 -25.51 0.62 -5.88
C SER E 5 -24.65 1.47 -6.89
N ASP E 6 -24.01 0.86 -7.91
CA ASP E 6 -22.95 1.56 -8.70
C ASP E 6 -23.43 2.72 -9.52
N PHE E 7 -22.52 3.65 -9.86
CA PHE E 7 -22.92 4.75 -10.68
C PHE E 7 -21.72 5.05 -11.66
N VAL E 8 -22.00 5.78 -12.73
CA VAL E 8 -20.99 6.30 -13.60
C VAL E 8 -21.05 7.83 -13.61
N VAL E 9 -19.92 8.48 -13.79
CA VAL E 9 -19.85 9.90 -13.97
C VAL E 9 -19.53 10.11 -15.45
N ILE E 10 -20.26 11.04 -16.08
CA ILE E 10 -20.06 11.36 -17.50
C ILE E 10 -19.85 12.83 -17.61
N LYS E 11 -18.66 13.27 -18.11
CA LYS E 11 -18.47 14.72 -18.37
C LYS E 11 -18.46 14.98 -19.91
N ALA E 12 -19.33 15.84 -20.43
CA ALA E 12 -19.43 16.05 -21.88
C ALA E 12 -18.21 16.90 -22.31
N LEU E 13 -17.49 16.39 -23.29
CA LEU E 13 -16.34 17.14 -23.85
C LEU E 13 -16.71 17.97 -25.10
N GLU E 14 -17.96 17.92 -25.54
CA GLU E 14 -18.51 18.70 -26.68
C GLU E 14 -20.05 18.74 -26.44
N ASP E 15 -20.75 19.60 -27.16
CA ASP E 15 -22.24 19.68 -27.13
C ASP E 15 -22.89 18.46 -27.66
N GLY E 16 -24.03 18.13 -27.10
CA GLY E 16 -24.86 16.99 -27.62
C GLY E 16 -24.41 15.59 -27.34
N VAL E 17 -23.59 15.40 -26.29
CA VAL E 17 -23.26 14.06 -25.79
C VAL E 17 -24.56 13.43 -25.38
N ASN E 18 -24.71 12.16 -25.71
CA ASN E 18 -25.92 11.43 -25.41
C ASN E 18 -25.74 10.26 -24.45
N VAL E 19 -26.30 10.39 -23.26
CA VAL E 19 -26.25 9.30 -22.28
C VAL E 19 -27.60 8.53 -22.35
N ILE E 20 -27.47 7.26 -22.71
CA ILE E 20 -28.57 6.41 -23.12
C ILE E 20 -28.79 5.29 -22.10
N GLY E 21 -29.97 5.29 -21.44
CA GLY E 21 -30.28 4.21 -20.42
C GLY E 21 -31.01 3.07 -21.12
N LEU E 22 -30.46 1.85 -21.02
CA LEU E 22 -31.16 0.65 -21.53
C LEU E 22 -32.01 -0.06 -20.47
N THR E 23 -33.23 -0.43 -20.86
CA THR E 23 -34.18 -1.07 -19.93
C THR E 23 -33.63 -2.34 -19.29
N ARG E 24 -33.83 -2.44 -18.00
CA ARG E 24 -33.55 -3.67 -17.32
C ARG E 24 -34.62 -4.71 -17.73
N GLY E 25 -34.33 -6.00 -17.91
CA GLY E 25 -35.45 -7.03 -17.99
C GLY E 25 -35.18 -7.98 -19.18
N ALA E 26 -36.17 -8.85 -19.53
CA ALA E 26 -35.99 -9.75 -20.60
C ALA E 26 -35.78 -8.94 -21.90
N ASP E 27 -36.35 -7.74 -22.01
CA ASP E 27 -36.21 -6.90 -23.24
C ASP E 27 -35.18 -5.77 -23.15
N THR E 28 -34.54 -5.46 -24.27
CA THR E 28 -33.58 -4.44 -24.26
C THR E 28 -33.84 -3.36 -25.30
N ARG E 29 -34.04 -2.13 -24.87
CA ARG E 29 -34.18 -1.00 -25.76
C ARG E 29 -33.91 0.15 -24.89
N PHE E 30 -33.78 1.33 -25.48
CA PHE E 30 -33.46 2.46 -24.61
C PHE E 30 -34.77 3.07 -24.11
N HIS E 31 -34.76 3.56 -22.86
CA HIS E 31 -35.99 4.13 -22.23
C HIS E 31 -35.76 5.63 -21.95
N HIS E 32 -34.51 6.10 -21.99
CA HIS E 32 -34.33 7.50 -21.78
C HIS E 32 -32.99 7.92 -22.39
N SER E 33 -32.92 9.14 -22.95
CA SER E 33 -31.67 9.70 -23.49
C SER E 33 -31.47 11.06 -22.82
N GLU E 34 -30.39 11.28 -22.13
CA GLU E 34 -30.16 12.59 -21.47
C GLU E 34 -29.00 13.24 -22.25
N LYS E 35 -29.22 14.40 -22.86
CA LYS E 35 -28.18 15.06 -23.63
C LYS E 35 -27.49 16.03 -22.74
N LEU E 36 -26.17 16.13 -22.91
CA LEU E 36 -25.34 17.03 -22.13
C LEU E 36 -24.62 17.98 -23.03
N ASP E 37 -24.69 19.25 -22.70
CA ASP E 37 -23.78 20.20 -23.34
C ASP E 37 -22.34 20.19 -22.76
N LYS E 38 -21.47 20.84 -23.51
CA LYS E 38 -20.09 20.73 -23.29
C LYS E 38 -19.83 21.22 -21.86
N GLY E 39 -19.13 20.40 -21.06
CA GLY E 39 -18.73 20.83 -19.72
C GLY E 39 -19.70 20.40 -18.64
N GLU E 40 -20.89 19.95 -19.03
CA GLU E 40 -21.89 19.41 -18.06
C GLU E 40 -21.51 18.04 -17.59
N VAL E 41 -21.94 17.68 -16.37
CA VAL E 41 -21.63 16.41 -15.77
C VAL E 41 -22.93 15.70 -15.31
N LEU E 42 -23.06 14.42 -15.64
CA LEU E 42 -24.12 13.61 -15.22
C LEU E 42 -23.54 12.51 -14.37
N ILE E 43 -24.14 12.28 -13.22
CA ILE E 43 -23.70 11.19 -12.34
C ILE E 43 -24.90 10.26 -12.21
N ALA E 44 -24.81 9.05 -12.77
CA ALA E 44 -26.06 8.29 -12.95
C ALA E 44 -25.85 6.89 -12.43
N GLN E 45 -26.84 6.38 -11.70
CA GLN E 45 -26.82 5.05 -11.21
C GLN E 45 -27.38 4.01 -12.15
N PHE E 46 -26.96 2.76 -11.89
CA PHE E 46 -27.71 1.56 -12.27
C PHE E 46 -28.91 1.45 -11.36
N THR E 47 -30.08 1.08 -11.89
CA THR E 47 -31.30 1.23 -11.08
C THR E 47 -32.23 0.01 -11.44
N GLU E 48 -33.33 -0.13 -10.72
CA GLU E 48 -34.43 -1.04 -11.13
C GLU E 48 -34.76 -0.91 -12.67
N HIS E 49 -34.78 0.28 -13.26
CA HIS E 49 -35.17 0.43 -14.72
C HIS E 49 -33.98 0.49 -15.74
N THR E 50 -32.78 0.82 -15.27
CA THR E 50 -31.62 0.91 -16.11
C THR E 50 -30.58 -0.13 -15.75
N SER E 51 -30.30 -1.12 -16.57
CA SER E 51 -29.17 -2.05 -16.25
C SER E 51 -27.95 -1.97 -17.24
N ALA E 52 -28.04 -1.10 -18.26
CA ALA E 52 -26.88 -0.80 -19.12
C ALA E 52 -27.01 0.66 -19.55
N ILE E 53 -25.88 1.35 -19.69
CA ILE E 53 -25.88 2.76 -20.04
C ILE E 53 -24.87 2.92 -21.27
N LYS E 54 -25.28 3.51 -22.40
CA LYS E 54 -24.42 3.73 -23.51
C LYS E 54 -24.10 5.24 -23.63
N VAL E 55 -22.84 5.58 -23.99
CA VAL E 55 -22.50 6.97 -24.17
C VAL E 55 -22.11 7.21 -25.62
N ARG E 56 -22.75 8.13 -26.29
CA ARG E 56 -22.41 8.56 -27.66
C ARG E 56 -21.91 9.97 -27.66
N GLY E 57 -20.89 10.24 -28.45
CA GLY E 57 -20.27 11.58 -28.39
C GLY E 57 -18.98 11.64 -27.47
N LYS E 58 -18.23 12.74 -27.50
CA LYS E 58 -16.98 12.84 -26.82
C LYS E 58 -17.24 13.16 -25.34
N ALA E 59 -16.85 12.20 -24.47
CA ALA E 59 -17.06 12.31 -23.05
C ALA E 59 -15.92 11.72 -22.25
N TYR E 60 -15.72 12.28 -21.09
CA TYR E 60 -14.74 11.74 -20.12
C TYR E 60 -15.53 10.93 -19.05
N ILE E 61 -15.22 9.66 -18.92
CA ILE E 61 -16.12 8.81 -18.07
C ILE E 61 -15.36 8.21 -16.89
N GLN E 62 -15.92 8.24 -15.70
CA GLN E 62 -15.34 7.55 -14.57
C GLN E 62 -16.30 6.46 -14.07
N THR E 63 -15.73 5.30 -13.77
CA THR E 63 -16.54 4.27 -13.12
C THR E 63 -15.63 3.71 -12.00
N ARG E 64 -16.18 2.78 -11.23
CA ARG E 64 -15.36 2.07 -10.25
C ARG E 64 -14.12 1.40 -10.91
N HIS E 65 -14.16 1.10 -12.23
CA HIS E 65 -12.97 0.39 -12.82
C HIS E 65 -12.00 1.40 -13.42
N GLY E 66 -12.19 2.71 -13.21
CA GLY E 66 -11.20 3.72 -13.68
C GLY E 66 -11.84 4.66 -14.74
N VAL E 67 -10.99 5.40 -15.46
CA VAL E 67 -11.36 6.36 -16.44
C VAL E 67 -11.49 5.66 -17.83
N ILE E 68 -12.49 6.09 -18.62
CA ILE E 68 -12.56 5.66 -20.01
C ILE E 68 -13.08 6.88 -20.79
N GLU E 69 -12.86 6.97 -22.07
CA GLU E 69 -13.21 8.11 -22.82
C GLU E 69 -14.01 7.62 -24.05
N SER E 70 -15.20 8.18 -24.20
CA SER E 70 -15.94 7.94 -25.45
C SER E 70 -15.56 8.99 -26.48
N GLU E 71 -15.52 8.59 -27.76
CA GLU E 71 -15.18 9.51 -28.83
C GLU E 71 -16.34 9.50 -29.85
N GLY E 72 -16.64 10.67 -30.42
CA GLY E 72 -17.94 10.85 -31.18
C GLY E 72 -17.96 10.19 -32.53
N SER F 5 -24.38 -5.56 -8.06
CA SER F 5 -24.03 -6.50 -9.14
C SER F 5 -22.93 -5.92 -10.09
N ASP F 6 -22.04 -6.78 -10.61
CA ASP F 6 -20.91 -6.37 -11.37
C ASP F 6 -21.30 -5.85 -12.73
N PHE F 7 -20.44 -5.05 -13.36
CA PHE F 7 -20.67 -4.55 -14.69
C PHE F 7 -19.34 -4.57 -15.45
N VAL F 8 -19.45 -4.47 -16.75
CA VAL F 8 -18.27 -4.53 -17.59
C VAL F 8 -18.39 -3.22 -18.41
N VAL F 9 -17.24 -2.62 -18.77
CA VAL F 9 -17.21 -1.47 -19.61
C VAL F 9 -16.69 -1.94 -20.98
N ILE F 10 -17.34 -1.57 -22.10
CA ILE F 10 -16.84 -1.97 -23.41
C ILE F 10 -16.79 -0.72 -24.30
N LYS F 11 -15.60 -0.39 -24.84
CA LYS F 11 -15.47 0.77 -25.78
C LYS F 11 -15.17 0.18 -27.14
N ALA F 12 -16.02 0.49 -28.15
CA ALA F 12 -15.81 -0.10 -29.49
C ALA F 12 -14.55 0.56 -30.09
N LEU F 13 -13.64 -0.23 -30.65
CA LEU F 13 -12.43 0.33 -31.34
C LEU F 13 -12.54 0.35 -32.89
N GLU F 14 -13.68 -0.07 -33.44
CA GLU F 14 -14.04 -0.03 -34.86
C GLU F 14 -15.62 -0.13 -34.91
N ASP F 15 -16.21 0.14 -36.07
CA ASP F 15 -17.64 0.01 -36.29
C ASP F 15 -18.09 -1.42 -36.22
N GLY F 16 -19.33 -1.64 -35.77
CA GLY F 16 -19.98 -2.95 -35.92
C GLY F 16 -19.59 -3.90 -34.77
N VAL F 17 -19.10 -3.39 -33.62
CA VAL F 17 -18.78 -4.31 -32.51
C VAL F 17 -20.13 -4.78 -31.92
N ASN F 18 -20.20 -6.04 -31.50
CA ASN F 18 -21.41 -6.59 -30.87
C ASN F 18 -21.12 -7.03 -29.45
N VAL F 19 -21.87 -6.54 -28.48
CA VAL F 19 -21.88 -7.02 -27.14
C VAL F 19 -23.14 -7.87 -26.97
N ILE F 20 -22.97 -9.18 -26.73
CA ILE F 20 -24.06 -10.16 -26.85
C ILE F 20 -24.41 -10.62 -25.43
N GLY F 21 -25.66 -10.48 -25.00
CA GLY F 21 -25.97 -11.01 -23.63
C GLY F 21 -26.55 -12.42 -23.81
N LEU F 22 -26.07 -13.32 -22.96
CA LEU F 22 -26.47 -14.75 -23.01
C LEU F 22 -27.49 -14.98 -21.89
N THR F 23 -28.50 -15.79 -22.13
CA THR F 23 -29.57 -15.91 -21.14
C THR F 23 -29.12 -16.60 -19.83
N ARG F 24 -29.62 -16.07 -18.71
CA ARG F 24 -29.42 -16.76 -17.44
C ARG F 24 -30.36 -17.99 -17.36
N GLY F 25 -29.91 -19.15 -16.84
CA GLY F 25 -30.84 -20.30 -16.54
C GLY F 25 -30.28 -21.57 -17.13
N ALA F 26 -31.08 -22.60 -17.22
CA ALA F 26 -30.62 -23.89 -17.75
C ALA F 26 -30.30 -23.75 -19.24
N ASP F 27 -31.04 -22.89 -19.92
CA ASP F 27 -30.90 -22.60 -21.31
C ASP F 27 -29.82 -21.54 -21.56
N THR F 28 -28.94 -21.81 -22.53
CA THR F 28 -28.00 -20.76 -22.92
C THR F 28 -28.14 -20.31 -24.39
N ARG F 29 -28.58 -19.10 -24.62
CA ARG F 29 -28.65 -18.60 -25.98
C ARG F 29 -28.55 -17.10 -25.95
N PHE F 30 -28.39 -16.48 -27.11
CA PHE F 30 -28.24 -15.02 -27.22
C PHE F 30 -29.59 -14.40 -27.14
N HIS F 31 -29.81 -13.45 -26.24
CA HIS F 31 -31.14 -12.80 -26.24
C HIS F 31 -31.05 -11.41 -26.78
N HIS F 32 -29.84 -10.84 -26.84
CA HIS F 32 -29.79 -9.48 -27.32
C HIS F 32 -28.37 -9.24 -27.79
N SER F 33 -28.26 -8.52 -28.92
CA SER F 33 -26.96 -8.14 -29.40
C SER F 33 -26.91 -6.66 -29.56
N GLU F 34 -26.06 -5.98 -28.78
CA GLU F 34 -26.07 -4.54 -28.83
C GLU F 34 -24.92 -4.15 -29.77
N LYS F 35 -25.22 -3.38 -30.82
CA LYS F 35 -24.20 -3.03 -31.79
C LYS F 35 -23.55 -1.72 -31.42
N LEU F 36 -22.20 -1.68 -31.37
CA LEU F 36 -21.51 -0.46 -31.05
C LEU F 36 -20.64 0.01 -32.20
N ASP F 37 -20.67 1.29 -32.49
CA ASP F 37 -19.75 1.86 -33.45
C ASP F 37 -18.54 2.54 -32.80
N LYS F 38 -17.56 2.85 -33.63
CA LYS F 38 -16.26 3.17 -33.20
C LYS F 38 -16.34 4.31 -32.22
N GLY F 39 -15.71 4.15 -31.05
CA GLY F 39 -15.71 5.31 -30.15
C GLY F 39 -16.79 5.25 -29.07
N GLU F 40 -17.89 4.56 -29.29
CA GLU F 40 -18.97 4.43 -28.28
C GLU F 40 -18.60 3.52 -27.13
N VAL F 41 -19.15 3.81 -25.93
CA VAL F 41 -18.88 3.02 -24.74
C VAL F 41 -20.23 2.46 -24.25
N LEU F 42 -20.26 1.16 -23.96
CA LEU F 42 -21.38 0.53 -23.30
C LEU F 42 -20.91 0.07 -21.85
N ILE F 43 -21.69 0.36 -20.82
CA ILE F 43 -21.37 -0.06 -19.47
C ILE F 43 -22.58 -0.99 -19.13
N ALA F 44 -22.35 -2.28 -19.03
CA ALA F 44 -23.44 -3.24 -18.95
C ALA F 44 -23.31 -4.09 -17.72
N GLN F 45 -24.42 -4.27 -16.96
CA GLN F 45 -24.36 -5.14 -15.76
C GLN F 45 -24.63 -6.57 -16.14
N PHE F 46 -24.20 -7.48 -15.24
CA PHE F 46 -24.89 -8.79 -15.15
C PHE F 46 -26.24 -8.66 -14.44
N THR F 47 -27.21 -9.46 -14.86
CA THR F 47 -28.61 -9.19 -14.42
C THR F 47 -29.37 -10.49 -14.25
N GLU F 48 -30.65 -10.36 -13.85
CA GLU F 48 -31.58 -11.50 -13.79
CA GLU F 48 -31.56 -11.55 -13.78
C GLU F 48 -31.57 -12.21 -15.17
N HIS F 49 -31.54 -11.44 -16.24
CA HIS F 49 -31.65 -12.06 -17.62
C HIS F 49 -30.34 -12.35 -18.36
N THR F 50 -29.23 -11.72 -17.86
CA THR F 50 -27.91 -11.88 -18.55
C THR F 50 -26.86 -12.34 -17.56
N SER F 51 -26.37 -13.54 -17.76
CA SER F 51 -25.35 -14.13 -16.85
C SER F 51 -24.01 -14.40 -17.54
N ALA F 52 -23.96 -14.15 -18.84
CA ALA F 52 -22.62 -14.19 -19.49
C ALA F 52 -22.67 -13.12 -20.60
N ILE F 53 -21.56 -12.53 -21.00
CA ILE F 53 -21.62 -11.48 -22.02
C ILE F 53 -20.51 -11.82 -23.01
N LYS F 54 -20.80 -11.81 -24.34
CA LYS F 54 -19.74 -12.10 -25.30
C LYS F 54 -19.41 -10.82 -26.12
N VAL F 55 -18.14 -10.59 -26.43
CA VAL F 55 -17.89 -9.36 -27.22
C VAL F 55 -17.20 -9.83 -28.51
N ARG F 56 -17.78 -9.49 -29.69
CA ARG F 56 -17.23 -9.77 -30.98
C ARG F 56 -16.84 -8.45 -31.64
N GLY F 57 -15.68 -8.37 -32.19
CA GLY F 57 -15.17 -7.09 -32.78
C GLY F 57 -14.02 -6.55 -31.92
N LYS F 58 -13.32 -5.58 -32.48
CA LYS F 58 -12.21 -4.94 -31.75
C LYS F 58 -12.78 -3.97 -30.68
N ALA F 59 -12.42 -4.20 -29.41
CA ALA F 59 -12.92 -3.36 -28.28
C ALA F 59 -11.91 -3.36 -27.13
N TYR F 60 -12.00 -2.31 -26.33
CA TYR F 60 -11.18 -2.15 -25.14
C TYR F 60 -12.15 -2.41 -23.95
N ILE F 61 -11.78 -3.36 -23.09
CA ILE F 61 -12.80 -3.82 -22.07
C ILE F 61 -12.23 -3.64 -20.65
N GLN F 62 -13.00 -3.12 -19.70
CA GLN F 62 -12.59 -3.10 -18.28
C GLN F 62 -13.58 -3.90 -17.50
N THR F 63 -13.05 -4.67 -16.57
CA THR F 63 -13.89 -5.32 -15.59
C THR F 63 -13.13 -5.15 -14.28
N ARG F 64 -13.74 -5.66 -13.22
CA ARG F 64 -13.14 -5.64 -11.90
C ARG F 64 -11.79 -6.36 -12.00
N HIS F 65 -11.63 -7.35 -12.91
CA HIS F 65 -10.33 -8.07 -12.95
C HIS F 65 -9.33 -7.27 -13.84
N GLY F 66 -9.61 -6.13 -14.42
CA GLY F 66 -8.53 -5.36 -15.11
C GLY F 66 -8.97 -5.13 -16.55
N VAL F 67 -8.03 -4.75 -17.43
CA VAL F 67 -8.29 -4.48 -18.84
C VAL F 67 -8.13 -5.77 -19.67
N ILE F 68 -8.96 -5.97 -20.74
CA ILE F 68 -8.70 -7.03 -21.71
C ILE F 68 -9.18 -6.46 -23.05
N GLU F 69 -8.73 -6.98 -24.18
CA GLU F 69 -9.02 -6.43 -25.42
C GLU F 69 -9.52 -7.55 -26.33
N SER F 70 -10.72 -7.37 -26.85
CA SER F 70 -11.22 -8.27 -27.88
C SER F 70 -10.66 -7.86 -29.25
N GLU F 71 -10.41 -8.85 -30.09
CA GLU F 71 -9.90 -8.62 -31.44
C GLU F 71 -10.89 -9.24 -32.41
N GLY F 72 -11.16 -8.51 -33.50
CA GLY F 72 -12.19 -8.97 -34.48
C GLY F 72 -11.67 -10.04 -35.43
N LYS F 73 -12.61 -10.79 -36.06
CA LYS F 73 -12.19 -11.65 -37.16
C LYS F 73 -11.79 -10.79 -38.35
N SER G 5 -21.85 -12.04 -7.12
CA SER G 5 -21.45 -13.38 -7.60
C SER G 5 -20.29 -13.29 -8.63
N ASP G 6 -19.28 -14.17 -8.58
CA ASP G 6 -18.12 -13.90 -9.39
C ASP G 6 -18.21 -14.33 -10.81
N PHE G 7 -17.24 -13.90 -11.62
CA PHE G 7 -17.20 -14.22 -13.01
C PHE G 7 -15.78 -14.47 -13.49
N VAL G 8 -15.65 -14.98 -14.69
CA VAL G 8 -14.33 -15.26 -15.22
C VAL G 8 -14.30 -14.64 -16.63
N VAL G 9 -13.13 -14.14 -17.06
CA VAL G 9 -13.01 -13.52 -18.37
C VAL G 9 -12.20 -14.52 -19.16
N ILE G 10 -12.67 -14.84 -20.39
CA ILE G 10 -11.95 -15.75 -21.24
C ILE G 10 -11.77 -15.08 -22.61
N LYS G 11 -10.50 -14.88 -22.98
CA LYS G 11 -10.18 -14.46 -24.35
C LYS G 11 -9.59 -15.62 -25.14
N ALA G 12 -10.22 -15.97 -26.29
CA ALA G 12 -9.71 -17.06 -27.10
C ALA G 12 -8.42 -16.64 -27.80
N LEU G 13 -7.38 -17.48 -27.75
CA LEU G 13 -6.08 -17.13 -28.41
C LEU G 13 -5.92 -17.89 -29.76
N GLU G 14 -6.89 -18.77 -30.05
CA GLU G 14 -6.95 -19.42 -31.40
C GLU G 14 -8.44 -19.73 -31.64
N ASP G 15 -8.79 -20.17 -32.83
CA ASP G 15 -10.13 -20.66 -33.15
C ASP G 15 -10.60 -21.90 -32.36
N GLY G 16 -11.95 -22.05 -32.21
CA GLY G 16 -12.57 -23.28 -31.61
C GLY G 16 -12.32 -23.48 -30.12
N VAL G 17 -12.01 -22.45 -29.38
CA VAL G 17 -11.86 -22.63 -27.91
C VAL G 17 -13.29 -22.91 -27.35
N ASN G 18 -13.36 -23.77 -26.35
CA ASN G 18 -14.67 -24.09 -25.76
C ASN G 18 -14.75 -23.68 -24.30
N VAL G 19 -15.74 -22.87 -23.95
CA VAL G 19 -15.97 -22.54 -22.56
C VAL G 19 -17.19 -23.42 -22.14
N ILE G 20 -16.94 -24.36 -21.22
CA ILE G 20 -17.96 -25.43 -20.89
C ILE G 20 -18.56 -25.20 -19.51
N GLY G 21 -19.92 -25.06 -19.41
CA GLY G 21 -20.53 -25.02 -18.07
C GLY G 21 -20.78 -26.42 -17.50
N LEU G 22 -20.45 -26.61 -16.22
CA LEU G 22 -20.79 -27.90 -15.57
C LEU G 22 -21.95 -27.58 -14.63
N THR G 23 -22.91 -28.52 -14.58
CA THR G 23 -24.18 -28.28 -13.83
C THR G 23 -23.92 -28.19 -12.32
N ARG G 24 -24.57 -27.21 -11.70
CA ARG G 24 -24.63 -27.14 -10.24
C ARG G 24 -25.53 -28.27 -9.81
N GLY G 25 -25.26 -28.95 -8.69
CA GLY G 25 -26.28 -29.90 -8.20
C GLY G 25 -25.59 -31.19 -7.86
N ALA G 26 -26.40 -32.22 -7.54
CA ALA G 26 -25.82 -33.51 -7.17
C ALA G 26 -25.07 -34.18 -8.35
N ASP G 27 -25.61 -33.97 -9.55
CA ASP G 27 -25.13 -34.38 -10.85
CA ASP G 27 -25.00 -34.46 -10.83
C ASP G 27 -24.02 -33.42 -11.50
N THR G 28 -22.90 -33.91 -12.10
CA THR G 28 -22.00 -33.02 -12.78
C THR G 28 -21.84 -33.49 -14.20
N ARG G 29 -22.35 -32.72 -15.15
CA ARG G 29 -22.18 -33.00 -16.55
C ARG G 29 -22.12 -31.66 -17.26
N PHE G 30 -21.77 -31.66 -18.53
CA PHE G 30 -21.62 -30.46 -19.27
C PHE G 30 -22.73 -29.39 -19.38
N HIS G 31 -23.85 -29.66 -19.95
CA HIS G 31 -24.86 -28.51 -20.13
C HIS G 31 -24.67 -27.46 -21.19
N HIS G 32 -23.51 -26.85 -21.39
CA HIS G 32 -23.44 -25.93 -22.52
C HIS G 32 -21.96 -25.79 -22.89
N SER G 33 -21.63 -25.61 -24.17
CA SER G 33 -20.28 -25.40 -24.56
C SER G 33 -20.28 -24.20 -25.51
N GLU G 34 -19.67 -23.10 -25.12
CA GLU G 34 -19.73 -21.91 -25.92
C GLU G 34 -18.42 -21.89 -26.69
N LYS G 35 -18.54 -21.81 -28.01
CA LYS G 35 -17.38 -21.82 -28.86
C LYS G 35 -16.93 -20.37 -29.10
N LEU G 36 -15.66 -20.11 -28.85
CA LEU G 36 -15.03 -18.78 -29.09
C LEU G 36 -14.00 -18.94 -30.17
N ASP G 37 -14.06 -18.08 -31.16
CA ASP G 37 -13.03 -18.03 -32.15
C ASP G 37 -11.96 -16.98 -31.72
N LYS G 38 -10.90 -16.90 -32.50
CA LYS G 38 -9.75 -16.20 -32.06
C LYS G 38 -10.07 -14.73 -31.82
N GLY G 39 -9.72 -14.25 -30.64
CA GLY G 39 -9.87 -12.87 -30.38
C GLY G 39 -11.17 -12.55 -29.68
N GLU G 40 -12.16 -13.47 -29.66
CA GLU G 40 -13.38 -13.27 -28.97
C GLU G 40 -13.21 -13.36 -27.51
N VAL G 41 -14.03 -12.60 -26.76
CA VAL G 41 -14.00 -12.58 -25.29
C VAL G 41 -15.31 -12.98 -24.70
N LEU G 42 -15.34 -13.90 -23.75
CA LEU G 42 -16.59 -14.23 -23.08
C LEU G 42 -16.38 -13.86 -21.57
N ILE G 43 -17.35 -13.23 -20.96
CA ILE G 43 -17.24 -12.92 -19.50
C ILE G 43 -18.42 -13.62 -18.85
N ALA G 44 -18.12 -14.64 -18.05
CA ALA G 44 -19.20 -15.60 -17.66
C ALA G 44 -19.23 -15.74 -16.10
N GLN G 45 -20.41 -15.54 -15.51
CA GLN G 45 -20.64 -15.79 -14.13
C GLN G 45 -20.82 -17.27 -13.76
N PHE G 46 -20.54 -17.56 -12.48
CA PHE G 46 -21.13 -18.64 -11.75
C PHE G 46 -22.57 -18.35 -11.47
N THR G 47 -23.44 -19.40 -11.53
CA THR G 47 -24.88 -19.12 -11.55
C THR G 47 -25.65 -20.22 -10.84
N GLU G 48 -26.97 -20.03 -10.72
CA GLU G 48 -27.79 -21.09 -10.21
C GLU G 48 -27.53 -22.40 -11.01
N HIS G 49 -27.43 -22.31 -12.35
CA HIS G 49 -27.18 -23.53 -13.19
C HIS G 49 -25.74 -23.98 -13.33
N THR G 50 -24.75 -23.07 -13.20
CA THR G 50 -23.34 -23.44 -13.45
C THR G 50 -22.44 -23.25 -12.23
N SER G 51 -21.83 -24.31 -11.70
CA SER G 51 -20.99 -24.14 -10.50
C SER G 51 -19.50 -24.45 -10.77
N ALA G 52 -19.19 -24.86 -12.01
CA ALA G 52 -17.80 -25.09 -12.43
C ALA G 52 -17.76 -24.81 -13.94
N ILE G 53 -16.61 -24.32 -14.38
CA ILE G 53 -16.40 -23.95 -15.79
C ILE G 53 -15.06 -24.52 -16.27
N LYS G 54 -15.10 -25.18 -17.41
CA LYS G 54 -13.85 -25.75 -17.96
C LYS G 54 -13.48 -24.97 -19.19
N VAL G 55 -12.18 -24.71 -19.44
CA VAL G 55 -11.79 -24.11 -20.68
C VAL G 55 -10.89 -25.08 -21.43
N ARG G 56 -11.18 -25.32 -22.71
CA ARG G 56 -10.40 -26.24 -23.51
C ARG G 56 -9.93 -25.46 -24.74
N GLY G 57 -8.67 -25.59 -25.12
CA GLY G 57 -8.08 -24.77 -26.20
C GLY G 57 -7.29 -23.59 -25.61
N LYS G 58 -6.60 -22.86 -26.47
CA LYS G 58 -5.68 -21.81 -26.02
C LYS G 58 -6.40 -20.51 -25.71
N ALA G 59 -6.40 -20.11 -24.44
CA ALA G 59 -7.08 -18.90 -24.06
C ALA G 59 -6.36 -18.16 -22.88
N TYR G 60 -6.61 -16.85 -22.83
CA TYR G 60 -6.09 -16.01 -21.74
C TYR G 60 -7.29 -15.82 -20.75
N ILE G 61 -7.06 -16.15 -19.47
CA ILE G 61 -8.16 -16.20 -18.53
C ILE G 61 -7.93 -15.28 -17.34
N GLN G 62 -8.88 -14.49 -16.94
CA GLN G 62 -8.75 -13.69 -15.72
C GLN G 62 -9.84 -14.04 -14.76
N THR G 63 -9.41 -14.25 -13.51
CA THR G 63 -10.33 -14.40 -12.40
C THR G 63 -9.91 -13.48 -11.29
N ARG G 64 -10.72 -13.44 -10.26
CA ARG G 64 -10.33 -12.71 -9.05
C ARG G 64 -8.99 -13.21 -8.51
N HIS G 65 -8.55 -14.41 -8.87
CA HIS G 65 -7.21 -14.85 -8.32
C HIS G 65 -6.08 -14.52 -9.29
N GLY G 66 -6.33 -13.74 -10.33
CA GLY G 66 -5.24 -13.47 -11.22
C GLY G 66 -5.41 -14.04 -12.63
N VAL G 67 -4.30 -13.93 -13.42
CA VAL G 67 -4.28 -14.42 -14.82
C VAL G 67 -3.93 -15.90 -14.80
N ILE G 68 -4.54 -16.68 -15.71
CA ILE G 68 -4.04 -18.06 -15.99
C ILE G 68 -4.30 -18.33 -17.47
N GLU G 69 -3.59 -19.27 -18.09
CA GLU G 69 -3.66 -19.49 -19.52
C GLU G 69 -3.94 -20.99 -19.70
N SER G 70 -4.98 -21.31 -20.48
CA SER G 70 -5.19 -22.70 -20.89
C SER G 70 -4.44 -22.92 -22.21
N GLU G 71 -4.08 -24.18 -22.44
CA GLU G 71 -3.33 -24.61 -23.66
C GLU G 71 -4.04 -25.76 -24.30
N GLY G 72 -4.17 -25.70 -25.64
CA GLY G 72 -4.91 -26.73 -26.43
C GLY G 72 -4.11 -27.96 -26.62
N SER H 5 -19.94 -17.97 -3.04
CA SER H 5 -18.91 -18.91 -2.46
C SER H 5 -17.56 -18.72 -3.14
N ASP H 6 -16.55 -19.24 -2.49
CA ASP H 6 -15.19 -19.29 -2.98
C ASP H 6 -15.03 -20.33 -4.11
N PHE H 7 -14.05 -20.14 -4.97
CA PHE H 7 -13.81 -21.11 -6.04
C PHE H 7 -12.29 -21.39 -6.12
N VAL H 8 -11.86 -22.45 -6.82
CA VAL H 8 -10.46 -22.76 -6.93
C VAL H 8 -10.20 -22.82 -8.45
N VAL H 9 -9.04 -22.41 -8.90
CA VAL H 9 -8.67 -22.59 -10.29
C VAL H 9 -7.66 -23.73 -10.33
N ILE H 10 -7.82 -24.68 -11.24
CA ILE H 10 -6.88 -25.74 -11.38
C ILE H 10 -6.46 -25.88 -12.87
N LYS H 11 -5.15 -25.78 -13.14
CA LYS H 11 -4.64 -25.97 -14.53
C LYS H 11 -3.84 -27.25 -14.53
N ALA H 12 -4.28 -28.24 -15.36
CA ALA H 12 -3.58 -29.54 -15.49
C ALA H 12 -2.21 -29.25 -16.16
N LEU H 13 -1.12 -29.70 -15.53
CA LEU H 13 0.22 -29.60 -16.08
C LEU H 13 0.64 -30.92 -16.76
N GLU H 14 -0.19 -31.97 -16.71
CA GLU H 14 0.06 -33.28 -17.40
C GLU H 14 -1.33 -33.84 -17.63
N ASP H 15 -1.41 -34.89 -18.41
CA ASP H 15 -2.68 -35.58 -18.68
C ASP H 15 -3.24 -36.32 -17.48
N GLY H 16 -4.58 -36.50 -17.44
CA GLY H 16 -5.28 -37.36 -16.44
C GLY H 16 -5.23 -36.83 -14.99
N VAL H 17 -5.13 -35.51 -14.81
CA VAL H 17 -5.29 -34.86 -13.50
C VAL H 17 -6.77 -35.05 -13.07
N ASN H 18 -6.95 -35.34 -11.79
CA ASN H 18 -8.32 -35.53 -11.26
C ASN H 18 -8.63 -34.41 -10.28
N VAL H 19 -9.75 -33.73 -10.49
CA VAL H 19 -10.24 -32.77 -9.53
C VAL H 19 -11.48 -33.47 -8.93
N ILE H 20 -11.42 -33.81 -7.64
CA ILE H 20 -12.43 -34.69 -7.03
C ILE H 20 -13.25 -33.86 -5.99
N GLY H 21 -14.59 -33.90 -6.09
CA GLY H 21 -15.42 -33.24 -5.11
C GLY H 21 -15.84 -34.22 -4.02
N LEU H 22 -15.72 -33.79 -2.75
CA LEU H 22 -16.13 -34.58 -1.57
C LEU H 22 -17.50 -34.03 -1.13
N THR H 23 -18.42 -34.93 -0.79
CA THR H 23 -19.74 -34.52 -0.42
C THR H 23 -19.80 -33.66 0.83
N ARG H 24 -20.65 -32.64 0.77
CA ARG H 24 -21.03 -31.84 1.95
C ARG H 24 -21.92 -32.68 2.82
N GLY H 25 -21.82 -32.55 4.14
CA GLY H 25 -22.79 -33.38 4.97
C GLY H 25 -22.07 -34.18 6.02
N ALA H 26 -22.87 -34.90 6.81
CA ALA H 26 -22.42 -35.82 7.82
C ALA H 26 -21.47 -36.84 7.20
N ASP H 27 -21.71 -37.29 5.96
CA ASP H 27 -20.89 -38.29 5.35
C ASP H 27 -19.88 -37.66 4.41
N THR H 28 -18.67 -38.26 4.35
CA THR H 28 -17.70 -37.73 3.41
C THR H 28 -17.22 -38.78 2.39
N ARG H 29 -17.53 -38.58 1.14
CA ARG H 29 -17.14 -39.53 0.09
C ARG H 29 -16.97 -38.74 -1.18
N PHE H 30 -16.37 -39.38 -2.20
CA PHE H 30 -16.20 -38.71 -3.50
C PHE H 30 -17.52 -38.76 -4.24
N HIS H 31 -18.04 -37.66 -4.76
CA HIS H 31 -19.28 -37.76 -5.60
C HIS H 31 -18.91 -37.55 -7.05
N HIS H 32 -17.73 -36.98 -7.36
CA HIS H 32 -17.47 -36.63 -8.76
C HIS H 32 -15.97 -36.47 -8.98
N SER H 33 -15.45 -36.97 -10.10
CA SER H 33 -14.02 -36.88 -10.40
C SER H 33 -13.88 -36.30 -11.78
N GLU H 34 -13.26 -35.15 -11.90
CA GLU H 34 -13.24 -34.48 -13.20
C GLU H 34 -11.83 -34.60 -13.68
N LYS H 35 -11.70 -35.21 -14.85
CA LYS H 35 -10.39 -35.48 -15.40
C LYS H 35 -10.04 -34.32 -16.35
N LEU H 36 -8.85 -33.76 -16.16
CA LEU H 36 -8.31 -32.69 -16.97
C LEU H 36 -7.11 -33.18 -17.70
N ASP H 37 -7.12 -32.95 -18.99
CA ASP H 37 -5.89 -33.24 -19.75
C ASP H 37 -4.98 -32.00 -19.73
N LYS H 38 -3.74 -32.21 -20.13
CA LYS H 38 -2.66 -31.26 -20.01
C LYS H 38 -3.08 -29.94 -20.57
N GLY H 39 -3.03 -28.87 -19.76
CA GLY H 39 -3.32 -27.60 -20.38
C GLY H 39 -4.73 -27.10 -20.18
N GLU H 40 -5.68 -28.00 -19.86
CA GLU H 40 -7.03 -27.61 -19.50
C GLU H 40 -7.12 -26.92 -18.16
N VAL H 41 -8.13 -26.10 -18.03
CA VAL H 41 -8.34 -25.34 -16.78
C VAL H 41 -9.76 -25.59 -16.28
N LEU H 42 -9.87 -25.85 -14.98
CA LEU H 42 -11.16 -26.05 -14.35
C LEU H 42 -11.28 -24.93 -13.28
N ILE H 43 -12.36 -24.17 -13.33
CA ILE H 43 -12.63 -23.20 -12.30
C ILE H 43 -13.87 -23.69 -11.49
N ALA H 44 -13.71 -24.05 -10.23
CA ALA H 44 -14.76 -24.93 -9.57
C ALA H 44 -15.09 -24.33 -8.22
N GLN H 45 -16.37 -24.15 -7.93
CA GLN H 45 -16.82 -23.59 -6.66
C GLN H 45 -16.93 -24.64 -5.61
N PHE H 46 -16.97 -24.15 -4.37
CA PHE H 46 -17.62 -24.89 -3.26
C PHE H 46 -19.11 -24.67 -3.37
N THR H 47 -19.92 -25.66 -3.04
CA THR H 47 -21.30 -25.59 -3.42
C THR H 47 -22.12 -26.36 -2.35
N GLU H 48 -23.43 -26.38 -2.57
CA GLU H 48 -24.33 -27.16 -1.68
C GLU H 48 -23.85 -28.65 -1.62
N HIS H 49 -23.34 -29.19 -2.75
CA HIS H 49 -22.93 -30.60 -2.76
C HIS H 49 -21.46 -30.87 -2.48
N THR H 50 -20.62 -29.82 -2.54
CA THR H 50 -19.18 -30.03 -2.52
C THR H 50 -18.54 -29.11 -1.48
N SER H 51 -18.04 -29.70 -0.39
CA SER H 51 -17.44 -28.83 0.66
C SER H 51 -15.94 -29.06 0.85
N ALA H 52 -15.36 -29.94 0.04
CA ALA H 52 -13.90 -30.14 0.02
C ALA H 52 -13.58 -30.64 -1.42
N ILE H 53 -12.37 -30.31 -1.92
CA ILE H 53 -11.95 -30.62 -3.27
C ILE H 53 -10.53 -31.19 -3.19
N LYS H 54 -10.31 -32.33 -3.86
CA LYS H 54 -8.98 -32.93 -3.77
C LYS H 54 -8.37 -32.95 -5.18
N VAL H 55 -7.07 -32.58 -5.33
CA VAL H 55 -6.44 -32.59 -6.63
C VAL H 55 -5.37 -33.66 -6.62
N ARG H 56 -5.40 -34.59 -7.60
CA ARG H 56 -4.46 -35.68 -7.78
C ARG H 56 -3.87 -35.48 -9.17
N GLY H 57 -2.55 -35.50 -9.28
CA GLY H 57 -1.83 -35.30 -10.55
C GLY H 57 -1.15 -33.93 -10.55
N LYS H 58 -0.24 -33.70 -11.49
CA LYS H 58 0.49 -32.40 -11.54
C LYS H 58 -0.38 -31.25 -12.04
N ALA H 59 -0.61 -30.25 -11.16
CA ALA H 59 -1.42 -29.13 -11.53
C ALA H 59 -0.97 -27.85 -10.84
N TYR H 60 -1.29 -26.72 -11.46
CA TYR H 60 -1.05 -25.40 -10.89
C TYR H 60 -2.41 -24.95 -10.38
N ILE H 61 -2.46 -24.57 -9.11
CA ILE H 61 -3.73 -24.20 -8.43
C ILE H 61 -3.75 -22.83 -7.84
N GLN H 62 -4.76 -22.05 -8.09
CA GLN H 62 -4.94 -20.81 -7.41
C GLN H 62 -6.17 -20.86 -6.53
N THR H 63 -5.97 -20.35 -5.31
CA THR H 63 -7.10 -20.07 -4.41
C THR H 63 -6.97 -18.69 -3.86
N ARG H 64 -8.00 -18.20 -3.21
CA ARG H 64 -7.88 -16.87 -2.47
C ARG H 64 -6.56 -16.80 -1.63
N HIS H 65 -6.06 -17.98 -1.21
CA HIS H 65 -4.86 -17.97 -0.36
C HIS H 65 -3.57 -17.91 -1.15
N GLY H 66 -3.60 -17.91 -2.50
CA GLY H 66 -2.40 -17.75 -3.34
C GLY H 66 -2.18 -19.05 -4.13
N VAL H 67 -0.98 -19.17 -4.66
CA VAL H 67 -0.65 -20.33 -5.49
C VAL H 67 -0.26 -21.59 -4.66
N ILE H 68 -0.59 -22.81 -5.13
CA ILE H 68 0.01 -24.02 -4.61
C ILE H 68 0.10 -25.07 -5.76
N GLU H 69 1.00 -26.04 -5.70
CA GLU H 69 1.14 -26.96 -6.85
C GLU H 69 0.99 -28.34 -6.34
N SER H 70 0.09 -29.10 -7.00
CA SER H 70 0.00 -30.53 -6.68
C SER H 70 0.97 -31.24 -7.58
N GLU H 71 1.51 -32.35 -7.15
CA GLU H 71 2.46 -33.06 -7.97
C GLU H 71 1.98 -34.49 -8.19
N GLY H 72 2.30 -35.08 -9.35
CA GLY H 72 1.94 -36.50 -9.69
C GLY H 72 2.41 -37.41 -8.62
N SER I 5 -17.96 -19.16 3.59
CA SER I 5 -17.29 -19.89 4.73
C SER I 5 -15.76 -20.15 4.41
N ASP I 6 -14.90 -20.04 5.42
CA ASP I 6 -13.42 -20.20 5.26
C ASP I 6 -13.00 -21.60 4.89
N PHE I 7 -11.84 -21.74 4.26
CA PHE I 7 -11.28 -23.02 3.94
C PHE I 7 -9.76 -23.05 4.19
N VAL I 8 -9.18 -24.26 4.20
CA VAL I 8 -7.80 -24.44 4.49
C VAL I 8 -7.32 -25.25 3.32
N VAL I 9 -6.06 -25.02 2.87
CA VAL I 9 -5.48 -25.79 1.76
C VAL I 9 -4.42 -26.63 2.41
N ILE I 10 -4.33 -27.94 2.09
CA ILE I 10 -3.30 -28.79 2.66
C ILE I 10 -2.61 -29.55 1.49
N LYS I 11 -1.30 -29.42 1.34
CA LYS I 11 -0.54 -30.18 0.37
C LYS I 11 0.28 -31.18 1.18
N ALA I 12 0.06 -32.50 0.94
CA ALA I 12 0.83 -33.55 1.57
C ALA I 12 2.30 -33.54 1.12
N LEU I 13 3.24 -33.48 2.06
CA LEU I 13 4.70 -33.40 1.70
C LEU I 13 5.34 -34.78 1.87
N GLU I 14 4.57 -35.73 2.36
CA GLU I 14 4.97 -37.15 2.46
C GLU I 14 3.64 -37.94 2.41
N ASP I 15 3.78 -39.24 2.23
CA ASP I 15 2.64 -40.21 2.20
C ASP I 15 1.93 -40.30 3.52
N GLY I 16 0.62 -40.60 3.50
CA GLY I 16 -0.18 -41.01 4.69
C GLY I 16 -0.55 -39.80 5.57
N VAL I 17 -0.54 -38.57 5.04
CA VAL I 17 -0.92 -37.44 5.84
C VAL I 17 -2.41 -37.56 6.09
N ASN I 18 -2.86 -37.20 7.27
CA ASN I 18 -4.29 -37.36 7.63
C ASN I 18 -4.86 -35.98 7.88
N VAL I 19 -5.91 -35.64 7.14
CA VAL I 19 -6.67 -34.41 7.43
C VAL I 19 -8.02 -34.84 8.09
N ILE I 20 -8.21 -34.42 9.35
CA ILE I 20 -9.21 -35.07 10.24
C ILE I 20 -10.25 -33.96 10.55
N GLY I 21 -11.53 -34.24 10.24
CA GLY I 21 -12.59 -33.31 10.58
C GLY I 21 -13.12 -33.54 12.01
N LEU I 22 -13.26 -32.44 12.80
CA LEU I 22 -13.81 -32.63 14.17
C LEU I 22 -15.23 -32.14 14.15
N THR I 23 -16.14 -32.84 14.85
CA THR I 23 -17.55 -32.51 14.75
C THR I 23 -17.90 -31.11 15.36
N ARG I 24 -18.78 -30.39 14.63
CA ARG I 24 -19.41 -29.21 15.18
C ARG I 24 -20.40 -29.63 16.29
N GLY I 25 -20.56 -28.83 17.35
CA GLY I 25 -21.63 -29.15 18.31
C GLY I 25 -21.09 -29.33 19.73
N ALA I 26 -21.96 -29.82 20.58
CA ALA I 26 -21.64 -30.07 22.02
C ALA I 26 -20.63 -31.17 22.13
N ASP I 27 -20.66 -32.09 21.18
CA ASP I 27 -19.76 -33.16 21.16
C ASP I 27 -18.54 -32.90 20.26
N THR I 28 -17.35 -33.28 20.69
CA THR I 28 -16.20 -33.19 19.85
C THR I 28 -15.51 -34.52 19.60
N ARG I 29 -15.49 -34.98 18.37
CA ARG I 29 -14.85 -36.25 18.07
C ARG I 29 -14.49 -36.16 16.64
N PHE I 30 -13.65 -37.05 16.13
CA PHE I 30 -13.27 -37.12 14.73
C PHE I 30 -14.39 -37.80 13.88
N HIS I 31 -14.95 -37.17 12.86
CA HIS I 31 -16.03 -37.92 12.08
C HIS I 31 -15.42 -38.41 10.77
N HIS I 32 -14.23 -37.89 10.38
CA HIS I 32 -13.66 -38.30 9.11
C HIS I 32 -12.20 -38.06 9.09
N SER I 33 -11.43 -38.98 8.52
CA SER I 33 -10.03 -38.69 8.29
C SER I 33 -9.64 -38.99 6.83
N GLU I 34 -9.20 -37.95 6.11
CA GLU I 34 -8.88 -38.06 4.69
C GLU I 34 -7.40 -38.25 4.60
N LYS I 35 -7.01 -39.32 3.94
CA LYS I 35 -5.64 -39.63 3.77
C LYS I 35 -5.14 -39.04 2.46
N LEU I 36 -3.99 -38.32 2.52
CA LEU I 36 -3.36 -37.74 1.36
C LEU I 36 -2.04 -38.36 1.08
N ASP I 37 -1.78 -38.77 -0.14
CA ASP I 37 -0.42 -39.18 -0.35
C ASP I 37 0.40 -37.99 -0.89
N LYS I 38 1.70 -38.18 -0.96
CA LYS I 38 2.68 -37.17 -1.27
C LYS I 38 2.29 -36.40 -2.54
N GLY I 39 2.15 -35.08 -2.40
CA GLY I 39 1.93 -34.22 -3.56
C GLY I 39 0.46 -33.98 -3.88
N GLU I 40 -0.44 -34.73 -3.20
CA GLU I 40 -1.84 -34.47 -3.24
C GLU I 40 -2.24 -33.21 -2.50
N VAL I 41 -3.25 -32.48 -3.00
CA VAL I 41 -3.75 -31.26 -2.31
C VAL I 41 -5.22 -31.45 -1.94
N LEU I 42 -5.58 -31.01 -0.75
CA LEU I 42 -6.97 -31.03 -0.32
C LEU I 42 -7.33 -29.61 0.08
N ILE I 43 -8.43 -29.13 -0.45
CA ILE I 43 -8.87 -27.80 -0.05
C ILE I 43 -10.23 -28.05 0.67
N ALA I 44 -10.32 -27.65 1.92
CA ALA I 44 -11.38 -28.15 2.80
C ALA I 44 -12.02 -26.99 3.57
N GLN I 45 -13.37 -26.91 3.49
CA GLN I 45 -14.09 -25.84 4.18
C GLN I 45 -14.42 -26.19 5.63
N PHE I 46 -14.63 -25.17 6.45
CA PHE I 46 -15.49 -25.31 7.63
C PHE I 46 -16.93 -25.42 7.22
N THR I 47 -17.68 -26.23 7.95
CA THR I 47 -19.03 -26.52 7.45
C THR I 47 -20.02 -26.69 8.61
N GLU I 48 -21.29 -26.94 8.29
CA GLU I 48 -22.25 -27.39 9.30
C GLU I 48 -21.69 -28.56 10.20
N HIS I 49 -20.97 -29.52 9.61
CA HIS I 49 -20.54 -30.68 10.38
C HIS I 49 -19.08 -30.61 10.88
N THR I 50 -18.27 -29.67 10.38
CA THR I 50 -16.87 -29.71 10.71
C THR I 50 -16.45 -28.31 11.24
N SER I 51 -16.07 -28.19 12.51
CA SER I 51 -15.83 -26.82 13.06
C SER I 51 -14.37 -26.67 13.57
N ALA I 52 -13.59 -27.70 13.39
CA ALA I 52 -12.17 -27.68 13.68
C ALA I 52 -11.50 -28.75 12.77
N ILE I 53 -10.27 -28.52 12.28
CA ILE I 53 -9.62 -29.54 11.45
C ILE I 53 -8.25 -29.82 12.01
N LYS I 54 -7.80 -31.05 11.97
CA LYS I 54 -6.49 -31.39 12.48
C LYS I 54 -5.68 -32.05 11.38
N VAL I 55 -4.40 -31.67 11.27
CA VAL I 55 -3.56 -32.26 10.23
C VAL I 55 -2.47 -32.98 10.95
N ARG I 56 -2.22 -34.23 10.58
CA ARG I 56 -1.18 -34.99 11.18
C ARG I 56 -0.35 -35.55 10.04
N GLY I 57 0.98 -35.60 10.20
CA GLY I 57 1.87 -35.87 9.07
C GLY I 57 2.49 -34.60 8.46
N LYS I 58 3.54 -34.78 7.62
CA LYS I 58 4.30 -33.60 7.09
C LYS I 58 3.45 -32.92 5.97
N ALA I 59 3.01 -31.70 6.18
CA ALA I 59 2.25 -31.01 5.14
C ALA I 59 2.52 -29.49 5.12
N TYR I 60 2.24 -28.90 3.97
CA TYR I 60 2.28 -27.41 3.75
C TYR I 60 0.86 -26.92 3.74
N ILE I 61 0.57 -26.00 4.63
CA ILE I 61 -0.81 -25.53 4.89
C ILE I 61 -1.02 -24.00 4.65
N GLN I 62 -2.04 -23.64 3.92
CA GLN I 62 -2.39 -22.22 3.76
C GLN I 62 -3.73 -21.94 4.33
N THR I 63 -3.78 -20.85 5.09
CA THR I 63 -5.08 -20.37 5.50
C THR I 63 -5.14 -18.89 5.27
N ARG I 64 -6.25 -18.30 5.63
CA ARG I 64 -6.37 -16.85 5.63
C ARG I 64 -5.21 -16.17 6.44
N HIS I 65 -4.67 -16.89 7.44
CA HIS I 65 -3.64 -16.24 8.29
C HIS I 65 -2.28 -16.49 7.79
N GLY I 66 -2.11 -17.26 6.73
CA GLY I 66 -0.81 -17.31 6.07
C GLY I 66 -0.46 -18.79 6.03
N VAL I 67 0.81 -19.04 5.88
CA VAL I 67 1.33 -20.36 5.66
C VAL I 67 1.74 -20.99 7.04
N ILE I 68 1.51 -22.28 7.24
CA ILE I 68 2.10 -22.93 8.39
C ILE I 68 2.43 -24.38 7.92
N GLU I 69 3.36 -25.06 8.62
CA GLU I 69 3.75 -26.42 8.18
C GLU I 69 3.55 -27.39 9.34
N SER I 70 2.87 -28.50 9.08
CA SER I 70 2.78 -29.51 10.09
C SER I 70 3.96 -30.47 9.85
N GLU I 71 4.40 -31.12 10.92
CA GLU I 71 5.44 -32.15 10.82
C GLU I 71 4.96 -33.47 11.35
N GLY I 72 5.45 -34.54 10.74
CA GLY I 72 5.17 -35.94 11.18
C GLY I 72 5.82 -36.29 12.51
N SER J 5 -17.35 -17.23 10.57
CA SER J 5 -16.91 -17.10 11.98
C SER J 5 -15.40 -17.30 11.99
N ASP J 6 -14.70 -16.63 12.89
CA ASP J 6 -13.24 -16.64 12.84
C ASP J 6 -12.62 -17.89 13.41
N PHE J 7 -11.35 -18.18 13.08
CA PHE J 7 -10.60 -19.33 13.59
C PHE J 7 -9.16 -18.99 14.04
N VAL J 8 -8.57 -19.93 14.77
CA VAL J 8 -7.26 -19.85 15.33
C VAL J 8 -6.48 -21.03 14.74
N VAL J 9 -5.19 -20.86 14.44
CA VAL J 9 -4.37 -21.96 13.98
C VAL J 9 -3.44 -22.22 15.15
N ILE J 10 -3.29 -23.49 15.55
CA ILE J 10 -2.33 -23.81 16.55
C ILE J 10 -1.41 -24.88 16.05
N LYS J 11 -0.08 -24.62 16.13
CA LYS J 11 0.88 -25.65 15.82
C LYS J 11 1.60 -26.06 17.08
N ALA J 12 1.49 -27.34 17.52
CA ALA J 12 2.27 -27.83 18.70
C ALA J 12 3.79 -27.89 18.42
N LEU J 13 4.55 -27.25 19.29
CA LEU J 13 6.03 -27.16 19.23
C LEU J 13 6.66 -28.22 20.16
N GLU J 14 5.81 -28.90 20.96
CA GLU J 14 6.23 -29.99 21.80
C GLU J 14 4.99 -30.94 21.98
N ASP J 15 5.26 -32.11 22.53
CA ASP J 15 4.21 -33.10 22.81
C ASP J 15 3.31 -32.60 23.90
N GLY J 16 2.06 -33.06 23.95
CA GLY J 16 1.20 -32.77 25.11
C GLY J 16 0.49 -31.39 25.16
N VAL J 17 0.48 -30.67 24.01
CA VAL J 17 -0.14 -29.34 24.01
C VAL J 17 -1.66 -29.54 24.16
N ASN J 18 -2.35 -28.68 24.93
CA ASN J 18 -3.80 -28.78 25.05
C ASN J 18 -4.47 -27.57 24.43
N VAL J 19 -5.41 -27.80 23.54
CA VAL J 19 -6.25 -26.71 23.02
C VAL J 19 -7.64 -26.94 23.66
N ILE J 20 -8.07 -25.99 24.51
CA ILE J 20 -9.22 -26.20 25.40
C ILE J 20 -10.35 -25.24 24.99
N GLY J 21 -11.56 -25.76 24.76
CA GLY J 21 -12.66 -24.92 24.47
C GLY J 21 -13.53 -24.59 25.66
N LEU J 22 -13.93 -23.30 25.70
CA LEU J 22 -14.72 -22.76 26.81
C LEU J 22 -16.14 -22.48 26.35
N THR J 23 -17.11 -22.86 27.21
CA THR J 23 -18.52 -22.77 26.81
C THR J 23 -19.02 -21.34 26.58
N ARG J 24 -19.72 -21.19 25.45
CA ARG J 24 -20.52 -20.01 25.24
C ARG J 24 -21.65 -20.01 26.23
N GLY J 25 -22.08 -18.83 26.67
CA GLY J 25 -23.29 -18.83 27.44
C GLY J 25 -23.07 -18.17 28.82
N ALA J 26 -24.10 -18.25 29.67
CA ALA J 26 -24.03 -17.55 30.92
C ALA J 26 -22.93 -18.11 31.79
N ASP J 27 -22.63 -19.38 31.64
CA ASP J 27 -21.66 -20.03 32.48
C ASP J 27 -20.37 -20.33 31.68
N THR J 28 -19.23 -20.36 32.37
CA THR J 28 -17.96 -20.65 31.70
C THR J 28 -17.20 -21.85 32.27
N ARG J 29 -17.04 -22.91 31.47
CA ARG J 29 -16.24 -24.09 31.90
C ARG J 29 -15.65 -24.71 30.66
N PHE J 30 -14.76 -25.70 30.82
CA PHE J 30 -14.04 -26.31 29.71
C PHE J 30 -14.93 -27.38 29.22
N HIS J 31 -15.19 -27.56 27.92
CA HIS J 31 -16.10 -28.72 27.53
C HIS J 31 -15.23 -29.68 26.70
N HIS J 32 -14.05 -29.25 26.26
CA HIS J 32 -13.24 -30.19 25.49
C HIS J 32 -11.82 -29.75 25.56
N SER J 33 -10.92 -30.71 25.60
CA SER J 33 -9.51 -30.40 25.52
C SER J 33 -8.97 -31.35 24.46
N GLU J 34 -8.43 -30.78 23.37
CA GLU J 34 -7.84 -31.56 22.32
C GLU J 34 -6.33 -31.60 22.57
N LYS J 35 -5.75 -32.77 22.71
CA LYS J 35 -4.27 -32.95 22.84
C LYS J 35 -3.55 -32.95 21.49
N LEU J 36 -2.51 -32.07 21.34
CA LEU J 36 -1.68 -32.05 20.13
C LEU J 36 -0.27 -32.50 20.39
N ASP J 37 0.22 -33.47 19.61
CA ASP J 37 1.61 -33.84 19.75
C ASP J 37 2.48 -33.00 18.76
N LYS J 38 3.80 -33.10 18.89
CA LYS J 38 4.73 -32.17 18.34
C LYS J 38 4.53 -32.12 16.86
N GLY J 39 4.31 -30.94 16.27
CA GLY J 39 4.23 -30.84 14.81
C GLY J 39 2.82 -30.91 14.25
N GLU J 40 1.83 -31.38 15.04
CA GLU J 40 0.42 -31.42 14.64
C GLU J 40 -0.13 -30.02 14.69
N VAL J 41 -1.05 -29.75 13.78
CA VAL J 41 -1.67 -28.47 13.66
C VAL J 41 -3.20 -28.68 13.84
N LEU J 42 -3.80 -27.82 14.63
CA LEU J 42 -5.24 -27.71 14.75
C LEU J 42 -5.71 -26.34 14.30
N ILE J 43 -6.76 -26.32 13.48
CA ILE J 43 -7.39 -25.08 13.05
C ILE J 43 -8.81 -25.12 13.60
N ALA J 44 -9.16 -24.15 14.45
CA ALA J 44 -10.36 -24.29 15.30
C ALA J 44 -11.15 -22.99 15.27
N GLN J 45 -12.45 -23.09 14.94
CA GLN J 45 -13.29 -21.95 14.94
C GLN J 45 -13.85 -21.64 16.29
N PHE J 46 -14.32 -20.39 16.47
CA PHE J 46 -15.34 -20.05 17.41
C PHE J 46 -16.66 -20.58 16.91
N THR J 47 -17.55 -21.02 17.81
CA THR J 47 -18.73 -21.72 17.39
C THR J 47 -19.87 -21.43 18.34
N GLU J 48 -21.00 -22.11 18.07
CA GLU J 48 -22.15 -21.97 18.95
C GLU J 48 -21.77 -22.40 20.36
N HIS J 49 -20.94 -23.43 20.46
CA HIS J 49 -20.58 -23.99 21.80
C HIS J 49 -19.27 -23.48 22.40
N THR J 50 -18.44 -22.82 21.60
CA THR J 50 -17.10 -22.40 22.04
C THR J 50 -16.91 -20.88 21.75
N SER J 51 -16.90 -20.05 22.79
CA SER J 51 -16.72 -18.60 22.62
C SER J 51 -15.31 -18.16 23.18
N ALA J 52 -14.49 -19.09 23.68
CA ALA J 52 -13.12 -18.72 24.15
C ALA J 52 -12.26 -19.99 24.06
N ILE J 53 -10.98 -19.83 23.79
CA ILE J 53 -10.09 -20.94 23.52
C ILE J 53 -8.87 -20.71 24.34
N LYS J 54 -8.44 -21.69 25.12
CA LYS J 54 -7.21 -21.56 25.91
C LYS J 54 -6.15 -22.50 25.35
N VAL J 55 -4.87 -22.04 25.23
CA VAL J 55 -3.82 -22.95 24.76
C VAL J 55 -2.80 -23.15 25.90
N ARG J 56 -2.46 -24.41 26.24
CA ARG J 56 -1.49 -24.71 27.32
C ARG J 56 -0.42 -25.58 26.72
N GLY J 57 0.86 -25.27 26.96
CA GLY J 57 1.93 -25.95 26.30
C GLY J 57 2.54 -25.05 25.19
N LYS J 58 3.68 -25.46 24.65
CA LYS J 58 4.44 -24.64 23.73
C LYS J 58 3.87 -24.80 22.30
N ALA J 59 3.37 -23.71 21.74
CA ALA J 59 2.80 -23.76 20.40
C ALA J 59 2.94 -22.42 19.68
N TYR J 60 2.89 -22.49 18.33
CA TYR J 60 2.94 -21.31 17.51
C TYR J 60 1.46 -21.07 17.11
N ILE J 61 0.99 -19.88 17.42
CA ILE J 61 -0.44 -19.57 17.18
C ILE J 61 -0.64 -18.46 16.09
N GLN J 62 -1.60 -18.59 15.21
CA GLN J 62 -1.93 -17.49 14.30
C GLN J 62 -3.38 -17.14 14.44
N THR J 63 -3.65 -15.83 14.48
CA THR J 63 -5.02 -15.42 14.40
C THR J 63 -5.07 -14.31 13.40
N ARG J 64 -6.26 -13.75 13.24
CA ARG J 64 -6.38 -12.54 12.45
C ARG J 64 -5.50 -11.36 12.93
N HIS J 65 -5.15 -11.38 14.22
CA HIS J 65 -4.33 -10.28 14.83
C HIS J 65 -2.88 -10.61 14.80
N GLY J 66 -2.43 -11.75 14.27
CA GLY J 66 -1.03 -11.99 13.87
C GLY J 66 -0.57 -13.19 14.69
N VAL J 67 0.73 -13.28 14.92
CA VAL J 67 1.29 -14.51 15.46
C VAL J 67 1.43 -14.26 16.97
N ILE J 68 1.26 -15.30 17.77
CA ILE J 68 1.66 -15.22 19.15
C ILE J 68 2.16 -16.64 19.56
N GLU J 69 2.96 -16.73 20.61
CA GLU J 69 3.47 -18.02 21.01
C GLU J 69 3.13 -18.32 22.49
N SER J 70 2.55 -19.50 22.71
CA SER J 70 2.38 -19.97 24.08
C SER J 70 3.61 -20.71 24.48
N GLU J 71 3.91 -20.80 25.79
CA GLU J 71 5.09 -21.60 26.27
C GLU J 71 4.82 -22.74 27.21
N SER K 5 -18.22 -11.85 15.74
CA SER K 5 -17.79 -11.06 16.88
C SER K 5 -16.30 -10.98 17.00
N ASP K 6 -15.85 -9.82 17.41
CA ASP K 6 -14.42 -9.54 17.71
C ASP K 6 -13.94 -10.41 18.87
N PHE K 7 -12.61 -10.59 18.97
CA PHE K 7 -12.01 -11.40 20.02
C PHE K 7 -10.70 -10.69 20.40
N VAL K 8 -10.18 -11.09 21.56
CA VAL K 8 -8.92 -10.51 22.08
C VAL K 8 -7.98 -11.64 22.42
N VAL K 9 -6.67 -11.47 22.19
CA VAL K 9 -5.72 -12.48 22.51
C VAL K 9 -4.99 -11.99 23.75
N ILE K 10 -4.91 -12.84 24.78
CA ILE K 10 -4.19 -12.45 25.95
C ILE K 10 -3.17 -13.48 26.24
N LYS K 11 -1.90 -13.07 26.32
CA LYS K 11 -0.85 -13.99 26.68
C LYS K 11 -0.33 -13.51 28.00
N ALA K 12 -0.36 -14.42 29.00
CA ALA K 12 0.10 -14.10 30.36
C ALA K 12 1.65 -14.19 30.41
N LEU K 13 2.27 -13.11 30.89
CA LEU K 13 3.72 -12.98 31.01
C LEU K 13 4.15 -13.24 32.46
N GLU K 14 3.21 -13.58 33.37
CA GLU K 14 3.56 -13.99 34.73
C GLU K 14 2.41 -14.88 35.19
N ASP K 15 2.59 -15.61 36.28
CA ASP K 15 1.47 -16.38 36.83
C ASP K 15 0.37 -15.50 37.42
N GLY K 16 -0.83 -16.07 37.55
CA GLY K 16 -1.97 -15.41 38.23
C GLY K 16 -2.67 -14.32 37.44
N VAL K 17 -2.43 -14.17 36.15
CA VAL K 17 -3.13 -13.14 35.39
C VAL K 17 -4.65 -13.49 35.35
N ASN K 18 -5.45 -12.47 35.49
CA ASN K 18 -6.85 -12.62 35.40
C ASN K 18 -7.48 -11.98 34.23
N VAL K 19 -8.23 -12.77 33.48
CA VAL K 19 -9.04 -12.21 32.38
C VAL K 19 -10.48 -12.24 32.80
N ILE K 20 -11.10 -11.09 32.93
CA ILE K 20 -12.39 -10.95 33.68
C ILE K 20 -13.50 -10.53 32.71
N GLY K 21 -14.62 -11.30 32.70
CA GLY K 21 -15.69 -10.96 31.79
C GLY K 21 -16.75 -10.15 32.50
N LEU K 22 -17.20 -9.09 31.85
CA LEU K 22 -18.17 -8.22 32.56
C LEU K 22 -19.52 -8.49 31.88
N THR K 23 -20.59 -8.48 32.69
CA THR K 23 -21.91 -8.85 32.14
C THR K 23 -22.44 -7.86 31.07
N ARG K 24 -22.99 -8.40 29.99
CA ARG K 24 -23.77 -7.53 29.06
C ARG K 24 -25.10 -7.05 29.64
N GLY K 25 -25.55 -5.85 29.36
CA GLY K 25 -26.88 -5.51 29.86
C GLY K 25 -26.91 -4.24 30.70
N ALA K 26 -28.04 -3.98 31.37
CA ALA K 26 -28.20 -2.79 32.21
C ALA K 26 -27.30 -2.93 33.45
N ASP K 27 -26.99 -4.15 33.86
CA ASP K 27 -26.15 -4.41 35.04
C ASP K 27 -24.76 -4.72 34.63
N THR K 28 -23.79 -4.21 35.41
CA THR K 28 -22.41 -4.49 35.09
C THR K 28 -21.75 -5.11 36.25
N ARG K 29 -21.33 -6.35 36.14
CA ARG K 29 -20.57 -6.96 37.23
C ARG K 29 -19.72 -8.00 36.58
N PHE K 30 -18.76 -8.54 37.30
CA PHE K 30 -17.89 -9.59 36.79
C PHE K 30 -18.67 -10.91 36.84
N HIS K 31 -18.70 -11.71 35.76
CA HIS K 31 -19.36 -12.99 35.87
C HIS K 31 -18.37 -14.13 35.87
N HIS K 32 -17.12 -13.93 35.46
CA HIS K 32 -16.17 -15.02 35.39
C HIS K 32 -14.78 -14.43 35.44
N SER K 33 -13.83 -15.14 36.08
CA SER K 33 -12.38 -14.80 35.95
C SER K 33 -11.65 -16.02 35.57
N GLU K 34 -10.94 -15.94 34.46
CA GLU K 34 -10.16 -17.04 33.96
C GLU K 34 -8.76 -16.71 34.34
N LYS K 35 -8.13 -17.59 35.09
CA LYS K 35 -6.78 -17.43 35.59
C LYS K 35 -5.84 -18.04 34.61
N LEU K 36 -4.78 -17.31 34.24
CA LEU K 36 -3.77 -17.78 33.26
C LEU K 36 -2.40 -17.82 33.91
N ASP K 37 -1.69 -18.88 33.67
CA ASP K 37 -0.35 -19.05 34.31
C ASP K 37 0.64 -18.58 33.20
N LYS K 38 1.91 -18.32 33.57
CA LYS K 38 2.84 -17.68 32.67
C LYS K 38 2.95 -18.46 31.37
N GLY K 39 2.70 -17.79 30.25
CA GLY K 39 2.96 -18.39 28.98
C GLY K 39 1.72 -19.02 28.38
N GLU K 40 0.62 -19.10 29.16
CA GLU K 40 -0.69 -19.50 28.63
C GLU K 40 -1.31 -18.41 27.78
N VAL K 41 -2.02 -18.82 26.75
CA VAL K 41 -2.75 -17.90 25.91
C VAL K 41 -4.26 -18.21 25.92
N LEU K 42 -5.04 -17.15 26.09
CA LEU K 42 -6.46 -17.24 26.00
C LEU K 42 -6.93 -16.32 24.86
N ILE K 43 -7.79 -16.87 24.00
CA ILE K 43 -8.39 -16.12 22.89
C ILE K 43 -9.91 -16.04 23.16
N ALA K 44 -10.39 -14.85 23.47
CA ALA K 44 -11.69 -14.72 24.04
C ALA K 44 -12.60 -13.75 23.27
N GLN K 45 -13.83 -14.18 22.96
CA GLN K 45 -14.71 -13.30 22.17
C GLN K 45 -15.56 -12.41 23.08
N PHE K 46 -16.04 -11.32 22.49
CA PHE K 46 -17.27 -10.67 22.95
C PHE K 46 -18.50 -11.49 22.59
N THR K 47 -19.53 -11.51 23.45
CA THR K 47 -20.60 -12.49 23.35
C THR K 47 -21.92 -11.90 23.82
N GLU K 48 -23.03 -12.66 23.68
CA GLU K 48 -24.28 -12.30 24.35
C GLU K 48 -24.09 -12.04 25.82
N HIS K 49 -23.12 -12.69 26.49
CA HIS K 49 -22.96 -12.51 27.96
C HIS K 49 -21.80 -11.61 28.43
N THR K 50 -20.96 -11.18 27.48
CA THR K 50 -19.72 -10.55 27.91
C THR K 50 -19.50 -9.37 26.98
N SER K 51 -19.72 -8.17 27.47
CA SER K 51 -19.61 -6.98 26.61
C SER K 51 -18.37 -6.14 26.98
N ALA K 52 -17.60 -6.56 27.97
CA ALA K 52 -16.30 -5.82 28.34
C ALA K 52 -15.43 -6.87 29.00
N ILE K 53 -14.12 -6.69 28.88
CA ILE K 53 -13.23 -7.68 29.37
C ILE K 53 -12.13 -6.89 30.04
N LYS K 54 -11.72 -7.32 31.23
CA LYS K 54 -10.68 -6.58 31.96
C LYS K 54 -9.53 -7.55 32.16
N VAL K 55 -8.28 -7.05 32.09
CA VAL K 55 -7.14 -7.94 32.31
C VAL K 55 -6.33 -7.31 33.45
N ARG K 56 -5.95 -8.15 34.42
CA ARG K 56 -5.12 -7.80 35.56
C ARG K 56 -3.93 -8.70 35.66
N GLY K 57 -2.75 -8.11 35.89
CA GLY K 57 -1.54 -8.84 35.86
C GLY K 57 -0.79 -8.57 34.54
N LYS K 58 0.47 -9.02 34.50
CA LYS K 58 1.33 -8.76 33.34
C LYS K 58 0.98 -9.63 32.12
N ALA K 59 0.58 -8.98 31.02
CA ALA K 59 0.18 -9.78 29.86
C ALA K 59 0.45 -9.02 28.55
N TYR K 60 0.56 -9.76 27.43
CA TYR K 60 0.71 -9.13 26.08
C TYR K 60 -0.62 -9.39 25.41
N ILE K 61 -1.28 -8.32 24.99
CA ILE K 61 -2.62 -8.41 24.52
C ILE K 61 -2.65 -7.96 23.02
N GLN K 62 -3.37 -8.69 22.17
CA GLN K 62 -3.62 -8.25 20.83
C GLN K 62 -5.11 -8.09 20.57
N THR K 63 -5.49 -7.00 19.88
CA THR K 63 -6.87 -6.83 19.42
C THR K 63 -6.82 -6.32 18.04
N ARG K 64 -7.99 -6.06 17.51
CA ARG K 64 -8.02 -5.51 16.13
C ARG K 64 -7.25 -4.15 16.07
N HIS K 65 -7.24 -3.43 17.19
CA HIS K 65 -6.55 -2.09 17.21
C HIS K 65 -5.09 -2.15 17.57
N GLY K 66 -4.52 -3.33 17.67
CA GLY K 66 -3.07 -3.46 17.78
C GLY K 66 -2.67 -4.13 19.09
N VAL K 67 -1.38 -4.00 19.42
CA VAL K 67 -0.84 -4.57 20.64
C VAL K 67 -1.00 -3.58 21.83
N ILE K 68 -1.30 -4.12 23.01
CA ILE K 68 -1.21 -3.29 24.23
C ILE K 68 -0.71 -4.24 25.31
N GLU K 69 -0.02 -3.72 26.30
CA GLU K 69 0.41 -4.60 27.36
C GLU K 69 -0.20 -4.20 28.71
N SER K 70 -0.59 -5.20 29.49
CA SER K 70 -1.03 -4.87 30.86
C SER K 70 0.08 -5.19 31.80
N GLU K 71 0.18 -4.48 32.90
CA GLU K 71 1.29 -4.68 33.83
C GLU K 71 0.73 -4.87 35.22
N GLY K 72 1.29 -5.80 36.00
CA GLY K 72 0.78 -6.11 37.41
C GLY K 72 1.30 -5.16 38.46
N THR L 3 9.67 -12.30 1.40
CA THR L 3 10.80 -13.01 0.64
C THR L 3 11.95 -12.05 0.25
N ASN L 4 11.76 -10.73 0.54
CA ASN L 4 12.68 -9.61 0.20
CA ASN L 4 12.81 -9.70 0.18
C ASN L 4 13.58 -9.00 1.32
N SER L 5 13.85 -9.77 2.36
CA SER L 5 14.59 -9.35 3.50
C SER L 5 16.03 -9.37 3.12
N ASP L 6 16.86 -8.76 3.96
CA ASP L 6 18.27 -8.76 3.74
C ASP L 6 18.89 -10.10 4.02
N PHE L 7 20.11 -10.29 3.52
CA PHE L 7 20.81 -11.58 3.73
C PHE L 7 22.28 -11.31 4.04
N VAL L 8 22.96 -12.31 4.53
CA VAL L 8 24.36 -12.27 4.84
C VAL L 8 25.04 -13.39 3.99
N VAL L 9 26.32 -13.15 3.60
CA VAL L 9 27.10 -14.12 2.90
C VAL L 9 28.18 -14.60 3.88
N ILE L 10 28.33 -15.91 4.03
CA ILE L 10 29.33 -16.51 4.92
C ILE L 10 30.12 -17.54 4.10
N LYS L 11 31.43 -17.35 4.00
CA LYS L 11 32.35 -18.36 3.46
C LYS L 11 33.11 -18.99 4.64
N ALA L 12 33.02 -20.31 4.80
CA ALA L 12 33.88 -20.99 5.81
C ALA L 12 35.39 -20.87 5.45
N LEU L 13 36.22 -20.48 6.40
CA LEU L 13 37.68 -20.50 6.14
C LEU L 13 38.39 -21.70 6.80
N GLU L 14 37.59 -22.59 7.40
CA GLU L 14 38.05 -23.84 8.00
C GLU L 14 36.83 -24.81 8.07
N ASP L 15 37.10 -26.07 8.41
CA ASP L 15 36.07 -27.10 8.43
C ASP L 15 35.28 -26.94 9.70
N GLY L 16 33.97 -27.30 9.65
CA GLY L 16 33.18 -27.29 10.89
C GLY L 16 32.68 -25.93 11.35
N VAL L 17 32.69 -24.90 10.50
CA VAL L 17 32.02 -23.62 10.83
C VAL L 17 30.52 -23.86 11.03
N ASN L 18 29.92 -23.19 12.02
CA ASN L 18 28.50 -23.28 12.28
C ASN L 18 27.84 -21.97 12.04
N VAL L 19 26.82 -21.99 11.17
CA VAL L 19 25.96 -20.85 10.98
C VAL L 19 24.65 -21.21 11.66
N ILE L 20 24.37 -20.48 12.72
CA ILE L 20 23.25 -20.80 13.59
C ILE L 20 22.12 -19.79 13.47
N GLY L 21 20.94 -20.26 13.14
CA GLY L 21 19.83 -19.36 13.10
C GLY L 21 19.12 -19.31 14.42
N LEU L 22 18.95 -18.10 14.98
CA LEU L 22 18.25 -17.92 16.25
C LEU L 22 16.80 -17.59 15.99
N THR L 23 15.93 -18.17 16.79
CA THR L 23 14.51 -18.03 16.55
C THR L 23 14.10 -16.57 16.71
N ARG L 24 13.22 -16.18 15.80
CA ARG L 24 12.48 -14.95 15.98
C ARG L 24 11.44 -15.15 17.11
N GLY L 25 11.10 -14.11 17.86
CA GLY L 25 9.89 -14.11 18.72
C GLY L 25 10.32 -13.91 20.17
N ALA L 26 9.43 -14.34 21.08
CA ALA L 26 9.63 -14.21 22.52
C ALA L 26 10.83 -15.06 22.97
N ASP L 27 11.10 -16.13 22.26
CA ASP L 27 12.17 -17.03 22.60
C ASP L 27 13.44 -16.86 21.72
N THR L 28 14.62 -16.97 22.32
CA THR L 28 15.79 -16.91 21.53
C THR L 28 16.56 -18.20 21.73
N ARG L 29 16.18 -19.23 21.00
CA ARG L 29 16.83 -20.53 21.02
C ARG L 29 17.34 -20.76 19.57
N PHE L 30 18.01 -21.86 19.33
CA PHE L 30 18.43 -22.19 18.00
C PHE L 30 17.35 -22.90 17.23
N HIS L 31 17.02 -22.47 16.03
CA HIS L 31 16.23 -23.39 15.23
C HIS L 31 17.00 -24.25 14.22
N HIS L 32 18.23 -23.89 13.84
CA HIS L 32 18.96 -24.75 12.90
C HIS L 32 20.41 -24.39 13.00
N SER L 33 21.31 -25.35 12.80
CA SER L 33 22.65 -24.95 12.62
C SER L 33 23.25 -25.63 11.38
N GLU L 34 23.68 -24.85 10.41
CA GLU L 34 24.30 -25.35 9.24
C GLU L 34 25.81 -25.44 9.38
N LYS L 35 26.33 -26.65 9.12
CA LYS L 35 27.77 -27.00 9.19
C LYS L 35 28.43 -26.84 7.85
N LEU L 36 29.50 -26.00 7.82
CA LEU L 36 30.15 -25.66 6.57
C LEU L 36 31.56 -26.20 6.53
N ASP L 37 31.98 -26.76 5.39
CA ASP L 37 33.34 -27.24 5.30
C ASP L 37 34.15 -26.11 4.62
N LYS L 38 35.46 -26.18 4.74
CA LYS L 38 36.33 -25.08 4.33
C LYS L 38 35.99 -24.70 2.89
N GLY L 39 35.81 -23.43 2.60
CA GLY L 39 35.59 -23.06 1.22
C GLY L 39 34.12 -22.95 0.81
N GLU L 40 33.18 -23.57 1.53
CA GLU L 40 31.77 -23.53 1.14
C GLU L 40 31.17 -22.20 1.49
N VAL L 41 30.20 -21.75 0.66
CA VAL L 41 29.54 -20.47 0.86
C VAL L 41 28.06 -20.68 1.14
N LEU L 42 27.56 -19.99 2.16
CA LEU L 42 26.14 -19.97 2.54
C LEU L 42 25.63 -18.56 2.47
N ILE L 43 24.56 -18.36 1.74
CA ILE L 43 23.92 -17.04 1.60
C ILE L 43 22.52 -17.23 2.21
N ALA L 44 22.23 -16.45 3.25
CA ALA L 44 21.11 -16.80 4.15
C ALA L 44 20.37 -15.48 4.52
N GLN L 45 19.02 -15.48 4.36
CA GLN L 45 18.20 -14.32 4.68
C GLN L 45 17.81 -14.33 6.14
N PHE L 46 17.42 -13.17 6.59
CA PHE L 46 16.52 -13.10 7.78
C PHE L 46 15.12 -13.47 7.36
N THR L 47 14.39 -14.15 8.25
CA THR L 47 13.12 -14.79 7.77
C THR L 47 12.02 -14.72 8.86
N GLU L 48 10.82 -15.19 8.53
CA GLU L 48 9.83 -15.41 9.55
C GLU L 48 10.44 -16.13 10.78
N HIS L 49 11.29 -17.12 10.56
CA HIS L 49 11.77 -17.96 11.73
C HIS L 49 13.12 -17.58 12.26
N THR L 50 13.89 -16.72 11.55
CA THR L 50 15.33 -16.44 11.95
C THR L 50 15.49 -14.90 12.06
N SER L 51 15.69 -14.32 13.25
CA SER L 51 15.86 -12.86 13.33
C SER L 51 17.29 -12.47 13.79
N ALA L 52 18.14 -13.46 14.03
CA ALA L 52 19.52 -13.25 14.43
C ALA L 52 20.29 -14.48 13.96
N ILE L 53 21.55 -14.27 13.54
CA ILE L 53 22.36 -15.38 13.07
C ILE L 53 23.67 -15.32 13.84
N LYS L 54 24.16 -16.47 14.32
CA LYS L 54 25.45 -16.50 15.03
C LYS L 54 26.45 -17.30 14.22
N VAL L 55 27.73 -16.83 14.12
CA VAL L 55 28.75 -17.61 13.41
C VAL L 55 29.83 -18.08 14.35
N ARG L 56 30.10 -19.40 14.35
CA ARG L 56 31.13 -20.03 15.19
C ARG L 56 32.13 -20.58 14.21
N GLY L 57 33.41 -20.44 14.54
CA GLY L 57 34.39 -20.84 13.57
C GLY L 57 34.92 -19.67 12.74
N LYS L 58 36.02 -19.95 12.07
CA LYS L 58 36.68 -19.02 11.18
C LYS L 58 35.91 -18.89 9.85
N ALA L 59 35.38 -17.70 9.63
CA ALA L 59 34.57 -17.40 8.42
C ALA L 59 34.79 -15.98 7.91
N TYR L 60 34.62 -15.77 6.62
CA TYR L 60 34.58 -14.41 6.07
C TYR L 60 33.12 -14.07 5.75
N ILE L 61 32.68 -12.89 6.16
CA ILE L 61 31.25 -12.54 6.17
C ILE L 61 31.04 -11.22 5.45
N GLN L 62 30.14 -11.19 4.47
CA GLN L 62 29.74 -9.94 3.83
C GLN L 62 28.29 -9.65 4.22
N THR L 63 28.07 -8.41 4.67
CA THR L 63 26.70 -7.88 4.83
C THR L 63 26.52 -6.56 4.19
N ARG L 64 25.30 -6.03 4.24
CA ARG L 64 24.99 -4.68 3.81
C ARG L 64 25.95 -3.66 4.51
N HIS L 65 26.46 -4.01 5.71
CA HIS L 65 27.24 -3.02 6.49
C HIS L 65 28.73 -3.17 6.34
N GLY L 66 29.23 -4.15 5.57
CA GLY L 66 30.68 -4.15 5.33
C GLY L 66 31.11 -5.61 5.42
N VAL L 67 32.39 -5.85 5.58
CA VAL L 67 32.88 -7.23 5.61
C VAL L 67 33.53 -7.40 6.97
N ILE L 68 33.67 -8.64 7.38
CA ILE L 68 34.08 -8.97 8.73
C ILE L 68 34.46 -10.43 8.74
N GLU L 69 35.49 -10.77 9.52
CA GLU L 69 35.83 -12.19 9.75
C GLU L 69 35.49 -12.63 11.15
N SER L 70 34.77 -13.76 11.25
CA SER L 70 34.70 -14.45 12.53
C SER L 70 35.98 -15.27 12.76
N GLU L 71 36.39 -15.41 14.01
CA GLU L 71 37.55 -16.24 14.38
C GLU L 71 37.17 -17.39 15.39
N GLY L 72 37.75 -18.58 15.29
CA GLY L 72 37.21 -19.74 16.07
C GLY L 72 38.15 -20.13 17.17
N THR M 3 7.95 -11.80 -6.73
CA THR M 3 8.83 -12.01 -7.93
C THR M 3 9.99 -10.90 -8.07
N ASN M 4 10.01 -9.90 -7.15
CA ASN M 4 11.10 -8.82 -7.14
C ASN M 4 12.18 -8.95 -6.03
N SER M 5 12.39 -10.13 -5.55
CA SER M 5 13.33 -10.36 -4.46
C SER M 5 14.71 -10.28 -5.05
N ASP M 6 15.73 -10.25 -4.19
CA ASP M 6 17.08 -10.26 -4.62
C ASP M 6 17.57 -11.62 -5.17
N PHE M 7 18.69 -11.64 -5.86
CA PHE M 7 19.20 -12.83 -6.53
C PHE M 7 20.73 -12.86 -6.44
N VAL M 8 21.32 -14.02 -6.64
CA VAL M 8 22.76 -14.19 -6.64
C VAL M 8 23.19 -14.72 -8.03
N VAL M 9 24.42 -14.39 -8.50
CA VAL M 9 24.94 -14.90 -9.74
C VAL M 9 26.03 -15.89 -9.38
N ILE M 10 25.97 -17.11 -9.91
CA ILE M 10 27.00 -18.14 -9.60
C ILE M 10 27.58 -18.67 -10.90
N LYS M 11 28.90 -18.55 -11.02
CA LYS M 11 29.59 -19.17 -12.13
C LYS M 11 30.44 -20.29 -11.68
N ALA M 12 30.26 -21.47 -12.29
CA ALA M 12 31.12 -22.66 -11.95
C ALA M 12 32.51 -22.49 -12.53
N LEU M 13 33.50 -22.72 -11.69
CA LEU M 13 34.89 -22.67 -12.13
C LEU M 13 35.41 -24.11 -12.32
N GLU M 14 34.53 -25.11 -12.13
CA GLU M 14 34.93 -26.49 -12.27
C GLU M 14 33.64 -27.30 -12.44
N ASP M 15 33.74 -28.50 -12.99
CA ASP M 15 32.59 -29.36 -13.12
C ASP M 15 32.04 -29.78 -11.77
N GLY M 16 30.76 -30.11 -11.72
CA GLY M 16 30.19 -30.67 -10.49
C GLY M 16 29.84 -29.69 -9.39
N VAL M 17 29.85 -28.38 -9.65
CA VAL M 17 29.45 -27.42 -8.64
C VAL M 17 28.00 -27.65 -8.28
N ASN M 18 27.69 -27.58 -7.00
CA ASN M 18 26.28 -27.70 -6.58
C ASN M 18 25.74 -26.39 -6.01
N VAL M 19 24.57 -25.95 -6.51
CA VAL M 19 23.92 -24.73 -5.98
C VAL M 19 22.71 -25.29 -5.29
N ILE M 20 22.72 -25.25 -3.98
CA ILE M 20 21.66 -25.97 -3.23
C ILE M 20 20.65 -24.97 -2.62
N GLY M 21 19.36 -25.22 -2.77
CA GLY M 21 18.32 -24.26 -2.28
C GLY M 21 17.82 -24.86 -0.98
N LEU M 22 18.01 -24.11 0.09
CA LEU M 22 17.49 -24.52 1.36
C LEU M 22 16.06 -24.02 1.55
N THR M 23 15.27 -24.86 2.16
CA THR M 23 13.84 -24.57 2.37
C THR M 23 13.61 -23.41 3.30
N ARG M 24 12.73 -22.52 2.86
CA ARG M 24 12.15 -21.46 3.76
C ARG M 24 11.32 -22.22 4.86
N GLY M 25 11.22 -21.65 6.06
CA GLY M 25 10.20 -22.06 7.06
C GLY M 25 10.83 -22.74 8.29
N ALA M 26 10.02 -23.57 8.99
CA ALA M 26 10.40 -24.24 10.22
C ALA M 26 11.58 -25.17 9.95
N ASP M 27 11.58 -25.84 8.82
CA ASP M 27 12.57 -26.81 8.51
C ASP M 27 13.65 -26.19 7.65
N THR M 28 14.87 -26.69 7.78
CA THR M 28 15.91 -26.37 6.87
C THR M 28 16.51 -27.59 6.21
N ARG M 29 15.99 -27.94 5.05
CA ARG M 29 16.42 -29.15 4.38
C ARG M 29 16.65 -28.68 2.99
N PHE M 30 17.13 -29.54 2.12
CA PHE M 30 17.45 -29.11 0.77
C PHE M 30 16.19 -29.39 0.01
N HIS M 31 15.81 -28.56 -0.94
CA HIS M 31 14.72 -28.93 -1.84
C HIS M 31 15.19 -29.07 -3.29
N HIS M 32 16.39 -28.56 -3.60
CA HIS M 32 16.84 -28.73 -4.94
C HIS M 32 18.34 -28.50 -4.95
N SER M 33 19.02 -29.31 -5.74
CA SER M 33 20.38 -29.12 -5.89
C SER M 33 20.64 -29.04 -7.38
N GLU M 34 21.09 -27.88 -7.81
CA GLU M 34 21.44 -27.74 -9.22
C GLU M 34 22.92 -28.02 -9.42
N LYS M 35 23.24 -29.04 -10.25
CA LYS M 35 24.64 -29.22 -10.69
C LYS M 35 25.07 -28.41 -11.94
N LEU M 36 26.19 -27.71 -11.83
CA LEU M 36 26.73 -26.91 -12.90
C LEU M 36 28.09 -27.45 -13.41
N ASP M 37 28.29 -27.41 -14.72
CA ASP M 37 29.49 -27.81 -15.35
C ASP M 37 30.35 -26.51 -15.41
N LYS M 38 31.65 -26.70 -15.55
CA LYS M 38 32.62 -25.59 -15.55
C LYS M 38 32.14 -24.53 -16.50
N GLY M 39 32.06 -23.30 -16.02
CA GLY M 39 31.75 -22.19 -16.98
C GLY M 39 30.25 -21.84 -17.16
N GLU M 40 29.32 -22.72 -16.72
CA GLU M 40 27.90 -22.37 -16.74
C GLU M 40 27.56 -21.30 -15.72
N VAL M 41 26.52 -20.51 -16.01
CA VAL M 41 26.11 -19.46 -15.00
C VAL M 41 24.69 -19.68 -14.50
N LEU M 42 24.45 -19.52 -13.19
CA LEU M 42 23.09 -19.68 -12.73
C LEU M 42 22.77 -18.39 -11.99
N ILE M 43 21.59 -17.83 -12.26
CA ILE M 43 21.23 -16.57 -11.64
C ILE M 43 19.93 -16.91 -10.89
N ALA M 44 19.94 -16.84 -9.56
CA ALA M 44 18.85 -17.50 -8.78
C ALA M 44 18.38 -16.51 -7.66
N GLN M 45 17.07 -16.36 -7.57
CA GLN M 45 16.43 -15.53 -6.56
C GLN M 45 16.20 -16.29 -5.26
N PHE M 46 16.02 -15.49 -4.22
CA PHE M 46 15.34 -15.92 -3.00
C PHE M 46 13.87 -15.89 -3.30
N THR M 47 13.16 -16.88 -2.77
CA THR M 47 11.78 -17.08 -3.20
C THR M 47 10.87 -17.58 -2.04
N GLU M 48 9.57 -17.77 -2.34
CA GLU M 48 8.70 -18.43 -1.36
C GLU M 48 9.36 -19.70 -0.83
N HIS M 49 10.01 -20.49 -1.70
CA HIS M 49 10.55 -21.78 -1.29
C HIS M 49 12.02 -21.84 -0.86
N THR M 50 12.81 -20.78 -1.17
CA THR M 50 14.27 -20.82 -0.90
C THR M 50 14.63 -19.56 -0.09
N SER M 51 15.04 -19.74 1.16
CA SER M 51 15.46 -18.58 1.94
C SER M 51 16.95 -18.63 2.26
N ALA M 52 17.68 -19.64 1.72
CA ALA M 52 19.17 -19.70 1.87
C ALA M 52 19.71 -20.59 0.80
N ILE M 53 20.90 -20.22 0.32
CA ILE M 53 21.52 -20.92 -0.78
C ILE M 53 22.90 -21.37 -0.33
N LYS M 54 23.20 -22.69 -0.53
CA LYS M 54 24.57 -23.14 -0.21
C LYS M 54 25.31 -23.49 -1.49
N VAL M 55 26.56 -23.05 -1.63
CA VAL M 55 27.38 -23.41 -2.79
C VAL M 55 28.53 -24.36 -2.39
N ARG M 56 28.59 -25.51 -3.06
CA ARG M 56 29.64 -26.51 -2.96
C ARG M 56 30.43 -26.55 -4.23
N GLY M 57 31.72 -26.63 -4.13
CA GLY M 57 32.50 -26.68 -5.32
C GLY M 57 33.05 -25.27 -5.60
N LYS M 58 34.01 -25.18 -6.49
CA LYS M 58 34.70 -23.90 -6.79
C LYS M 58 33.83 -23.10 -7.76
N ALA M 59 33.41 -21.94 -7.29
CA ALA M 59 32.50 -21.04 -7.99
C ALA M 59 32.88 -19.58 -7.73
N TYR M 60 32.52 -18.73 -8.67
CA TYR M 60 32.61 -17.32 -8.54
C TYR M 60 31.22 -16.71 -8.35
N ILE M 61 31.04 -15.96 -7.28
CA ILE M 61 29.70 -15.52 -6.88
C ILE M 61 29.57 -14.01 -6.83
N GLN M 62 28.53 -13.48 -7.47
CA GLN M 62 28.23 -12.06 -7.29
C GLN M 62 26.94 -11.87 -6.49
N THR M 63 26.92 -10.99 -5.49
CA THR M 63 25.63 -10.59 -4.91
C THR M 63 25.64 -9.08 -4.74
N ARG M 64 24.54 -8.56 -4.16
CA ARG M 64 24.39 -7.11 -3.82
C ARG M 64 25.55 -6.65 -2.89
N HIS M 65 26.16 -7.57 -2.17
CA HIS M 65 27.19 -7.16 -1.15
C HIS M 65 28.60 -7.41 -1.64
N GLY M 66 28.79 -7.86 -2.87
CA GLY M 66 30.16 -7.93 -3.37
C GLY M 66 30.36 -9.22 -4.14
N VAL M 67 31.64 -9.59 -4.30
CA VAL M 67 32.01 -10.77 -5.07
C VAL M 67 32.75 -11.69 -4.08
N ILE M 68 32.76 -12.98 -4.38
CA ILE M 68 33.40 -13.95 -3.49
C ILE M 68 33.52 -15.27 -4.26
N GLU M 69 34.53 -16.04 -3.90
CA GLU M 69 34.69 -17.35 -4.47
C GLU M 69 34.44 -18.46 -3.44
N SER M 70 33.69 -19.49 -3.86
CA SER M 70 33.69 -20.76 -3.08
C SER M 70 34.83 -21.61 -3.58
N GLU M 71 35.39 -22.44 -2.71
CA GLU M 71 36.46 -23.37 -3.06
C GLU M 71 36.00 -24.80 -2.68
N GLY M 72 36.41 -25.80 -3.47
CA GLY M 72 35.80 -27.22 -3.38
C GLY M 72 36.29 -28.09 -2.25
N THR N 3 5.05 -6.86 -12.93
CA THR N 3 5.83 -6.58 -14.19
C THR N 3 7.09 -5.66 -14.02
N ASN N 4 7.43 -5.22 -12.79
CA ASN N 4 8.67 -4.42 -12.54
C ASN N 4 9.81 -5.18 -11.83
N SER N 5 9.87 -6.49 -12.02
CA SER N 5 10.98 -7.30 -11.54
C SER N 5 12.28 -6.98 -12.23
N ASP N 6 13.38 -7.43 -11.67
CA ASP N 6 14.73 -7.31 -12.22
C ASP N 6 14.82 -8.09 -13.50
N PHE N 7 15.80 -7.74 -14.31
CA PHE N 7 16.08 -8.50 -15.52
C PHE N 7 17.58 -8.70 -15.69
N VAL N 8 17.91 -9.60 -16.60
CA VAL N 8 19.31 -9.91 -16.97
C VAL N 8 19.48 -9.67 -18.48
N VAL N 9 20.65 -9.11 -18.90
CA VAL N 9 20.88 -8.95 -20.34
C VAL N 9 21.86 -10.06 -20.77
N ILE N 10 21.59 -10.78 -21.88
CA ILE N 10 22.47 -11.85 -22.33
C ILE N 10 22.78 -11.69 -23.81
N LYS N 11 24.08 -11.59 -24.14
CA LYS N 11 24.53 -11.58 -25.54
C LYS N 11 25.23 -12.88 -25.85
N ALA N 12 24.72 -13.67 -26.83
CA ALA N 12 25.43 -14.85 -27.21
C ALA N 12 26.76 -14.51 -27.90
N LEU N 13 27.84 -15.15 -27.47
CA LEU N 13 29.17 -14.98 -28.12
C LEU N 13 29.43 -16.10 -29.10
N GLU N 14 28.52 -17.08 -29.26
CA GLU N 14 28.70 -18.16 -30.31
C GLU N 14 27.27 -18.68 -30.59
N ASP N 15 27.10 -19.51 -31.61
CA ASP N 15 25.77 -20.04 -31.94
C ASP N 15 25.31 -21.09 -30.95
N GLY N 16 24.00 -21.28 -30.78
CA GLY N 16 23.56 -22.32 -29.86
C GLY N 16 23.65 -22.01 -28.37
N VAL N 17 23.82 -20.78 -27.87
CA VAL N 17 23.58 -20.47 -26.49
C VAL N 17 22.14 -20.80 -26.02
N ASN N 18 22.04 -21.44 -24.84
CA ASN N 18 20.74 -21.65 -24.25
C ASN N 18 20.51 -20.75 -23.05
N VAL N 19 19.44 -19.98 -23.05
CA VAL N 19 19.07 -19.21 -21.86
C VAL N 19 17.83 -19.95 -21.33
N ILE N 20 17.99 -20.61 -20.21
CA ILE N 20 16.99 -21.57 -19.78
C ILE N 20 16.28 -20.94 -18.57
N GLY N 21 14.96 -20.91 -18.63
CA GLY N 21 14.19 -20.43 -17.46
C GLY N 21 13.79 -21.61 -16.60
N LEU N 22 14.19 -21.58 -15.33
CA LEU N 22 13.82 -22.62 -14.38
C LEU N 22 12.53 -22.21 -13.63
N THR N 23 11.72 -23.21 -13.31
CA THR N 23 10.40 -22.95 -12.80
C THR N 23 10.51 -22.37 -11.38
N ARG N 24 9.66 -21.38 -11.14
CA ARG N 24 9.33 -20.92 -9.76
C ARG N 24 8.54 -22.03 -9.01
N GLY N 25 8.75 -22.22 -7.71
CA GLY N 25 7.79 -23.01 -6.85
C GLY N 25 8.51 -24.20 -6.31
N ALA N 26 7.72 -25.18 -5.91
CA ALA N 26 8.22 -26.38 -5.28
C ALA N 26 9.16 -27.19 -6.22
N ASP N 27 8.86 -27.22 -7.51
CA ASP N 27 9.66 -27.91 -8.51
C ASP N 27 10.72 -27.00 -9.16
N THR N 28 11.87 -27.58 -9.51
CA THR N 28 12.83 -26.85 -10.28
C THR N 28 13.14 -27.57 -11.60
N ARG N 29 12.36 -27.29 -12.63
CA ARG N 29 12.48 -27.93 -13.94
C ARG N 29 12.64 -26.83 -14.99
N PHE N 30 12.78 -27.20 -16.25
CA PHE N 30 12.91 -26.19 -17.28
C PHE N 30 11.53 -25.76 -17.64
N HIS N 31 11.28 -24.49 -17.86
CA HIS N 31 9.99 -24.17 -18.42
C HIS N 31 10.18 -23.58 -19.78
N HIS N 32 11.38 -23.05 -20.10
CA HIS N 32 11.60 -22.68 -21.46
C HIS N 32 13.10 -22.63 -21.69
N SER N 33 13.53 -23.03 -22.87
CA SER N 33 14.90 -22.84 -23.20
C SER N 33 15.01 -22.05 -24.49
N GLU N 34 15.58 -20.85 -24.43
CA GLU N 34 15.73 -19.98 -25.58
C GLU N 34 17.08 -20.16 -26.24
N LYS N 35 17.05 -20.46 -27.51
CA LYS N 35 18.29 -20.72 -28.21
C LYS N 35 18.70 -19.49 -28.94
N LEU N 36 19.93 -19.07 -28.70
CA LEU N 36 20.48 -17.81 -29.31
C LEU N 36 21.60 -18.11 -30.30
N ASP N 37 21.61 -17.40 -31.42
CA ASP N 37 22.69 -17.40 -32.34
C ASP N 37 23.70 -16.32 -31.96
N LYS N 38 24.91 -16.45 -32.50
CA LYS N 38 26.00 -15.52 -32.17
C LYS N 38 25.54 -14.08 -32.38
N GLY N 39 25.72 -13.23 -31.38
CA GLY N 39 25.46 -11.79 -31.52
C GLY N 39 24.02 -11.38 -31.11
N GLU N 40 23.09 -12.32 -31.08
CA GLU N 40 21.78 -12.01 -30.57
C GLU N 40 21.74 -11.55 -29.10
N VAL N 41 20.78 -10.70 -28.76
CA VAL N 41 20.65 -10.23 -27.35
C VAL N 41 19.28 -10.55 -26.76
N LEU N 42 19.27 -11.17 -25.58
CA LEU N 42 18.01 -11.50 -24.89
C LEU N 42 17.97 -10.69 -23.58
N ILE N 43 16.90 -9.98 -23.37
CA ILE N 43 16.74 -9.17 -22.14
C ILE N 43 15.49 -9.79 -21.47
N ALA N 44 15.73 -10.42 -20.31
CA ALA N 44 14.71 -11.34 -19.74
C ALA N 44 14.52 -11.05 -18.22
N GLN N 45 13.26 -10.91 -17.84
CA GLN N 45 12.90 -10.69 -16.39
C GLN N 45 12.77 -12.01 -15.64
N PHE N 46 12.91 -11.90 -14.31
CA PHE N 46 12.34 -12.83 -13.41
C PHE N 46 10.85 -12.60 -13.39
N THR N 47 10.03 -13.67 -13.19
CA THR N 47 8.58 -13.55 -13.49
C THR N 47 7.83 -14.53 -12.52
N GLU N 48 6.52 -14.49 -12.61
CA GLU N 48 5.66 -15.47 -11.95
C GLU N 48 6.18 -16.92 -12.28
N HIS N 49 6.61 -17.18 -13.52
CA HIS N 49 7.04 -18.58 -13.91
C HIS N 49 8.50 -18.91 -13.79
N THR N 50 9.37 -17.89 -13.67
CA THR N 50 10.79 -18.08 -13.81
C THR N 50 11.46 -17.39 -12.55
N SER N 51 12.11 -18.18 -11.70
CA SER N 51 12.82 -17.65 -10.52
C SER N 51 14.32 -17.94 -10.53
N ALA N 52 14.86 -18.57 -11.61
CA ALA N 52 16.29 -18.80 -11.77
C ALA N 52 16.48 -18.96 -13.29
N ILE N 53 17.60 -18.45 -13.79
CA ILE N 53 17.95 -18.55 -15.20
C ILE N 53 19.32 -19.25 -15.25
N LYS N 54 19.44 -20.34 -16.05
CA LYS N 54 20.80 -20.88 -16.29
C LYS N 54 21.27 -20.53 -17.76
N VAL N 55 22.55 -20.22 -17.96
CA VAL N 55 23.06 -19.87 -19.27
C VAL N 55 24.09 -20.93 -19.65
N ARG N 56 23.90 -21.61 -20.79
CA ARG N 56 24.82 -22.66 -21.24
C ARG N 56 25.39 -22.12 -22.55
N GLY N 57 26.67 -22.30 -22.81
CA GLY N 57 27.28 -21.80 -23.98
C GLY N 57 27.98 -20.47 -23.64
N LYS N 58 28.81 -20.05 -24.55
CA LYS N 58 29.53 -18.82 -24.33
C LYS N 58 28.67 -17.53 -24.50
N ALA N 59 28.53 -16.74 -23.43
CA ALA N 59 27.74 -15.53 -23.50
C ALA N 59 28.25 -14.42 -22.57
N TYR N 60 27.87 -13.19 -22.86
CA TYR N 60 28.22 -12.06 -22.01
C TYR N 60 26.94 -11.61 -21.34
N ILE N 61 27.01 -11.44 -20.04
CA ILE N 61 25.85 -11.25 -19.23
C ILE N 61 25.93 -10.03 -18.36
N GLN N 62 24.89 -9.21 -18.39
CA GLN N 62 24.84 -8.03 -17.49
C GLN N 62 23.68 -8.17 -16.52
N THR N 63 23.92 -7.81 -15.28
CA THR N 63 22.89 -7.85 -14.27
C THR N 63 23.09 -6.66 -13.41
N ARG N 64 22.19 -6.47 -12.47
CA ARG N 64 22.35 -5.46 -11.42
C ARG N 64 23.69 -5.58 -10.72
N HIS N 65 24.21 -6.85 -10.63
CA HIS N 65 25.43 -7.03 -9.79
C HIS N 65 26.71 -6.94 -10.51
N GLY N 66 26.68 -6.55 -11.77
CA GLY N 66 27.93 -6.48 -12.53
C GLY N 66 27.82 -7.33 -13.83
N VAL N 67 28.94 -7.62 -14.45
CA VAL N 67 29.05 -8.28 -15.74
C VAL N 67 29.77 -9.59 -15.52
N ILE N 68 29.51 -10.58 -16.39
CA ILE N 68 30.14 -11.87 -16.24
C ILE N 68 29.99 -12.60 -17.60
N GLU N 69 30.92 -13.49 -17.87
CA GLU N 69 30.85 -14.31 -19.10
C GLU N 69 30.61 -15.81 -18.72
N SER N 70 29.63 -16.44 -19.38
CA SER N 70 29.53 -17.92 -19.30
C SER N 70 30.45 -18.48 -20.34
N GLU N 71 31.00 -19.67 -20.12
CA GLU N 71 31.82 -20.42 -21.13
C GLU N 71 31.16 -21.81 -21.30
N GLY N 72 31.31 -22.49 -22.46
CA GLY N 72 30.45 -23.67 -22.85
C GLY N 72 30.79 -25.02 -22.41
N THR O 3 2.19 0.21 -15.33
CA THR O 3 2.77 1.13 -16.40
C THR O 3 4.10 1.86 -16.01
N ASN O 4 4.63 1.53 -14.81
CA ASN O 4 5.92 2.07 -14.30
C ASN O 4 7.15 1.12 -14.45
N SER O 5 7.03 0.21 -15.38
CA SER O 5 8.06 -0.79 -15.57
C SER O 5 9.33 -0.23 -16.24
N ASP O 6 10.43 -0.92 -16.14
CA ASP O 6 11.69 -0.62 -16.81
C ASP O 6 11.50 -0.67 -18.32
N PHE O 7 12.42 -0.05 -19.05
CA PHE O 7 12.32 -0.01 -20.49
C PHE O 7 13.71 -0.16 -21.07
N VAL O 8 13.83 -0.46 -22.36
CA VAL O 8 15.15 -0.61 -23.04
C VAL O 8 15.13 0.32 -24.24
N VAL O 9 16.28 0.91 -24.57
CA VAL O 9 16.38 1.73 -25.72
C VAL O 9 17.14 0.96 -26.81
N ILE O 10 16.59 0.85 -28.00
CA ILE O 10 17.25 0.09 -29.13
C ILE O 10 17.38 1.02 -30.34
N LYS O 11 18.65 1.24 -30.78
CA LYS O 11 18.86 1.97 -32.03
C LYS O 11 19.38 0.93 -33.09
N ALA O 12 18.74 0.87 -34.25
CA ALA O 12 19.17 -0.12 -35.24
C ALA O 12 20.43 0.42 -35.95
N LEU O 13 21.45 -0.37 -36.15
CA LEU O 13 22.62 0.08 -36.89
C LEU O 13 22.63 -0.41 -38.30
N GLU O 14 21.51 -1.00 -38.77
CA GLU O 14 21.45 -1.44 -40.18
C GLU O 14 19.94 -1.70 -40.39
N ASP O 15 19.57 -1.90 -41.64
CA ASP O 15 18.15 -2.16 -41.95
C ASP O 15 17.71 -3.55 -41.54
N GLY O 16 16.41 -3.75 -41.28
CA GLY O 16 15.87 -5.06 -40.89
C GLY O 16 16.14 -5.64 -39.49
N VAL O 17 16.52 -4.81 -38.53
CA VAL O 17 16.65 -5.20 -37.16
C VAL O 17 15.25 -5.58 -36.64
N ASN O 18 15.17 -6.66 -35.89
CA ASN O 18 13.90 -7.10 -35.33
C ASN O 18 14.00 -6.98 -33.81
N VAL O 19 13.05 -6.27 -33.23
CA VAL O 19 12.91 -6.19 -31.75
C VAL O 19 11.72 -7.07 -31.41
N ILE O 20 11.95 -8.18 -30.71
CA ILE O 20 10.84 -9.21 -30.67
C ILE O 20 10.35 -9.24 -29.25
N GLY O 21 9.06 -9.11 -29.03
CA GLY O 21 8.54 -9.22 -27.64
C GLY O 21 8.10 -10.65 -27.43
N LEU O 22 8.63 -11.26 -26.40
CA LEU O 22 8.23 -12.63 -26.01
C LEU O 22 7.15 -12.54 -24.94
N THR O 23 6.25 -13.50 -25.04
CA THR O 23 5.07 -13.54 -24.14
C THR O 23 5.45 -13.74 -22.72
N ARG O 24 4.81 -12.93 -21.88
CA ARG O 24 4.81 -13.22 -20.44
C ARG O 24 4.01 -14.52 -20.20
N GLY O 25 4.40 -15.35 -19.24
CA GLY O 25 3.40 -16.40 -18.79
C GLY O 25 3.95 -17.78 -19.03
N ALA O 26 3.06 -18.77 -19.01
CA ALA O 26 3.55 -20.16 -19.08
C ALA O 26 4.17 -20.44 -20.49
N ASP O 27 3.68 -19.76 -21.52
CA ASP O 27 4.18 -19.95 -22.87
C ASP O 27 5.22 -18.91 -23.22
N THR O 28 6.28 -19.27 -23.92
CA THR O 28 7.18 -18.25 -24.34
C THR O 28 7.21 -18.29 -25.89
N ARG O 29 6.38 -17.45 -26.50
CA ARG O 29 6.21 -17.38 -27.93
C ARG O 29 6.39 -15.92 -28.33
N PHE O 30 6.33 -15.62 -29.64
CA PHE O 30 6.48 -14.23 -30.11
C PHE O 30 5.17 -13.51 -30.13
N HIS O 31 5.01 -12.34 -29.51
CA HIS O 31 3.70 -11.72 -29.73
C HIS O 31 3.85 -10.56 -30.71
N HIS O 32 5.05 -10.05 -30.85
CA HIS O 32 5.14 -8.98 -31.82
C HIS O 32 6.63 -8.91 -32.22
N SER O 33 6.86 -8.62 -33.48
CA SER O 33 8.19 -8.42 -33.94
C SER O 33 8.21 -7.01 -34.56
N GLU O 34 8.96 -6.06 -34.00
CA GLU O 34 8.99 -4.68 -34.57
C GLU O 34 10.22 -4.57 -35.49
N LYS O 35 10.00 -4.30 -36.77
CA LYS O 35 11.09 -4.14 -37.73
C LYS O 35 11.59 -2.67 -37.77
N LEU O 36 12.85 -2.46 -37.42
CA LEU O 36 13.47 -1.12 -37.47
C LEU O 36 14.43 -0.96 -38.62
N ASP O 37 14.41 0.21 -39.25
CA ASP O 37 15.38 0.56 -40.27
C ASP O 37 16.56 1.32 -39.64
N LYS O 38 17.65 1.34 -40.38
CA LYS O 38 18.94 1.86 -39.89
C LYS O 38 18.71 3.23 -39.23
N GLY O 39 19.12 3.46 -37.97
CA GLY O 39 19.01 4.85 -37.47
C GLY O 39 17.69 5.06 -36.65
N GLU O 40 16.66 4.19 -36.83
CA GLU O 40 15.43 4.36 -36.00
C GLU O 40 15.68 3.95 -34.58
N VAL O 41 14.94 4.55 -33.63
CA VAL O 41 15.11 4.20 -32.24
C VAL O 41 13.75 3.70 -31.66
N LEU O 42 13.79 2.56 -30.95
CA LEU O 42 12.60 2.10 -30.23
C LEU O 42 12.87 2.11 -28.73
N ILE O 43 11.94 2.70 -27.96
CA ILE O 43 12.05 2.74 -26.56
C ILE O 43 10.86 1.85 -26.02
N ALA O 44 11.19 0.73 -25.40
CA ALA O 44 10.18 -0.31 -25.17
C ALA O 44 10.19 -0.78 -23.72
N GLN O 45 9.01 -0.78 -23.08
CA GLN O 45 8.90 -1.26 -21.71
C GLN O 45 8.74 -2.78 -21.64
N PHE O 46 9.02 -3.36 -20.46
CA PHE O 46 8.41 -4.66 -20.10
C PHE O 46 7.00 -4.35 -19.71
N THR O 47 6.07 -5.32 -19.91
CA THR O 47 4.64 -4.99 -19.76
C THR O 47 3.90 -6.25 -19.28
N GLU O 48 2.59 -6.11 -19.13
CA GLU O 48 1.71 -7.29 -18.90
C GLU O 48 2.00 -8.39 -20.00
N HIS O 49 2.19 -8.00 -21.24
CA HIS O 49 2.32 -9.00 -22.37
C HIS O 49 3.72 -9.43 -22.73
N THR O 50 4.66 -8.58 -22.32
CA THR O 50 6.08 -8.79 -22.69
C THR O 50 7.01 -8.94 -21.44
N SER O 51 7.64 -10.08 -21.25
CA SER O 51 8.53 -10.25 -20.08
C SER O 51 10.00 -10.56 -20.50
N ALA O 52 10.19 -10.67 -21.82
CA ALA O 52 11.54 -10.82 -22.36
C ALA O 52 11.51 -10.22 -23.74
N ILE O 53 12.66 -9.62 -24.15
CA ILE O 53 12.76 -8.98 -25.48
C ILE O 53 13.98 -9.61 -26.16
N LYS O 54 13.83 -10.05 -27.43
CA LYS O 54 15.04 -10.56 -28.18
C LYS O 54 15.36 -9.55 -29.30
N VAL O 55 16.64 -9.21 -29.51
CA VAL O 55 17.00 -8.25 -30.57
C VAL O 55 17.81 -9.05 -31.58
N ARG O 56 17.37 -9.06 -32.84
CA ARG O 56 18.14 -9.71 -33.95
C ARG O 56 18.62 -8.64 -34.93
N GLY O 57 19.86 -8.72 -35.39
CA GLY O 57 20.35 -7.71 -36.30
C GLY O 57 21.33 -6.85 -35.52
N LYS O 58 21.95 -5.95 -36.26
CA LYS O 58 22.95 -5.10 -35.59
C LYS O 58 22.32 -3.90 -34.93
N ALA O 59 22.56 -3.73 -33.63
CA ALA O 59 21.86 -2.67 -32.92
C ALA O 59 22.63 -2.18 -31.65
N TYR O 60 22.37 -0.97 -31.24
CA TYR O 60 22.95 -0.43 -30.00
C TYR O 60 21.81 -0.32 -28.99
N ILE O 61 22.07 -0.90 -27.81
CA ILE O 61 21.02 -1.10 -26.78
C ILE O 61 21.41 -0.50 -25.49
N GLN O 62 20.50 0.32 -24.92
CA GLN O 62 20.78 0.85 -23.55
C GLN O 62 19.73 0.35 -22.56
N THR O 63 20.19 -0.08 -21.39
CA THR O 63 19.28 -0.55 -20.33
C THR O 63 19.85 0.01 -19.05
N ARG O 64 19.13 -0.19 -17.97
CA ARG O 64 19.57 0.23 -16.61
C ARG O 64 20.90 -0.47 -16.31
N HIS O 65 21.21 -1.60 -16.93
CA HIS O 65 22.49 -2.32 -16.63
C HIS O 65 23.74 -1.94 -17.40
N GLY O 66 23.57 -1.02 -18.34
CA GLY O 66 24.72 -0.59 -19.13
C GLY O 66 24.33 -0.59 -20.61
N VAL O 67 25.33 -0.48 -21.48
CA VAL O 67 25.14 -0.55 -22.93
C VAL O 67 25.73 -1.83 -23.49
N ILE O 68 25.23 -2.20 -24.68
CA ILE O 68 25.67 -3.37 -25.34
C ILE O 68 25.22 -3.24 -26.81
N GLU O 69 25.96 -3.88 -27.72
CA GLU O 69 25.48 -3.98 -29.07
C GLU O 69 25.11 -5.44 -29.46
N SER O 70 23.99 -5.64 -30.19
CA SER O 70 23.70 -6.95 -30.80
C SER O 70 24.34 -6.96 -32.22
N GLU O 71 24.70 -8.14 -32.72
CA GLU O 71 25.32 -8.26 -34.06
C GLU O 71 24.52 -9.24 -34.92
N GLY O 72 24.38 -8.90 -36.20
CA GLY O 72 23.42 -9.61 -37.15
C GLY O 72 23.72 -11.04 -37.49
N THR P 3 0.10 8.34 -13.47
CA THR P 3 0.77 9.69 -13.68
C THR P 3 2.32 9.90 -13.26
N ASN P 4 2.93 9.00 -12.45
CA ASN P 4 4.43 9.04 -12.17
C ASN P 4 5.36 8.10 -13.00
N SER P 5 4.95 7.79 -14.23
CA SER P 5 5.72 6.88 -15.04
C SER P 5 6.92 7.66 -15.59
N ASP P 6 7.90 6.94 -16.12
CA ASP P 6 9.04 7.61 -16.75
C ASP P 6 8.67 8.29 -18.04
N PHE P 7 9.52 9.17 -18.51
CA PHE P 7 9.25 9.94 -19.71
C PHE P 7 10.57 10.04 -20.55
N VAL P 8 10.45 10.42 -21.80
CA VAL P 8 11.61 10.56 -22.64
C VAL P 8 11.57 11.99 -23.23
N VAL P 9 12.74 12.59 -23.50
CA VAL P 9 12.80 13.92 -24.06
C VAL P 9 13.30 13.76 -25.53
N ILE P 10 12.57 14.34 -26.48
CA ILE P 10 12.96 14.21 -27.90
C ILE P 10 13.08 15.63 -28.54
N LYS P 11 14.27 15.95 -29.05
CA LYS P 11 14.43 17.21 -29.81
C LYS P 11 14.68 16.86 -31.30
N ALA P 12 13.74 17.36 -32.13
CA ALA P 12 13.86 17.11 -33.57
C ALA P 12 15.11 17.85 -34.11
N LEU P 13 15.94 17.12 -34.84
CA LEU P 13 17.12 17.77 -35.47
C LEU P 13 16.85 18.17 -36.93
N GLU P 14 15.64 17.93 -37.43
CA GLU P 14 15.32 18.33 -38.89
C GLU P 14 13.80 18.32 -38.89
N ASP P 15 13.16 18.81 -39.95
CA ASP P 15 11.71 18.83 -40.09
C ASP P 15 11.15 17.43 -40.29
N GLY P 16 9.90 17.17 -39.86
CA GLY P 16 9.28 15.90 -40.15
C GLY P 16 9.65 14.69 -39.32
N VAL P 17 10.32 14.88 -38.18
CA VAL P 17 10.53 13.84 -37.24
C VAL P 17 9.16 13.33 -36.72
N ASN P 18 9.00 12.02 -36.64
CA ASN P 18 7.79 11.43 -36.09
C ASN P 18 8.11 10.78 -34.76
N VAL P 19 7.33 11.15 -33.75
CA VAL P 19 7.42 10.41 -32.50
C VAL P 19 6.17 9.55 -32.45
N ILE P 20 6.32 8.25 -32.49
CA ILE P 20 5.13 7.41 -32.66
C ILE P 20 4.88 6.63 -31.38
N GLY P 21 3.68 6.65 -30.90
CA GLY P 21 3.37 5.95 -29.64
C GLY P 21 2.75 4.62 -30.03
N LEU P 22 3.35 3.53 -29.55
CA LEU P 22 2.81 2.20 -29.83
C LEU P 22 1.88 1.73 -28.72
N THR P 23 0.75 1.07 -29.10
CA THR P 23 -0.28 0.71 -28.16
C THR P 23 0.26 -0.28 -27.13
N ARG P 24 -0.04 -0.02 -25.85
CA ARG P 24 -0.01 -1.03 -24.75
C ARG P 24 -0.99 -2.19 -25.06
N GLY P 25 -0.60 -3.40 -24.72
CA GLY P 25 -1.67 -4.48 -24.54
C GLY P 25 -1.27 -5.60 -25.57
N ALA P 26 -2.23 -6.45 -25.88
CA ALA P 26 -2.09 -7.55 -26.80
C ALA P 26 -1.71 -7.09 -28.25
N ASP P 27 -2.27 -6.01 -28.70
CA ASP P 27 -1.91 -5.47 -30.02
C ASP P 27 -0.78 -4.45 -29.95
N THR P 28 0.05 -4.37 -30.98
CA THR P 28 1.06 -3.36 -31.03
C THR P 28 0.86 -2.60 -32.35
N ARG P 29 0.13 -1.52 -32.26
CA ARG P 29 -0.18 -0.72 -33.44
C ARG P 29 0.16 0.74 -33.08
N PHE P 30 -0.09 1.68 -33.98
CA PHE P 30 0.25 3.06 -33.74
C PHE P 30 -1.00 3.68 -33.19
N HIS P 31 -0.91 4.49 -32.14
CA HIS P 31 -2.13 5.20 -31.74
C HIS P 31 -1.96 6.64 -31.92
N HIS P 32 -0.73 7.13 -31.97
CA HIS P 32 -0.61 8.51 -32.34
C HIS P 32 0.82 8.70 -32.92
N SER P 33 0.95 9.61 -33.88
CA SER P 33 2.22 9.92 -34.35
C SER P 33 2.40 11.49 -34.25
N GLU P 34 3.31 11.99 -33.42
CA GLU P 34 3.43 13.43 -33.33
C GLU P 34 4.52 13.87 -34.34
N LYS P 35 4.19 14.82 -35.19
CA LYS P 35 5.17 15.34 -36.13
C LYS P 35 5.84 16.60 -35.54
N LEU P 36 7.17 16.58 -35.50
CA LEU P 36 7.94 17.67 -34.93
C LEU P 36 8.80 18.40 -35.97
N ASP P 37 8.82 19.72 -35.92
CA ASP P 37 9.66 20.49 -36.80
C ASP P 37 11.05 20.70 -36.13
N LYS P 38 12.05 21.06 -36.96
CA LYS P 38 13.42 21.21 -36.51
C LYS P 38 13.44 22.07 -35.23
N GLY P 39 14.03 21.55 -34.16
CA GLY P 39 14.24 22.43 -33.02
C GLY P 39 13.13 22.21 -31.97
N GLU P 40 11.99 21.60 -32.34
CA GLU P 40 10.87 21.48 -31.36
C GLU P 40 11.19 20.37 -30.39
N VAL P 41 10.69 20.51 -29.15
CA VAL P 41 10.99 19.46 -28.11
C VAL P 41 9.64 18.80 -27.67
N LEU P 42 9.62 17.49 -27.68
CA LEU P 42 8.48 16.74 -27.07
C LEU P 42 9.00 15.96 -25.82
N ILE P 43 8.32 16.09 -24.68
CA ILE P 43 8.59 15.37 -23.50
C ILE P 43 7.37 14.48 -23.28
N ALA P 44 7.58 13.18 -23.31
CA ALA P 44 6.40 12.24 -23.39
C ALA P 44 6.61 11.08 -22.42
N GLN P 45 5.53 10.72 -21.66
CA GLN P 45 5.58 9.63 -20.71
C GLN P 45 5.22 8.33 -21.42
N PHE P 46 5.60 7.24 -20.77
CA PHE P 46 4.84 5.95 -20.91
C PHE P 46 3.54 6.03 -20.17
N THR P 47 2.46 5.43 -20.71
CA THR P 47 1.14 5.72 -20.14
C THR P 47 0.26 4.43 -20.24
N GLU P 48 -0.97 4.55 -19.75
CA GLU P 48 -1.96 3.45 -19.91
C GLU P 48 -2.03 3.01 -21.41
N HIS P 49 -1.92 3.98 -22.32
CA HIS P 49 -2.10 3.79 -23.76
C HIS P 49 -0.83 3.53 -24.52
N THR P 50 0.32 3.97 -23.98
CA THR P 50 1.64 3.94 -24.72
C THR P 50 2.66 3.16 -23.95
N SER P 51 3.10 2.00 -24.47
CA SER P 51 4.08 1.18 -23.74
C SER P 51 5.38 1.07 -24.54
N ALA P 52 5.42 1.70 -25.73
CA ALA P 52 6.66 1.73 -26.52
C ALA P 52 6.59 2.99 -27.38
N ILE P 53 7.74 3.62 -27.66
CA ILE P 53 7.74 4.84 -28.45
C ILE P 53 8.77 4.58 -29.54
N LYS P 54 8.38 4.89 -30.77
CA LYS P 54 9.32 4.76 -31.92
C LYS P 54 9.65 6.13 -32.47
N VAL P 55 10.93 6.43 -32.79
CA VAL P 55 11.23 7.79 -33.31
C VAL P 55 11.80 7.60 -34.70
N ARG P 56 11.21 8.27 -35.70
CA ARG P 56 11.69 8.24 -37.08
C ARG P 56 12.20 9.61 -37.43
N GLY P 57 13.33 9.69 -38.08
CA GLY P 57 13.87 10.98 -38.43
C GLY P 57 15.03 11.28 -37.46
N LYS P 58 15.75 12.35 -37.77
CA LYS P 58 16.89 12.74 -36.97
C LYS P 58 16.48 13.52 -35.73
N ALA P 59 16.90 13.05 -34.58
CA ALA P 59 16.41 13.64 -33.28
C ALA P 59 17.38 13.31 -32.14
N TYR P 60 17.44 14.16 -31.12
CA TYR P 60 18.31 13.96 -30.04
C TYR P 60 17.39 13.56 -28.85
N ILE P 61 17.74 12.43 -28.19
CA ILE P 61 16.82 11.74 -27.27
C ILE P 61 17.52 11.60 -25.93
N GLN P 62 16.86 12.05 -24.85
CA GLN P 62 17.35 11.83 -23.43
C GLN P 62 16.38 10.87 -22.70
N THR P 63 16.90 9.91 -21.97
CA THR P 63 16.05 9.09 -21.13
C THR P 63 16.82 8.86 -19.83
N ARG P 64 16.24 8.13 -18.89
CA ARG P 64 16.92 7.74 -17.65
C ARG P 64 18.21 7.02 -17.99
N HIS P 65 18.25 6.29 -19.14
CA HIS P 65 19.45 5.48 -19.38
C HIS P 65 20.53 6.19 -20.18
N GLY P 66 20.37 7.46 -20.46
CA GLY P 66 21.51 8.17 -21.09
C GLY P 66 20.92 8.88 -22.30
N VAL P 67 21.77 9.24 -23.26
CA VAL P 67 21.34 10.04 -24.42
C VAL P 67 21.60 9.24 -25.71
N ILE P 68 20.94 9.56 -26.82
CA ILE P 68 21.18 8.82 -28.04
C ILE P 68 20.58 9.66 -29.17
N GLU P 69 21.06 9.45 -30.40
CA GLU P 69 20.45 10.14 -31.53
C GLU P 69 19.83 9.16 -32.51
N SER P 70 18.62 9.44 -32.97
CA SER P 70 18.06 8.70 -34.10
C SER P 70 18.51 9.40 -35.37
N GLU P 71 18.48 8.69 -36.48
CA GLU P 71 18.98 9.21 -37.73
C GLU P 71 18.02 8.90 -38.89
N GLY P 72 18.03 9.88 -39.82
CA GLY P 72 17.14 10.07 -40.98
C GLY P 72 16.96 8.85 -41.85
N THR Q 3 -0.39 13.85 -6.99
CA THR Q 3 0.24 15.18 -6.93
C THR Q 3 1.83 15.15 -6.75
N ASN Q 4 2.45 13.95 -6.67
CA ASN Q 4 3.92 13.86 -6.66
C ASN Q 4 4.64 13.47 -7.96
N SER Q 5 4.03 13.78 -9.10
CA SER Q 5 4.54 13.40 -10.36
C SER Q 5 5.73 14.34 -10.70
N ASP Q 6 6.58 13.91 -11.62
CA ASP Q 6 7.67 14.67 -12.15
C ASP Q 6 7.20 16.00 -12.73
N PHE Q 7 8.13 16.92 -12.90
CA PHE Q 7 7.84 18.18 -13.50
C PHE Q 7 9.01 18.60 -14.37
N VAL Q 8 8.73 19.50 -15.28
CA VAL Q 8 9.78 20.11 -16.13
C VAL Q 8 9.86 21.61 -15.82
N VAL Q 9 11.07 22.20 -15.96
CA VAL Q 9 11.27 23.61 -15.80
C VAL Q 9 11.53 24.19 -17.20
N ILE Q 10 10.82 25.24 -17.55
CA ILE Q 10 11.00 25.88 -18.87
C ILE Q 10 11.22 27.39 -18.78
N LYS Q 11 12.33 27.89 -19.34
CA LYS Q 11 12.52 29.34 -19.36
C LYS Q 11 12.49 29.83 -20.79
N ALA Q 12 11.65 30.83 -21.04
CA ALA Q 12 11.55 31.37 -22.41
C ALA Q 12 12.80 32.19 -22.74
N LEU Q 13 13.42 31.91 -23.90
CA LEU Q 13 14.54 32.72 -24.36
C LEU Q 13 14.14 33.75 -25.41
N GLU Q 14 12.84 33.81 -25.74
CA GLU Q 14 12.32 34.86 -26.66
C GLU Q 14 10.82 34.95 -26.34
N ASP Q 15 10.17 35.98 -26.85
CA ASP Q 15 8.75 36.20 -26.68
C ASP Q 15 7.91 35.17 -27.45
N GLY Q 16 6.72 34.82 -26.96
CA GLY Q 16 5.87 33.88 -27.67
C GLY Q 16 6.20 32.39 -27.64
N VAL Q 17 7.02 31.92 -26.70
CA VAL Q 17 7.27 30.51 -26.48
C VAL Q 17 5.94 29.89 -26.13
N ASN Q 18 5.68 28.70 -26.64
CA ASN Q 18 4.39 28.02 -26.27
C ASN Q 18 4.75 26.76 -25.59
N VAL Q 19 4.21 26.56 -24.38
CA VAL Q 19 4.36 25.32 -23.74
C VAL Q 19 2.98 24.59 -23.86
N ILE Q 20 2.90 23.53 -24.64
CA ILE Q 20 1.60 22.97 -24.94
C ILE Q 20 1.39 21.65 -24.14
N GLY Q 21 0.30 21.54 -23.38
CA GLY Q 21 -0.01 20.24 -22.72
C GLY Q 21 -0.80 19.35 -23.65
N LEU Q 22 -0.31 18.17 -23.97
CA LEU Q 22 -1.07 17.17 -24.74
C LEU Q 22 -1.86 16.26 -23.81
N THR Q 23 -3.11 15.94 -24.22
CA THR Q 23 -3.99 15.16 -23.40
C THR Q 23 -3.46 13.75 -23.14
N ARG Q 24 -3.54 13.35 -21.86
CA ARG Q 24 -3.51 11.95 -21.47
C ARG Q 24 -4.71 11.19 -22.13
N GLY Q 25 -4.55 9.94 -22.52
CA GLY Q 25 -5.70 9.08 -22.83
C GLY Q 25 -5.55 8.58 -24.24
N ALA Q 26 -6.63 8.04 -24.72
CA ALA Q 26 -6.71 7.50 -26.03
C ALA Q 26 -6.54 8.61 -27.09
N ASP Q 27 -7.00 9.81 -26.83
CA ASP Q 27 -6.73 10.95 -27.71
C ASP Q 27 -5.48 11.75 -27.38
N THR Q 28 -4.84 12.29 -28.39
CA THR Q 28 -3.71 13.15 -28.16
C THR Q 28 -4.00 14.46 -28.91
N ARG Q 29 -4.54 15.43 -28.18
CA ARG Q 29 -4.91 16.75 -28.66
C ARG Q 29 -4.30 17.76 -27.68
N PHE Q 30 -4.50 19.03 -27.96
CA PHE Q 30 -3.97 20.08 -27.08
C PHE Q 30 -5.01 20.40 -26.06
N HIS Q 31 -4.67 20.37 -24.78
CA HIS Q 31 -5.71 20.90 -23.86
C HIS Q 31 -5.37 22.27 -23.35
N HIS Q 32 -4.10 22.66 -23.43
CA HIS Q 32 -3.76 24.01 -23.07
C HIS Q 32 -2.46 24.41 -23.70
N SER Q 33 -2.34 25.68 -24.00
CA SER Q 33 -1.10 26.20 -24.52
C SER Q 33 -0.67 27.46 -23.73
N GLU Q 34 0.36 27.37 -22.92
CA GLU Q 34 0.78 28.53 -22.13
C GLU Q 34 1.82 29.37 -22.92
N LYS Q 35 1.55 30.66 -23.10
CA LYS Q 35 2.44 31.53 -23.88
C LYS Q 35 3.35 32.26 -22.92
N LEU Q 36 4.65 32.13 -23.09
CA LEU Q 36 5.58 32.82 -22.16
C LEU Q 36 6.35 33.82 -22.93
N ASP Q 37 6.65 34.91 -22.26
CA ASP Q 37 7.48 35.99 -22.70
C ASP Q 37 8.90 35.77 -22.28
N LYS Q 38 9.83 36.48 -22.98
CA LYS Q 38 11.28 36.23 -22.83
C LYS Q 38 11.59 36.34 -21.34
N GLY Q 39 12.28 35.36 -20.75
CA GLY Q 39 12.67 35.47 -19.36
C GLY Q 39 11.73 34.78 -18.37
N GLU Q 40 10.44 34.56 -18.71
CA GLU Q 40 9.52 33.92 -17.72
C GLU Q 40 9.81 32.46 -17.60
N VAL Q 41 9.54 31.89 -16.43
CA VAL Q 41 9.90 30.51 -16.20
C VAL Q 41 8.55 29.81 -15.82
N LEU Q 42 8.31 28.65 -16.41
CA LEU Q 42 7.10 27.87 -16.07
C LEU Q 42 7.65 26.56 -15.50
N ILE Q 43 7.11 26.10 -14.38
CA ILE Q 43 7.50 24.83 -13.82
C ILE Q 43 6.18 24.00 -13.84
N ALA Q 44 6.20 22.90 -14.60
CA ALA Q 44 4.92 22.23 -14.95
C ALA Q 44 5.03 20.70 -14.75
N GLN Q 45 4.03 20.10 -14.09
CA GLN Q 45 4.00 18.67 -13.84
C GLN Q 45 3.33 17.90 -14.95
N PHE Q 46 3.57 16.60 -15.00
CA PHE Q 46 2.72 15.68 -15.70
C PHE Q 46 1.59 15.39 -14.71
N THR Q 47 0.37 15.18 -15.22
CA THR Q 47 -0.83 15.22 -14.36
C THR Q 47 -1.86 14.25 -14.92
N GLU Q 48 -3.00 14.21 -14.28
CA GLU Q 48 -4.13 13.46 -14.75
C GLU Q 48 -4.46 13.81 -16.20
N HIS Q 49 -4.36 15.10 -16.53
CA HIS Q 49 -4.75 15.59 -17.86
C HIS Q 49 -3.62 15.71 -18.88
N THR Q 50 -2.38 15.83 -18.39
CA THR Q 50 -1.19 16.07 -19.29
C THR Q 50 -0.17 14.91 -19.22
N SER Q 51 0.04 14.17 -20.31
CA SER Q 51 1.02 13.07 -20.27
C SER Q 51 2.14 13.31 -21.31
N ALA Q 52 2.07 14.42 -22.03
CA ALA Q 52 3.21 14.80 -22.93
C ALA Q 52 3.17 16.34 -22.99
N ILE Q 53 4.33 16.95 -23.16
CA ILE Q 53 4.39 18.39 -23.18
C ILE Q 53 5.22 18.75 -24.42
N LYS Q 54 4.71 19.64 -25.30
CA LYS Q 54 5.48 20.07 -26.53
C LYS Q 54 5.91 21.52 -26.35
N VAL Q 55 7.19 21.88 -26.65
CA VAL Q 55 7.63 23.27 -26.48
C VAL Q 55 7.92 23.81 -27.88
N ARG Q 56 7.26 24.91 -28.26
CA ARG Q 56 7.56 25.58 -29.54
C ARG Q 56 8.23 26.92 -29.21
N GLY Q 57 9.23 27.34 -30.00
CA GLY Q 57 9.95 28.56 -29.66
C GLY Q 57 11.26 28.24 -28.91
N LYS Q 58 12.06 29.29 -28.80
CA LYS Q 58 13.36 29.19 -28.16
C LYS Q 58 13.23 29.15 -26.62
N ALA Q 59 13.72 28.10 -25.97
CA ALA Q 59 13.54 27.93 -24.52
C ALA Q 59 14.68 27.11 -23.95
N TYR Q 60 15.01 27.34 -22.70
CA TYR Q 60 15.89 26.46 -21.99
C TYR Q 60 15.07 25.55 -21.00
N ILE Q 61 15.34 24.25 -21.11
CA ILE Q 61 14.46 23.23 -20.41
C ILE Q 61 15.32 22.41 -19.45
N GLN Q 62 14.87 22.23 -18.20
CA GLN Q 62 15.57 21.30 -17.26
C GLN Q 62 14.56 20.17 -16.93
N THR Q 63 15.03 18.93 -16.99
CA THR Q 63 14.22 17.82 -16.47
C THR Q 63 15.12 16.99 -15.65
N ARG Q 64 14.60 15.87 -15.17
CA ARG Q 64 15.35 14.92 -14.37
C ARG Q 64 16.41 14.31 -15.24
N HIS Q 65 16.20 14.29 -16.57
CA HIS Q 65 17.28 13.63 -17.44
C HIS Q 65 18.35 14.56 -17.96
N GLY Q 66 18.33 15.82 -17.55
CA GLY Q 66 19.44 16.70 -18.02
C GLY Q 66 18.77 18.01 -18.49
N VAL Q 67 19.51 18.81 -19.26
CA VAL Q 67 19.08 20.14 -19.70
C VAL Q 67 19.12 20.11 -21.26
N ILE Q 68 18.38 21.00 -21.89
CA ILE Q 68 18.31 21.03 -23.36
C ILE Q 68 17.63 22.30 -23.73
N GLU Q 69 17.89 22.82 -24.95
CA GLU Q 69 17.11 23.96 -25.42
C GLU Q 69 16.28 23.59 -26.63
N SER Q 70 15.05 24.09 -26.68
CA SER Q 70 14.25 24.08 -27.91
C SER Q 70 14.65 25.27 -28.80
N GLU Q 71 14.50 25.11 -30.10
CA GLU Q 71 14.73 26.22 -31.04
C GLU Q 71 13.47 26.30 -31.96
N GLY Q 72 13.00 27.48 -32.28
CA GLY Q 72 11.60 27.62 -32.89
C GLY Q 72 11.75 29.00 -33.40
N THR R 3 0.68 15.77 1.08
CA THR R 3 1.47 16.80 1.82
C THR R 3 2.99 16.58 1.63
N ASN R 4 3.32 15.53 0.89
CA ASN R 4 4.69 15.13 0.60
C ASN R 4 5.24 15.44 -0.85
N SER R 5 4.64 16.38 -1.56
CA SER R 5 4.96 16.58 -2.96
C SER R 5 6.24 17.47 -3.03
N ASP R 6 6.87 17.50 -4.19
CA ASP R 6 8.03 18.37 -4.39
C ASP R 6 7.68 19.88 -4.29
N PHE R 7 8.70 20.72 -4.12
CA PHE R 7 8.47 22.09 -3.95
C PHE R 7 9.55 22.92 -4.68
N VAL R 8 9.29 24.18 -4.87
CA VAL R 8 10.32 25.07 -5.51
C VAL R 8 10.66 26.24 -4.57
N VAL R 9 11.90 26.78 -4.67
CA VAL R 9 12.32 27.88 -3.80
C VAL R 9 12.54 29.06 -4.79
N ILE R 10 11.92 30.21 -4.49
CA ILE R 10 11.95 31.42 -5.34
C ILE R 10 12.36 32.60 -4.45
N LYS R 11 13.51 33.21 -4.78
CA LYS R 11 13.96 34.43 -4.17
C LYS R 11 13.80 35.60 -5.15
N ALA R 12 13.02 36.59 -4.74
CA ALA R 12 12.79 37.75 -5.57
C ALA R 12 14.09 38.56 -5.63
N LEU R 13 14.52 38.87 -6.84
CA LEU R 13 15.67 39.80 -7.09
C LEU R 13 15.28 41.24 -7.35
N GLU R 14 13.98 41.51 -7.30
CA GLU R 14 13.51 42.91 -7.38
C GLU R 14 12.09 42.96 -6.74
N ASP R 15 11.53 44.16 -6.70
CA ASP R 15 10.17 44.30 -6.22
C ASP R 15 9.14 43.89 -7.26
N GLY R 16 7.98 43.39 -6.80
CA GLY R 16 6.89 43.09 -7.68
C GLY R 16 7.04 41.77 -8.48
N VAL R 17 7.92 40.85 -8.08
CA VAL R 17 7.95 39.51 -8.64
C VAL R 17 6.58 38.84 -8.33
N ASN R 18 6.02 38.13 -9.32
CA ASN R 18 4.76 37.36 -9.15
C ASN R 18 5.04 35.90 -9.26
N VAL R 19 4.58 35.14 -8.28
CA VAL R 19 4.72 33.70 -8.34
C VAL R 19 3.27 33.20 -8.46
N ILE R 20 2.96 32.53 -9.56
CA ILE R 20 1.55 32.40 -9.93
C ILE R 20 1.20 30.92 -9.95
N GLY R 21 0.27 30.49 -9.12
CA GLY R 21 -0.13 29.04 -9.13
C GLY R 21 -1.18 28.83 -10.23
N LEU R 22 -0.92 27.96 -11.20
CA LEU R 22 -1.95 27.59 -12.21
C LEU R 22 -2.76 26.37 -11.68
N THR R 23 -4.06 26.31 -12.00
CA THR R 23 -4.92 25.30 -11.52
C THR R 23 -4.60 23.97 -12.08
N ARG R 24 -4.59 22.98 -11.21
CA ARG R 24 -4.68 21.57 -11.59
C ARG R 24 -6.05 21.28 -12.24
N GLY R 25 -6.05 20.35 -13.21
CA GLY R 25 -7.32 19.71 -13.66
C GLY R 25 -7.51 20.13 -15.10
N ALA R 26 -8.76 20.10 -15.55
CA ALA R 26 -9.01 20.26 -17.01
C ALA R 26 -8.83 21.74 -17.40
N ASP R 27 -8.92 22.65 -16.47
CA ASP R 27 -8.73 24.07 -16.74
C ASP R 27 -7.35 24.54 -16.26
N THR R 28 -6.77 25.49 -16.95
CA THR R 28 -5.52 26.08 -16.58
C THR R 28 -5.72 27.60 -16.49
N ARG R 29 -6.03 28.05 -15.30
CA ARG R 29 -6.33 29.46 -15.03
C ARG R 29 -5.43 29.75 -13.85
N PHE R 30 -5.34 31.01 -13.45
CA PHE R 30 -4.55 31.36 -12.28
C PHE R 30 -5.43 31.18 -11.06
N HIS R 31 -5.00 30.45 -10.02
CA HIS R 31 -5.80 30.55 -8.75
C HIS R 31 -5.16 31.46 -7.71
N HIS R 32 -3.83 31.69 -7.74
CA HIS R 32 -3.35 32.70 -6.81
C HIS R 32 -2.08 33.29 -7.39
N SER R 33 -1.91 34.57 -7.14
CA SER R 33 -0.71 35.24 -7.59
C SER R 33 0.00 35.84 -6.38
N GLU R 34 1.14 35.30 -5.96
CA GLU R 34 1.78 35.79 -4.75
C GLU R 34 2.76 36.92 -5.18
N LYS R 35 2.58 38.12 -4.64
CA LYS R 35 3.54 39.23 -4.89
C LYS R 35 4.74 39.27 -3.95
N LEU R 36 5.96 39.16 -4.48
CA LEU R 36 7.16 39.20 -3.63
C LEU R 36 7.95 40.47 -3.80
N ASP R 37 8.42 41.06 -2.68
CA ASP R 37 9.38 42.15 -2.73
C ASP R 37 10.79 41.63 -2.73
N LYS R 38 11.68 42.53 -3.14
CA LYS R 38 13.11 42.20 -3.35
C LYS R 38 13.69 41.47 -2.11
N GLY R 39 14.30 40.30 -2.33
CA GLY R 39 14.94 39.68 -1.19
C GLY R 39 14.01 38.66 -0.47
N GLU R 40 12.68 38.73 -0.62
CA GLU R 40 11.80 37.70 0.03
C GLU R 40 11.97 36.35 -0.62
N VAL R 41 11.76 35.28 0.14
CA VAL R 41 11.82 33.93 -0.39
C VAL R 41 10.48 33.21 -0.12
N LEU R 42 9.99 32.57 -1.17
CA LEU R 42 8.76 31.73 -1.10
C LEU R 42 9.18 30.31 -1.44
N ILE R 43 8.74 29.34 -0.62
CA ILE R 43 9.04 27.92 -0.81
C ILE R 43 7.65 27.23 -1.01
N ALA R 44 7.37 26.77 -2.21
CA ALA R 44 5.92 26.53 -2.60
C ALA R 44 5.83 25.11 -3.23
N GLN R 45 4.93 24.29 -2.68
CA GLN R 45 4.73 22.93 -3.17
C GLN R 45 3.86 22.90 -4.45
N PHE R 46 3.97 21.82 -5.23
CA PHE R 46 2.83 21.33 -6.00
C PHE R 46 1.79 20.69 -5.07
N THR R 47 0.51 20.87 -5.41
CA THR R 47 -0.57 20.54 -4.48
C THR R 47 -1.82 20.05 -5.22
N GLU R 48 -2.87 19.64 -4.50
CA GLU R 48 -4.14 19.36 -5.12
C GLU R 48 -4.59 20.52 -6.04
N HIS R 49 -4.33 21.77 -5.63
CA HIS R 49 -4.78 22.93 -6.41
C HIS R 49 -3.83 23.48 -7.44
N THR R 50 -2.54 23.19 -7.29
CA THR R 50 -1.52 23.79 -8.15
C THR R 50 -0.70 22.66 -8.83
N SER R 51 -0.75 22.56 -10.17
CA SER R 51 0.08 21.58 -10.95
C SER R 51 1.11 22.27 -11.87
N ALA R 52 1.18 23.61 -11.82
CA ALA R 52 2.22 24.36 -12.66
C ALA R 52 2.36 25.70 -12.02
N ILE R 53 3.57 26.27 -12.04
CA ILE R 53 3.86 27.54 -11.37
C ILE R 53 4.56 28.41 -12.39
N LYS R 54 4.04 29.63 -12.57
CA LYS R 54 4.73 30.59 -13.51
C LYS R 54 5.35 31.70 -12.67
N VAL R 55 6.58 32.14 -13.03
CA VAL R 55 7.22 33.20 -12.27
C VAL R 55 7.41 34.37 -13.23
N ARG R 56 6.85 35.56 -12.98
CA ARG R 56 7.19 36.79 -13.75
C ARG R 56 8.03 37.72 -12.90
N GLY R 57 8.99 38.41 -13.51
CA GLY R 57 9.88 39.20 -12.69
C GLY R 57 11.23 38.52 -12.52
N LYS R 58 12.19 39.31 -12.09
CA LYS R 58 13.53 38.83 -11.84
C LYS R 58 13.63 38.05 -10.49
N ALA R 59 14.04 36.78 -10.56
CA ALA R 59 14.08 35.87 -9.40
C ALA R 59 15.09 34.75 -9.56
N TYR R 60 15.56 34.22 -8.44
CA TYR R 60 16.47 33.16 -8.45
C TYR R 60 15.68 31.93 -7.92
N ILE R 61 15.73 30.84 -8.67
CA ILE R 61 14.81 29.70 -8.42
C ILE R 61 15.63 28.44 -8.21
N GLN R 62 15.33 27.63 -7.17
CA GLN R 62 15.95 26.32 -7.00
C GLN R 62 14.85 25.25 -7.07
N THR R 63 15.08 24.18 -7.85
CA THR R 63 14.22 23.01 -7.83
C THR R 63 15.14 21.84 -7.80
N ARG R 64 14.54 20.65 -7.68
CA ARG R 64 15.22 19.35 -7.71
C ARG R 64 16.12 19.24 -8.95
N HIS R 65 15.74 19.92 -10.03
CA HIS R 65 16.55 19.75 -11.31
C HIS R 65 17.61 20.81 -11.49
N GLY R 66 17.80 21.67 -10.54
CA GLY R 66 18.99 22.59 -10.55
C GLY R 66 18.44 24.00 -10.29
N VAL R 67 19.20 25.02 -10.74
CA VAL R 67 18.92 26.40 -10.38
C VAL R 67 18.76 27.14 -11.70
N ILE R 68 17.97 28.22 -11.66
CA ILE R 68 17.71 29.03 -12.86
C ILE R 68 17.29 30.43 -12.38
N GLU R 69 17.49 31.47 -13.20
CA GLU R 69 16.89 32.72 -12.88
C GLU R 69 15.82 33.11 -13.91
N SER R 70 14.66 33.57 -13.42
CA SER R 70 13.73 34.27 -14.31
C SER R 70 14.18 35.73 -14.53
N GLU R 71 13.73 36.32 -15.63
CA GLU R 71 14.04 37.71 -15.98
C GLU R 71 12.73 38.43 -16.36
N GLY R 72 12.50 39.65 -15.90
CA GLY R 72 11.24 40.36 -16.21
C GLY R 72 11.49 41.42 -17.23
N THR S 3 2.95 12.58 8.62
CA THR S 3 3.84 13.38 9.48
C THR S 3 5.36 13.28 8.97
N ASN S 4 5.52 12.71 7.75
CA ASN S 4 6.84 12.52 7.08
C ASN S 4 7.19 13.49 5.92
N SER S 5 6.60 14.67 5.89
CA SER S 5 6.81 15.52 4.73
C SER S 5 8.19 16.21 4.92
N ASP S 6 8.63 16.87 3.89
CA ASP S 6 9.90 17.61 3.96
C ASP S 6 9.77 18.87 4.82
N PHE S 7 10.90 19.44 5.19
CA PHE S 7 10.87 20.56 6.08
C PHE S 7 11.92 21.52 5.58
N VAL S 8 11.88 22.74 6.09
CA VAL S 8 12.92 23.73 5.75
C VAL S 8 13.57 24.18 7.09
N VAL S 9 14.83 24.64 7.03
CA VAL S 9 15.48 25.17 8.24
C VAL S 9 15.71 26.69 8.03
N ILE S 10 15.32 27.52 9.01
CA ILE S 10 15.48 28.92 8.89
C ILE S 10 16.22 29.47 10.14
N LYS S 11 17.39 30.10 9.87
CA LYS S 11 18.11 30.85 10.90
C LYS S 11 17.95 32.36 10.71
N ALA S 12 17.40 33.06 11.71
CA ALA S 12 17.16 34.50 11.56
C ALA S 12 18.54 35.22 11.61
N LEU S 13 18.81 36.10 10.66
CA LEU S 13 20.09 36.88 10.76
C LEU S 13 19.90 38.30 11.25
N GLU S 14 18.66 38.64 11.64
CA GLU S 14 18.38 39.93 12.37
C GLU S 14 17.07 39.73 13.14
N ASP S 15 16.75 40.61 14.05
CA ASP S 15 15.46 40.56 14.71
C ASP S 15 14.31 40.81 13.80
N GLY S 16 13.15 40.24 14.13
CA GLY S 16 11.93 40.57 13.38
C GLY S 16 11.67 39.73 12.12
N VAL S 17 12.50 38.72 11.86
CA VAL S 17 12.26 37.79 10.74
C VAL S 17 10.88 37.18 10.90
N ASN S 18 10.08 37.20 9.86
CA ASN S 18 8.79 36.51 9.88
C ASN S 18 8.86 35.25 8.98
N VAL S 19 8.56 34.07 9.54
CA VAL S 19 8.32 32.86 8.74
C VAL S 19 6.80 32.62 8.67
N ILE S 20 6.20 32.76 7.49
CA ILE S 20 4.79 32.81 7.40
C ILE S 20 4.30 31.51 6.71
N GLY S 21 3.37 30.82 7.37
CA GLY S 21 2.81 29.61 6.75
C GLY S 21 1.57 30.02 5.92
N LEU S 22 1.62 29.75 4.62
CA LEU S 22 0.46 29.96 3.76
C LEU S 22 -0.44 28.69 3.73
N THR S 23 -1.75 28.94 3.66
CA THR S 23 -2.76 27.87 3.70
C THR S 23 -2.69 26.98 2.45
N ARG S 24 -2.65 25.69 2.73
CA ARG S 24 -3.05 24.67 1.79
C ARG S 24 -4.46 24.89 1.32
N GLY S 25 -4.75 24.70 0.01
CA GLY S 25 -6.17 24.57 -0.36
C GLY S 25 -6.57 25.59 -1.41
N ALA S 26 -7.87 25.84 -1.49
CA ALA S 26 -8.38 26.73 -2.56
C ALA S 26 -7.99 28.18 -2.25
N ASP S 27 -7.75 28.43 -0.98
CA ASP S 27 -7.39 29.71 -0.47
C ASP S 27 -5.89 29.79 -0.17
N THR S 28 -5.30 30.95 -0.42
CA THR S 28 -3.92 31.19 -0.06
C THR S 28 -3.78 32.45 0.82
N ARG S 29 -3.95 32.24 2.12
CA ARG S 29 -3.98 33.29 3.12
C ARG S 29 -2.93 32.90 4.17
N PHE S 30 -2.69 33.73 5.18
CA PHE S 30 -1.68 33.42 6.16
C PHE S 30 -2.34 32.66 7.28
N HIS S 31 -1.83 31.51 7.69
CA HIS S 31 -2.47 30.92 8.88
C HIS S 31 -1.62 31.08 10.12
N HIS S 32 -0.32 31.30 9.97
CA HIS S 32 0.46 31.68 11.13
C HIS S 32 1.77 32.40 10.66
N SER S 33 2.30 33.27 11.49
CA SER S 33 3.49 33.97 11.16
C SER S 33 4.33 33.85 12.42
N GLU S 34 5.46 33.15 12.32
CA GLU S 34 6.29 32.96 13.49
C GLU S 34 7.37 34.00 13.44
N LYS S 35 7.52 34.76 14.53
CA LYS S 35 8.49 35.84 14.53
C LYS S 35 9.74 35.36 15.19
N LEU S 36 10.89 35.55 14.53
CA LEU S 36 12.16 35.05 15.04
C LEU S 36 13.16 36.17 15.36
N ASP S 37 13.87 35.99 16.46
CA ASP S 37 14.92 36.92 16.86
C ASP S 37 16.25 36.43 16.31
N LYS S 38 17.16 37.35 16.14
CA LYS S 38 18.44 37.10 15.56
C LYS S 38 19.12 35.84 16.12
N GLY S 39 19.55 34.89 15.25
CA GLY S 39 20.20 33.73 15.77
C GLY S 39 19.22 32.56 16.08
N GLU S 40 17.92 32.81 16.17
CA GLU S 40 16.98 31.70 16.48
C GLU S 40 16.86 30.79 15.30
N VAL S 41 16.61 29.49 15.53
CA VAL S 41 16.44 28.57 14.36
C VAL S 41 15.02 27.94 14.44
N LEU S 42 14.34 27.98 13.29
CA LEU S 42 13.02 27.32 13.21
C LEU S 42 13.16 26.20 12.12
N ILE S 43 12.75 24.97 12.48
CA ILE S 43 12.73 23.87 11.57
C ILE S 43 11.24 23.48 11.30
N ALA S 44 10.76 23.73 10.06
CA ALA S 44 9.30 23.71 9.84
C ALA S 44 8.91 22.82 8.66
N GLN S 45 7.99 21.86 8.89
CA GLN S 45 7.46 20.99 7.83
C GLN S 45 6.38 21.62 6.95
N PHE S 46 6.25 21.11 5.73
CA PHE S 46 4.96 21.19 4.98
C PHE S 46 3.99 20.23 5.62
N THR S 47 2.72 20.63 5.66
CA THR S 47 1.74 19.93 6.54
C THR S 47 0.36 19.95 5.86
N GLU S 48 -0.57 19.33 6.54
CA GLU S 48 -1.96 19.40 6.17
C GLU S 48 -2.40 20.88 6.00
N HIS S 49 -1.92 21.77 6.88
CA HIS S 49 -2.34 23.19 6.83
C HIS S 49 -1.45 24.11 6.07
N THR S 50 -0.19 23.72 5.91
CA THR S 50 0.82 24.63 5.22
C THR S 50 1.44 23.98 3.94
N SER S 51 1.16 24.53 2.74
CA SER S 51 1.73 24.04 1.50
C SER S 51 2.73 25.10 0.84
N ALA S 52 2.92 26.26 1.49
CA ALA S 52 3.92 27.25 1.03
C ALA S 52 4.37 28.06 2.25
N ILE S 53 5.61 28.53 2.21
CA ILE S 53 6.20 29.17 3.38
C ILE S 53 6.87 30.44 2.81
N LYS S 54 6.61 31.63 3.41
CA LYS S 54 7.26 32.87 2.98
C LYS S 54 8.13 33.37 4.14
N VAL S 55 9.37 33.82 3.83
CA VAL S 55 10.31 34.29 4.81
C VAL S 55 10.56 35.80 4.55
N ARG S 56 10.25 36.67 5.54
CA ARG S 56 10.53 38.10 5.41
C ARG S 56 11.60 38.44 6.38
N GLY S 57 12.52 39.32 5.98
CA GLY S 57 13.64 39.59 6.83
C GLY S 57 14.87 38.82 6.32
N LYS S 58 16.00 39.10 6.92
CA LYS S 58 17.26 38.52 6.55
C LYS S 58 17.41 37.24 7.31
N ALA S 59 17.53 36.14 6.59
CA ALA S 59 17.62 34.78 7.17
C ALA S 59 18.44 33.85 6.26
N TYR S 60 19.03 32.83 6.85
CA TYR S 60 19.73 31.81 6.16
C TYR S 60 18.82 30.59 6.18
N ILE S 61 18.67 29.98 5.00
CA ILE S 61 17.63 28.94 4.73
C ILE S 61 18.27 27.71 4.13
N GLN S 62 17.94 26.52 4.67
CA GLN S 62 18.40 25.29 4.09
C GLN S 62 17.21 24.46 3.69
N THR S 63 17.25 23.95 2.47
CA THR S 63 16.23 22.95 2.09
C THR S 63 16.92 21.83 1.41
N ARG S 64 16.17 20.84 0.98
CA ARG S 64 16.71 19.73 0.24
C ARG S 64 17.31 20.25 -1.06
N HIS S 65 16.88 21.41 -1.54
CA HIS S 65 17.50 21.91 -2.82
C HIS S 65 18.72 22.77 -2.70
N GLY S 66 19.25 22.96 -1.48
CA GLY S 66 20.49 23.69 -1.33
C GLY S 66 20.19 24.82 -0.32
N VAL S 67 21.02 25.85 -0.36
CA VAL S 67 20.94 26.90 0.67
C VAL S 67 20.69 28.22 -0.01
N ILE S 68 20.09 29.17 0.76
CA ILE S 68 19.78 30.46 0.16
C ILE S 68 19.55 31.46 1.31
N GLU S 69 19.78 32.76 1.05
CA GLU S 69 19.50 33.76 2.07
C GLU S 69 18.35 34.63 1.64
N SER S 70 17.38 34.89 2.55
CA SER S 70 16.47 35.96 2.24
C SER S 70 17.08 37.28 2.67
N GLU S 71 16.64 38.38 2.12
CA GLU S 71 17.25 39.68 2.51
C GLU S 71 16.12 40.66 2.90
N GLY S 72 16.31 41.50 3.94
CA GLY S 72 15.12 42.25 4.48
C GLY S 72 15.28 43.75 4.41
N THR T 3 5.85 6.51 13.21
CA THR T 3 7.07 6.50 14.04
C THR T 3 8.40 6.52 13.17
N ASN T 4 8.28 6.70 11.83
CA ASN T 4 9.43 6.69 10.93
C ASN T 4 9.78 8.09 10.35
N SER T 5 9.48 9.13 11.10
CA SER T 5 9.69 10.50 10.64
C SER T 5 11.13 10.92 10.83
N ASP T 6 11.44 12.01 10.13
CA ASP T 6 12.71 12.61 10.33
C ASP T 6 12.93 13.17 11.72
N PHE T 7 14.18 13.44 12.08
CA PHE T 7 14.47 13.89 13.37
C PHE T 7 15.56 14.98 13.19
N VAL T 8 15.78 15.73 14.22
CA VAL T 8 16.87 16.70 14.24
C VAL T 8 17.76 16.40 15.46
N VAL T 9 19.05 16.78 15.41
CA VAL T 9 19.94 16.49 16.54
C VAL T 9 20.39 17.85 17.09
N ILE T 10 20.32 18.06 18.41
CA ILE T 10 20.60 19.41 18.99
C ILE T 10 21.54 19.22 20.17
N LYS T 11 22.74 19.84 20.09
CA LYS T 11 23.67 19.89 21.20
C LYS T 11 23.69 21.27 21.78
N ALA T 12 23.35 21.40 23.06
CA ALA T 12 23.39 22.73 23.67
C ALA T 12 24.87 23.20 23.80
N LEU T 13 25.17 24.40 23.38
CA LEU T 13 26.53 24.96 23.57
C LEU T 13 26.65 25.92 24.79
N GLU T 14 25.55 26.11 25.53
CA GLU T 14 25.52 26.86 26.80
C GLU T 14 24.29 26.30 27.59
N ASP T 15 24.18 26.73 28.86
CA ASP T 15 23.10 26.32 29.75
C ASP T 15 21.81 27.01 29.33
N GLY T 16 20.66 26.40 29.61
CA GLY T 16 19.34 27.01 29.34
C GLY T 16 18.95 27.09 27.88
N VAL T 17 19.57 26.28 27.01
CA VAL T 17 19.00 26.17 25.64
C VAL T 17 17.57 25.60 25.68
N ASN T 18 16.62 26.22 24.95
CA ASN T 18 15.24 25.68 24.84
C ASN T 18 14.97 25.04 23.50
N VAL T 19 14.55 23.77 23.46
CA VAL T 19 14.09 23.14 22.21
C VAL T 19 12.57 23.02 22.34
N ILE T 20 11.87 23.77 21.51
CA ILE T 20 10.48 23.99 21.71
C ILE T 20 9.68 23.32 20.59
N GLY T 21 8.70 22.50 20.97
CA GLY T 21 7.84 21.77 19.91
C GLY T 21 6.62 22.63 19.66
N LEU T 22 6.38 23.05 18.44
CA LEU T 22 5.20 23.77 18.03
C LEU T 22 4.15 22.73 17.58
N THR T 23 2.89 22.99 17.92
CA THR T 23 1.84 22.04 17.65
C THR T 23 1.58 21.92 16.14
N ARG T 24 1.39 20.66 15.73
CA ARG T 24 0.80 20.36 14.40
C ARG T 24 -0.68 20.87 14.34
N GLY T 25 -1.15 21.37 13.20
CA GLY T 25 -2.65 21.53 13.05
C GLY T 25 -2.97 23.00 12.80
N ALA T 26 -4.23 23.41 13.06
CA ALA T 26 -4.63 24.76 12.66
C ALA T 26 -4.04 25.75 13.62
N ASP T 27 -3.65 25.28 14.79
CA ASP T 27 -3.07 26.15 15.80
C ASP T 27 -1.54 25.99 15.87
N THR T 28 -0.81 27.05 16.07
CA THR T 28 0.61 26.89 16.30
C THR T 28 1.00 27.50 17.66
N ARG T 29 1.17 26.66 18.68
CA ARG T 29 1.42 27.09 20.05
C ARG T 29 2.47 26.12 20.54
N PHE T 30 2.99 26.31 21.73
CA PHE T 30 3.99 25.40 22.25
C PHE T 30 3.35 24.25 22.92
N HIS T 31 3.77 23.03 22.65
CA HIS T 31 3.23 21.96 23.50
C HIS T 31 4.25 21.45 24.48
N HIS T 32 5.54 21.74 24.21
CA HIS T 32 6.61 21.38 25.13
C HIS T 32 7.90 22.20 24.88
N SER T 33 8.61 22.54 25.96
CA SER T 33 9.93 23.14 25.78
C SER T 33 10.85 22.35 26.59
N GLU T 34 11.82 21.68 25.95
CA GLU T 34 12.77 20.93 26.74
C GLU T 34 13.93 21.92 27.02
N LYS T 35 14.42 21.92 28.25
CA LYS T 35 15.57 22.78 28.63
C LYS T 35 16.84 21.97 28.70
N LEU T 36 17.86 22.41 27.95
CA LEU T 36 19.10 21.62 27.87
C LEU T 36 20.24 22.40 28.51
N ASP T 37 21.11 21.73 29.28
CA ASP T 37 22.28 22.41 29.80
C ASP T 37 23.41 22.16 28.81
N LYS T 38 24.48 22.94 28.98
CA LYS T 38 25.62 22.94 28.02
C LYS T 38 26.11 21.54 27.81
N GLY T 39 26.21 21.09 26.57
CA GLY T 39 26.81 19.79 26.39
C GLY T 39 25.75 18.66 26.23
N GLU T 40 24.54 18.86 26.75
CA GLU T 40 23.46 17.86 26.52
C GLU T 40 23.04 17.76 25.08
N VAL T 41 22.65 16.53 24.65
CA VAL T 41 22.17 16.33 23.26
C VAL T 41 20.70 15.83 23.28
N LEU T 42 19.88 16.40 22.38
CA LEU T 42 18.46 15.91 22.23
C LEU T 42 18.28 15.54 20.79
N ILE T 43 17.85 14.30 20.54
CA ILE T 43 17.52 13.84 19.18
C ILE T 43 15.98 13.76 19.06
N ALA T 44 15.38 14.68 18.29
CA ALA T 44 13.91 14.83 18.40
C ALA T 44 13.22 14.63 17.01
N GLN T 45 12.19 13.77 16.92
CA GLN T 45 11.40 13.52 15.65
C GLN T 45 10.38 14.60 15.36
N PHE T 46 9.98 14.73 14.09
CA PHE T 46 8.65 15.29 13.81
C PHE T 46 7.64 14.22 14.13
N THR T 47 6.44 14.59 14.56
CA THR T 47 5.45 13.63 15.11
C THR T 47 4.04 14.08 14.86
N GLU T 48 3.11 13.24 15.31
CA GLU T 48 1.75 13.57 15.27
C GLU T 48 1.52 14.92 15.97
N HIS T 49 2.22 15.18 17.11
CA HIS T 49 1.98 16.39 17.88
C HIS T 49 2.90 17.57 17.51
N THR T 50 4.03 17.29 16.82
CA THR T 50 5.10 18.39 16.64
C THR T 50 5.45 18.50 15.14
N SER T 51 5.09 19.60 14.46
CA SER T 51 5.41 19.75 13.04
C SER T 51 6.38 20.92 12.78
N ALA T 52 6.84 21.57 13.86
CA ALA T 52 7.88 22.59 13.74
C ALA T 52 8.62 22.62 15.07
N ILE T 53 9.91 22.92 14.98
CA ILE T 53 10.79 22.97 16.16
C ILE T 53 11.49 24.32 16.15
N LYS T 54 11.41 25.08 17.26
CA LYS T 54 12.22 26.27 17.46
C LYS T 54 13.31 26.03 18.51
N VAL T 55 14.53 26.53 18.25
CA VAL T 55 15.63 26.40 19.16
C VAL T 55 16.09 27.81 19.60
N ARG T 56 16.09 28.06 20.90
CA ARG T 56 16.54 29.38 21.47
C ARG T 56 17.78 29.11 22.29
N GLY T 57 18.80 29.97 22.21
CA GLY T 57 20.01 29.64 22.89
C GLY T 57 21.07 29.12 21.85
N LYS T 58 22.32 29.13 22.28
CA LYS T 58 23.42 28.76 21.45
C LYS T 58 23.51 27.20 21.37
N ALA T 59 23.37 26.67 20.14
CA ALA T 59 23.29 25.22 20.00
C ALA T 59 23.75 24.84 18.63
N TYR T 60 24.23 23.62 18.54
CA TYR T 60 24.73 23.11 17.30
C TYR T 60 23.72 22.09 16.84
N ILE T 61 23.26 22.22 15.61
CA ILE T 61 22.11 21.41 15.11
C ILE T 61 22.49 20.64 13.83
N GLN T 62 22.04 19.36 13.75
CA GLN T 62 22.26 18.54 12.60
C GLN T 62 20.92 18.11 12.11
N THR T 63 20.65 18.33 10.79
CA THR T 63 19.43 17.78 10.16
C THR T 63 19.86 17.10 8.93
N ARG T 64 18.87 16.50 8.24
CA ARG T 64 19.06 15.94 6.91
C ARG T 64 19.72 16.96 5.93
N HIS T 65 19.40 18.25 6.10
CA HIS T 65 19.93 19.30 5.18
C HIS T 65 21.23 19.93 5.54
N GLY T 66 21.90 19.45 6.59
CA GLY T 66 23.24 19.97 6.83
C GLY T 66 23.32 20.36 8.32
N VAL T 67 24.32 21.16 8.66
CA VAL T 67 24.53 21.59 10.07
C VAL T 67 24.35 23.07 10.13
N ILE T 68 24.03 23.53 11.32
CA ILE T 68 23.74 24.95 11.55
C ILE T 68 23.88 25.21 13.05
N GLU T 69 24.27 26.44 13.40
CA GLU T 69 24.20 26.83 14.82
C GLU T 69 23.16 27.91 15.09
N SER T 70 22.38 27.72 16.13
CA SER T 70 21.58 28.83 16.68
C SER T 70 22.46 29.68 17.58
N GLU T 71 22.19 30.98 17.66
CA GLU T 71 22.91 31.89 18.62
C GLU T 71 21.89 32.48 19.59
N GLY T 72 22.23 32.72 20.86
CA GLY T 72 21.14 33.22 21.83
C GLY T 72 21.47 34.62 22.26
N THR U 3 8.47 -1.38 13.49
CA THR U 3 9.83 -1.99 13.72
C THR U 3 10.99 -1.55 12.75
N ASN U 4 10.71 -0.77 11.68
CA ASN U 4 11.81 -0.20 10.85
C ASN U 4 12.21 1.31 10.96
N SER U 5 12.02 1.84 12.14
CA SER U 5 12.30 3.20 12.38
C SER U 5 13.81 3.36 12.43
N ASP U 6 14.24 4.60 12.36
CA ASP U 6 15.60 4.86 12.55
C ASP U 6 16.05 4.67 14.01
N PHE U 7 17.34 4.64 14.20
CA PHE U 7 17.94 4.43 15.52
C PHE U 7 19.21 5.29 15.63
N VAL U 8 19.73 5.37 16.84
CA VAL U 8 20.87 6.20 17.17
C VAL U 8 21.83 5.21 17.92
N VAL U 9 23.14 5.46 17.83
CA VAL U 9 24.11 4.67 18.48
C VAL U 9 24.76 5.58 19.53
N ILE U 10 24.80 5.13 20.78
CA ILE U 10 25.43 5.91 21.83
C ILE U 10 26.48 5.07 22.55
N LYS U 11 27.72 5.59 22.59
CA LYS U 11 28.81 4.96 23.31
C LYS U 11 29.17 5.87 24.46
N ALA U 12 28.98 5.37 25.69
CA ALA U 12 29.35 6.16 26.90
C ALA U 12 30.86 6.41 26.95
N LEU U 13 31.28 7.67 27.19
CA LEU U 13 32.75 7.95 27.33
C LEU U 13 33.19 8.12 28.79
N GLU U 14 32.24 7.99 29.75
CA GLU U 14 32.48 8.02 31.18
C GLU U 14 31.30 7.24 31.84
N ASP U 15 31.39 6.94 33.12
CA ASP U 15 30.40 6.17 33.83
C ASP U 15 29.20 7.06 34.04
N GLY U 16 28.00 6.48 34.23
CA GLY U 16 26.82 7.29 34.62
C GLY U 16 26.14 8.06 33.51
N VAL U 17 26.49 7.74 32.27
CA VAL U 17 25.79 8.32 31.13
C VAL U 17 24.34 7.87 31.22
N ASN U 18 23.42 8.81 30.96
CA ASN U 18 21.96 8.58 30.96
C ASN U 18 21.44 8.75 29.56
N VAL U 19 20.82 7.68 29.03
CA VAL U 19 20.15 7.75 27.73
C VAL U 19 18.65 7.70 28.01
N ILE U 20 17.99 8.83 27.81
CA ILE U 20 16.67 8.98 28.31
C ILE U 20 15.66 8.95 27.15
N GLY U 21 14.67 8.08 27.26
CA GLY U 21 13.54 8.04 26.32
C GLY U 21 12.42 8.97 26.70
N LEU U 22 12.14 9.94 25.86
CA LEU U 22 10.98 10.82 26.09
C LEU U 22 9.73 10.24 25.40
N THR U 23 8.59 10.46 26.05
CA THR U 23 7.37 9.89 25.60
C THR U 23 6.87 10.53 24.35
N ARG U 24 6.52 9.67 23.37
CA ARG U 24 5.67 10.07 22.29
C ARG U 24 4.27 10.53 22.81
N GLY U 25 3.63 11.50 22.15
CA GLY U 25 2.20 11.86 22.35
C GLY U 25 2.11 13.32 22.86
N ALA U 26 0.96 13.65 23.41
CA ALA U 26 0.61 14.98 23.94
C ALA U 26 1.57 15.32 25.08
N ASP U 27 2.04 14.33 25.83
CA ASP U 27 2.89 14.54 27.00
C ASP U 27 4.39 14.23 26.72
N THR U 28 5.30 15.02 27.30
CA THR U 28 6.69 14.76 27.13
C THR U 28 7.36 14.52 28.46
N ARG U 29 7.40 13.27 28.89
CA ARG U 29 7.89 12.90 30.24
C ARG U 29 8.88 11.78 29.97
N PHE U 30 9.60 11.34 30.99
CA PHE U 30 10.56 10.27 30.82
C PHE U 30 9.87 8.95 30.94
N HIS U 31 10.00 8.03 30.00
CA HIS U 31 9.43 6.73 30.37
C HIS U 31 10.52 5.74 30.68
N HIS U 32 11.76 6.06 30.28
CA HIS U 32 12.88 5.21 30.72
C HIS U 32 14.19 5.93 30.63
N SER U 33 15.14 5.58 31.51
CA SER U 33 16.44 6.20 31.50
C SER U 33 17.40 5.05 31.59
N GLU U 34 18.18 4.79 30.55
CA GLU U 34 19.18 3.74 30.67
C GLU U 34 20.51 4.34 31.10
N LYS U 35 21.06 3.80 32.20
CA LYS U 35 22.39 4.21 32.70
C LYS U 35 23.49 3.40 32.05
N LEU U 36 24.48 4.06 31.47
CA LEU U 36 25.55 3.33 30.83
C LEU U 36 26.90 3.55 31.52
N ASP U 37 27.73 2.52 31.58
CA ASP U 37 29.09 2.67 32.10
C ASP U 37 30.07 2.95 30.96
N LYS U 38 31.27 3.46 31.30
CA LYS U 38 32.25 3.85 30.28
C LYS U 38 32.48 2.70 29.32
N GLY U 39 32.40 3.02 28.01
CA GLY U 39 32.72 1.97 27.06
C GLY U 39 31.49 1.16 26.56
N GLU U 40 30.37 1.21 27.27
CA GLU U 40 29.18 0.42 26.89
C GLU U 40 28.47 1.11 25.69
N VAL U 41 27.89 0.28 24.81
CA VAL U 41 27.17 0.85 23.65
C VAL U 41 25.67 0.51 23.70
N LEU U 42 24.85 1.53 23.45
CA LEU U 42 23.37 1.35 23.38
C LEU U 42 22.96 1.73 21.97
N ILE U 43 22.23 0.84 21.30
CA ILE U 43 21.73 1.12 19.95
C ILE U 43 20.20 1.08 20.09
N ALA U 44 19.59 2.25 19.93
CA ALA U 44 18.22 2.44 20.31
C ALA U 44 17.40 3.03 19.17
N GLN U 45 16.20 2.48 18.95
CA GLN U 45 15.24 2.98 17.89
C GLN U 45 14.31 4.07 18.43
N PHE U 46 13.76 4.90 17.54
CA PHE U 46 12.54 5.59 17.79
C PHE U 46 11.40 4.56 17.69
N THR U 47 10.31 4.72 18.49
CA THR U 47 9.34 3.60 18.64
C THR U 47 7.96 4.19 18.87
N GLU U 48 6.97 3.32 18.99
CA GLU U 48 5.62 3.73 19.43
C GLU U 48 5.69 4.59 20.71
N HIS U 49 6.58 4.24 21.64
CA HIS U 49 6.65 4.92 22.97
C HIS U 49 7.67 6.06 23.06
N THR U 50 8.62 6.10 22.10
CA THR U 50 9.78 6.97 22.25
C THR U 50 9.96 7.82 21.03
N SER U 51 9.69 9.16 21.08
CA SER U 51 9.78 10.01 19.90
C SER U 51 10.92 11.05 20.04
N ALA U 52 11.68 10.97 21.16
CA ALA U 52 12.84 11.89 21.40
C ALA U 52 13.71 11.25 22.43
N ILE U 53 15.02 11.49 22.31
CA ILE U 53 16.00 10.80 23.17
C ILE U 53 16.95 11.89 23.65
N LYS U 54 17.14 12.00 24.97
CA LYS U 54 18.07 12.97 25.54
C LYS U 54 19.27 12.20 26.11
N VAL U 55 20.50 12.67 25.82
CA VAL U 55 21.72 12.02 26.39
C VAL U 55 22.39 13.00 27.35
N ARG U 56 22.61 12.54 28.61
CA ARG U 56 23.27 13.27 29.65
C ARG U 56 24.58 12.55 29.96
N GLY U 57 25.67 13.30 30.07
CA GLY U 57 26.96 12.70 30.31
C GLY U 57 27.74 12.74 29.00
N LYS U 58 29.03 12.47 29.13
CA LYS U 58 29.92 12.44 27.98
C LYS U 58 29.74 11.12 27.17
N ALA U 59 29.35 11.29 25.91
CA ALA U 59 29.11 10.13 25.05
C ALA U 59 29.40 10.50 23.62
N TYR U 60 29.63 9.48 22.82
CA TYR U 60 29.84 9.61 21.39
C TYR U 60 28.61 9.01 20.71
N ILE U 61 28.08 9.77 19.74
CA ILE U 61 26.72 9.51 19.24
C ILE U 61 26.77 9.50 17.69
N GLN U 62 26.23 8.42 17.09
CA GLN U 62 26.12 8.32 15.65
C GLN U 62 24.66 8.32 15.32
N THR U 63 24.28 9.11 14.32
CA THR U 63 22.92 8.96 13.76
C THR U 63 23.07 9.06 12.28
N ARG U 64 21.94 8.97 11.60
CA ARG U 64 21.89 9.12 10.18
C ARG U 64 22.52 10.42 9.78
N HIS U 65 22.42 11.42 10.64
CA HIS U 65 22.90 12.79 10.19
C HIS U 65 24.34 13.10 10.57
N GLY U 66 25.09 12.15 11.10
CA GLY U 66 26.51 12.39 11.27
C GLY U 66 26.84 11.97 12.72
N VAL U 67 28.00 12.43 13.21
CA VAL U 67 28.49 12.04 14.53
C VAL U 67 28.57 13.32 15.40
N ILE U 68 28.53 13.07 16.71
CA ILE U 68 28.46 14.20 17.68
C ILE U 68 28.81 13.67 19.05
N GLU U 69 29.41 14.52 19.90
CA GLU U 69 29.65 14.15 21.32
C GLU U 69 28.86 15.00 22.28
N SER U 70 28.24 14.33 23.24
CA SER U 70 27.55 15.04 24.31
C SER U 70 28.66 15.21 25.36
N GLU U 71 28.52 16.21 26.20
CA GLU U 71 29.55 16.52 27.24
C GLU U 71 28.77 16.68 28.54
N GLY U 72 29.33 16.29 29.66
CA GLY U 72 28.46 16.31 30.92
C GLY U 72 29.16 17.11 31.97
N THR V 3 9.72 -8.40 9.14
CA THR V 3 11.00 -9.18 8.89
C THR V 3 12.16 -8.42 8.09
N ASN V 4 11.88 -7.19 7.57
CA ASN V 4 12.86 -6.39 6.80
C ASN V 4 13.55 -5.21 7.57
N SER V 5 13.57 -5.31 8.87
CA SER V 5 14.20 -4.29 9.72
C SER V 5 15.69 -4.23 9.63
N ASP V 6 16.25 -3.12 10.07
CA ASP V 6 17.73 -2.95 10.20
C ASP V 6 18.35 -4.01 11.12
N PHE V 7 19.65 -4.26 10.99
CA PHE V 7 20.33 -5.18 11.90
C PHE V 7 21.65 -4.58 12.26
N VAL V 8 22.32 -5.14 13.25
CA VAL V 8 23.65 -4.73 13.65
C VAL V 8 24.55 -5.96 13.59
N VAL V 9 25.86 -5.73 13.36
CA VAL V 9 26.82 -6.81 13.38
C VAL V 9 27.71 -6.61 14.58
N ILE V 10 27.83 -7.64 15.43
CA ILE V 10 28.68 -7.59 16.62
C ILE V 10 29.70 -8.72 16.57
N LYS V 11 30.99 -8.35 16.62
CA LYS V 11 32.09 -9.33 16.76
C LYS V 11 32.72 -9.16 18.14
N ALA V 12 32.66 -10.20 18.95
CA ALA V 12 33.32 -10.19 20.25
C ALA V 12 34.86 -10.09 20.11
N LEU V 13 35.50 -9.18 20.85
CA LEU V 13 37.01 -9.11 20.83
C LEU V 13 37.63 -9.75 22.07
N GLU V 14 36.82 -10.29 22.97
CA GLU V 14 37.30 -11.04 24.14
C GLU V 14 36.14 -12.02 24.52
N ASP V 15 36.40 -12.94 25.41
CA ASP V 15 35.41 -13.90 25.93
C ASP V 15 34.36 -13.21 26.80
N GLY V 16 33.11 -13.67 26.82
CA GLY V 16 32.10 -13.05 27.71
C GLY V 16 31.43 -11.74 27.29
N VAL V 17 31.44 -11.37 26.01
CA VAL V 17 30.70 -10.21 25.59
C VAL V 17 29.21 -10.59 25.72
N ASN V 18 28.41 -9.62 26.15
CA ASN V 18 26.97 -9.72 26.18
C ASN V 18 26.32 -8.83 25.13
N VAL V 19 25.43 -9.40 24.33
CA VAL V 19 24.60 -8.60 23.46
C VAL V 19 23.20 -8.71 24.04
N ILE V 20 22.67 -7.62 24.57
CA ILE V 20 21.44 -7.76 25.34
C ILE V 20 20.29 -7.10 24.58
N GLY V 21 19.21 -7.87 24.37
CA GLY V 21 18.00 -7.33 23.68
C GLY V 21 17.11 -6.68 24.70
N LEU V 22 16.83 -5.38 24.53
CA LEU V 22 15.87 -4.71 25.44
C LEU V 22 14.46 -4.77 24.84
N THR V 23 13.47 -4.91 25.70
CA THR V 23 12.12 -5.11 25.21
C THR V 23 11.54 -3.88 24.56
N ARG V 24 10.90 -4.06 23.38
CA ARG V 24 9.94 -3.06 22.90
C ARG V 24 8.75 -2.86 23.84
N GLY V 25 8.20 -1.66 23.83
CA GLY V 25 6.94 -1.33 24.44
C GLY V 25 7.13 -0.38 25.64
N ALA V 26 6.09 -0.34 26.49
CA ALA V 26 6.02 0.42 27.72
C ALA V 26 7.17 0.06 28.69
N ASP V 27 7.63 -1.15 28.68
CA ASP V 27 8.69 -1.59 29.53
C ASP V 27 10.06 -1.72 28.88
N THR V 28 11.12 -1.44 29.61
CA THR V 28 12.40 -1.64 29.05
C THR V 28 13.23 -2.53 30.00
N ARG V 29 13.16 -3.82 29.77
CA ARG V 29 13.79 -4.84 30.61
C ARG V 29 14.55 -5.68 29.60
N PHE V 30 15.35 -6.64 30.06
CA PHE V 30 16.09 -7.49 29.14
C PHE V 30 15.22 -8.61 28.77
N HIS V 31 15.17 -9.01 27.52
CA HIS V 31 14.46 -10.29 27.30
C HIS V 31 15.41 -11.39 26.87
N HIS V 32 16.62 -10.99 26.47
CA HIS V 32 17.59 -12.00 26.11
C HIS V 32 18.96 -11.44 26.14
N SER V 33 19.87 -12.25 26.64
CA SER V 33 21.21 -11.84 26.70
C SER V 33 22.03 -12.89 25.99
N GLU V 34 22.65 -12.55 24.84
CA GLU V 34 23.48 -13.54 24.16
C GLU V 34 24.92 -13.32 24.57
N LYS V 35 25.53 -14.39 25.07
CA LYS V 35 26.90 -14.42 25.46
C LYS V 35 27.79 -14.85 24.28
N LEU V 36 28.78 -14.01 23.93
CA LEU V 36 29.67 -14.32 22.83
C LEU V 36 31.10 -14.58 23.31
N ASP V 37 31.74 -15.62 22.79
CA ASP V 37 33.13 -15.81 22.97
C ASP V 37 33.95 -15.06 21.92
N LYS V 38 35.19 -14.76 22.30
CA LYS V 38 36.14 -14.05 21.43
C LYS V 38 36.07 -14.55 20.00
N GLY V 39 35.85 -13.64 19.06
CA GLY V 39 35.90 -13.98 17.63
C GLY V 39 34.55 -14.40 17.05
N GLU V 40 33.56 -14.76 17.88
CA GLU V 40 32.21 -15.04 17.39
C GLU V 40 31.52 -13.77 16.89
N VAL V 41 30.70 -13.90 15.84
CA VAL V 41 29.95 -12.83 15.27
C VAL V 41 28.44 -13.13 15.41
N LEU V 42 27.72 -12.12 15.94
CA LEU V 42 26.27 -12.19 15.98
C LEU V 42 25.75 -11.03 15.08
N ILE V 43 24.75 -11.35 14.26
CA ILE V 43 24.10 -10.39 13.34
C ILE V 43 22.61 -10.40 13.72
N ALA V 44 22.17 -9.26 14.27
CA ALA V 44 20.93 -9.24 15.05
C ALA V 44 20.03 -8.09 14.57
N GLN V 45 18.78 -8.46 14.24
CA GLN V 45 17.80 -7.47 13.78
C GLN V 45 17.11 -6.71 14.93
N PHE V 46 16.56 -5.55 14.65
CA PHE V 46 15.44 -5.01 15.49
C PHE V 46 14.15 -5.72 15.10
N THR V 47 13.21 -5.95 16.04
CA THR V 47 12.12 -6.93 15.85
C THR V 47 10.89 -6.52 16.67
N GLU V 48 9.80 -7.33 16.56
CA GLU V 48 8.62 -7.03 17.34
C GLU V 48 9.00 -6.94 18.85
N HIS V 49 9.92 -7.78 19.29
CA HIS V 49 10.25 -7.90 20.76
C HIS V 49 11.48 -7.09 21.20
N THR V 50 12.31 -6.66 20.24
CA THR V 50 13.57 -5.99 20.60
C THR V 50 13.66 -4.57 19.91
N SER V 51 13.63 -3.48 20.70
CA SER V 51 13.69 -2.15 20.10
C SER V 51 14.95 -1.37 20.48
N ALA V 52 15.84 -2.04 21.19
CA ALA V 52 17.16 -1.44 21.65
C ALA V 52 18.08 -2.59 22.02
N ILE V 53 19.40 -2.36 21.79
CA ILE V 53 20.39 -3.41 21.97
C ILE V 53 21.55 -2.78 22.69
N LYS V 54 21.94 -3.44 23.79
CA LYS V 54 23.03 -2.94 24.63
C LYS V 54 24.20 -3.94 24.53
N VAL V 55 25.41 -3.41 24.32
CA VAL V 55 26.55 -4.32 24.22
C VAL V 55 27.52 -4.11 25.40
N ARG V 56 27.88 -5.19 26.09
CA ARG V 56 28.81 -5.15 27.24
C ARG V 56 30.02 -5.96 26.87
N GLY V 57 31.20 -5.48 27.20
CA GLY V 57 32.43 -6.18 26.89
C GLY V 57 33.05 -5.57 25.60
N LYS V 58 34.26 -6.00 25.28
CA LYS V 58 34.97 -5.52 24.14
C LYS V 58 34.48 -6.15 22.81
N ALA V 59 33.97 -5.30 21.92
CA ALA V 59 33.43 -5.75 20.69
C ALA V 59 33.53 -4.72 19.59
N TYR V 60 33.56 -5.25 18.36
CA TYR V 60 33.58 -4.39 17.17
C TYR V 60 32.17 -4.49 16.56
N ILE V 61 31.56 -3.31 16.33
CA ILE V 61 30.15 -3.19 15.88
C ILE V 61 30.04 -2.43 14.54
N GLN V 62 29.23 -2.98 13.61
CA GLN V 62 28.90 -2.34 12.38
C GLN V 62 27.41 -2.11 12.35
N THR V 63 27.00 -0.88 12.05
CA THR V 63 25.55 -0.62 11.78
C THR V 63 25.48 0.16 10.49
N ARG V 64 24.28 0.49 10.04
CA ARG V 64 24.05 1.42 8.92
C ARG V 64 24.83 2.72 9.14
N HIS V 65 25.03 3.15 10.39
CA HIS V 65 25.70 4.43 10.63
C HIS V 65 27.19 4.45 10.81
N GLY V 66 27.85 3.31 10.64
CA GLY V 66 29.34 3.29 10.61
C GLY V 66 29.80 2.22 11.57
N VAL V 67 31.07 2.30 12.01
CA VAL V 67 31.65 1.22 12.85
C VAL V 67 31.99 1.86 14.20
N ILE V 68 32.01 1.05 15.24
CA ILE V 68 32.28 1.58 16.61
C ILE V 68 32.74 0.40 17.42
N GLU V 69 33.56 0.68 18.44
CA GLU V 69 33.98 -0.39 19.38
C GLU V 69 33.43 -0.17 20.76
N SER V 70 32.83 -1.20 21.33
CA SER V 70 32.45 -1.14 22.76
C SER V 70 33.71 -1.53 23.54
N GLU V 71 33.91 -0.99 24.75
CA GLU V 71 35.06 -1.41 25.59
C GLU V 71 34.51 -1.90 26.95
N GLY V 72 35.16 -2.83 27.63
CA GLY V 72 34.48 -3.49 28.85
C GLY V 72 34.81 -2.88 30.20
N TRP X . -28.36 8.79 25.45
CA TRP X . -27.63 9.38 24.25
C TRP X . -27.90 8.56 22.94
O TRP X . -28.05 7.33 23.02
CB TRP X . -26.12 9.41 24.55
CG TRP X . -25.25 9.94 23.41
CD1 TRP X . -24.58 9.21 22.46
CD2 TRP X . -24.90 11.31 23.22
NE1 TRP X . -23.85 10.08 21.64
CE2 TRP X . -24.01 11.36 22.11
CE3 TRP X . -25.25 12.49 23.87
CZ2 TRP X . -23.48 12.61 21.58
CZ3 TRP X . -24.69 13.71 23.42
CH2 TRP X . -23.81 13.77 22.26
OXT TRP X . -28.09 9.21 21.87
N TRP Y . -33.00 16.21 13.13
CA TRP Y . -32.02 16.19 11.95
C TRP Y . -32.12 14.84 11.21
O TRP Y . -32.30 13.82 11.92
CB TRP Y . -30.60 16.42 12.46
CG TRP Y . -29.63 16.50 11.29
CD1 TRP Y . -28.83 15.53 10.87
CD2 TRP Y . -29.33 17.65 10.49
NE1 TRP Y . -28.00 15.98 9.88
CE2 TRP Y . -28.33 17.27 9.57
CE3 TRP Y . -29.87 18.96 10.43
CZ2 TRP Y . -27.82 18.12 8.60
CZ3 TRP Y . -29.35 19.85 9.44
CH2 TRP Y . -28.31 19.41 8.55
OXT TRP Y . -32.09 14.79 9.94
N TRP Z . -35.72 15.57 -1.69
CA TRP Z . -34.55 15.09 -2.57
C TRP Z . -34.39 13.54 -2.48
O TRP Z . -34.52 12.95 -1.35
CB TRP Z . -33.27 15.79 -2.12
CG TRP Z . -32.03 15.41 -2.90
CD1 TRP Z . -31.12 14.47 -2.58
CD2 TRP Z . -31.65 15.93 -4.15
NE1 TRP Z . -30.12 14.42 -3.52
CE2 TRP Z . -30.45 15.28 -4.53
CE3 TRP Z . -32.21 16.86 -5.02
CZ2 TRP Z . -29.75 15.56 -5.75
CZ3 TRP Z . -31.48 17.18 -6.21
CH2 TRP Z . -30.28 16.53 -6.54
OXT TRP Z . -34.12 12.86 -3.47
N TRP AA . -35.54 7.17 -14.23
CA TRP AA . -34.21 6.62 -14.56
C TRP AA . -33.95 5.44 -13.60
O TRP AA . -34.22 5.59 -12.35
CB TRP AA . -33.13 7.68 -14.34
CG TRP AA . -31.70 7.15 -14.65
CD1 TRP AA . -30.79 6.61 -13.77
CD2 TRP AA . -31.10 7.06 -15.96
NE1 TRP AA . -29.65 6.25 -14.45
CE2 TRP AA . -29.82 6.50 -15.79
CE3 TRP AA . -31.54 7.37 -17.24
CZ2 TRP AA . -28.95 6.28 -16.85
CZ3 TRP AA . -30.64 7.18 -18.33
CH2 TRP AA . -29.37 6.63 -18.11
OXT TRP AA . -33.49 4.41 -14.11
N TRP BA . -32.44 -6.00 -20.81
CA TRP BA . -31.09 -6.46 -20.53
C TRP BA . -30.91 -7.11 -19.11
O TRP BA . -31.44 -6.55 -18.15
CB TRP BA . -30.03 -5.29 -20.77
CG TRP BA . -28.57 -5.78 -20.59
CD1 TRP BA . -27.81 -5.69 -19.43
CD2 TRP BA . -27.72 -6.48 -21.55
NE1 TRP BA . -26.52 -6.19 -19.63
CE2 TRP BA . -26.44 -6.70 -20.92
CE3 TRP BA . -27.89 -6.84 -22.90
CZ2 TRP BA . -25.32 -7.34 -21.60
CZ3 TRP BA . -26.79 -7.46 -23.56
CH2 TRP BA . -25.51 -7.68 -22.89
OXT TRP BA . -30.23 -8.14 -19.00
N TRP CA . -27.45 -20.08 -18.95
CA TRP CA . -26.08 -20.24 -18.38
C TRP CA . -26.14 -20.16 -16.80
O TRP CA . -26.84 -19.26 -16.37
CB TRP CA . -25.08 -19.13 -18.93
CG TRP CA . -23.62 -19.26 -18.39
CD1 TRP CA . -23.09 -18.54 -17.41
CD2 TRP CA . -22.61 -20.24 -18.76
NE1 TRP CA . -21.82 -18.99 -17.09
CE2 TRP CA . -21.45 -19.98 -17.95
CE3 TRP CA . -22.52 -21.22 -19.76
CZ2 TRP CA . -20.25 -20.65 -18.08
CZ3 TRP CA . -21.30 -21.91 -19.88
CH2 TRP CA . -20.16 -21.62 -19.01
OXT TRP CA . -25.50 -20.93 -16.07
N TRP DA . -22.31 -30.61 -9.60
CA TRP DA . -21.16 -30.21 -8.74
C TRP DA . -21.56 -29.29 -7.54
O TRP DA . -22.48 -28.47 -7.76
CB TRP DA . -20.17 -29.47 -9.58
CG TRP DA . -18.86 -29.08 -8.83
CD1 TRP DA . -18.53 -27.85 -8.36
CD2 TRP DA . -17.72 -29.93 -8.57
NE1 TRP DA . -17.30 -27.87 -7.77
CE2 TRP DA . -16.74 -29.12 -7.91
CE3 TRP DA . -17.44 -31.30 -8.82
CZ2 TRP DA . -15.50 -29.62 -7.49
CZ3 TRP DA . -16.19 -31.79 -8.40
CH2 TRP DA . -15.24 -30.92 -7.76
OXT TRP DA . -20.98 -29.42 -6.40
N TRP EA . -18.63 -34.19 4.69
CA TRP EA . -17.68 -33.20 5.32
C TRP EA . -18.31 -31.87 5.74
O TRP EA . -19.16 -31.28 4.97
CB TRP EA . -16.54 -32.87 4.35
CG TRP EA . -15.42 -31.98 4.94
CD1 TRP EA . -15.28 -30.59 4.80
CD2 TRP EA . -14.30 -32.41 5.72
NE1 TRP EA . -14.15 -30.14 5.47
CE2 TRP EA . -13.52 -31.22 6.04
CE3 TRP EA . -13.90 -33.67 6.25
CZ2 TRP EA . -12.37 -31.25 6.83
CZ3 TRP EA . -12.74 -33.73 7.00
CH2 TRP EA . -11.96 -32.51 7.28
OXT TRP EA . -17.97 -31.34 6.83
N TRP FA . -17.55 -29.54 18.82
CA TRP FA . -16.75 -28.25 19.04
C TRP FA . -17.48 -26.97 18.64
O TRP FA . -18.14 -26.94 17.57
CB TRP FA . -15.40 -28.33 18.28
CG TRP FA . -14.52 -27.17 18.48
CD1 TRP FA . -14.44 -26.07 17.64
CD2 TRP FA . -13.54 -26.96 19.51
NE1 TRP FA . -13.43 -25.21 18.09
CE2 TRP FA . -12.92 -25.69 19.27
CE3 TRP FA . -13.19 -27.66 20.68
CZ2 TRP FA . -11.89 -25.15 20.15
CZ3 TRP FA . -12.22 -27.15 21.53
CH2 TRP FA . -11.54 -25.91 21.25
OXT TRP FA . -17.44 -25.99 19.41
N TRP GA . -19.27 -18.29 28.79
CA TRP GA . -18.66 -16.97 28.46
C TRP GA . -19.41 -16.22 27.37
O TRP GA . -19.87 -16.84 26.39
CB TRP GA . -17.19 -17.23 28.03
CG TRP GA . -16.38 -16.03 27.66
CD1 TRP GA . -16.26 -15.49 26.39
CD2 TRP GA . -15.58 -15.23 28.52
NE1 TRP GA . -15.40 -14.44 26.42
CE2 TRP GA . -15.00 -14.22 27.70
CE3 TRP GA . -15.30 -15.25 29.90
CZ2 TRP GA . -14.16 -13.20 28.19
CZ3 TRP GA . -14.42 -14.25 30.41
CH2 TRP GA . -13.88 -13.22 29.52
OXT TRP GA . -19.52 -14.96 27.42
N TRP HA . -23.24 -3.79 31.34
CA TRP HA . -22.61 -2.78 30.42
C TRP HA . -23.16 -2.86 28.93
O TRP HA . -23.39 -1.79 28.29
CB TRP HA . -21.13 -3.10 30.44
CG TRP HA . -20.30 -2.15 29.55
CD1 TRP HA . -19.91 -2.37 28.18
CD2 TRP HA . -19.72 -0.90 29.95
NE1 TRP HA . -19.17 -1.29 27.79
CE2 TRP HA . -19.08 -0.37 28.82
CE3 TRP HA . -19.76 -0.13 31.15
CZ2 TRP HA . -18.40 0.87 28.86
CZ3 TRP HA . -19.14 1.05 31.19
CH2 TRP HA . -18.43 1.55 30.04
OXT TRP HA . -23.40 -3.99 28.50
N TRP IA . 14.02 -13.67 19.72
CA TRP IA . 14.68 -12.36 19.50
C TRP IA . 13.77 -11.39 18.74
O TRP IA . 13.23 -11.81 17.65
CB TRP IA . 16.03 -12.58 18.76
CG TRP IA . 16.81 -11.32 18.59
CD1 TRP IA . 16.79 -10.52 17.51
CD2 TRP IA . 17.65 -10.67 19.57
NE1 TRP IA . 17.58 -9.41 17.73
CE2 TRP IA . 18.13 -9.48 18.99
CE3 TRP IA . 18.09 -11.03 20.87
CZ2 TRP IA . 19.04 -8.61 19.66
CZ3 TRP IA . 18.98 -10.16 21.54
CH2 TRP IA . 19.44 -8.97 20.94
OXT TRP IA . 13.63 -10.20 19.17
N TRP JA . 14.37 -22.62 7.20
CA TRP JA . 15.21 -21.43 7.56
C TRP JA . 14.40 -20.15 7.62
O TRP JA . 13.58 -19.93 6.65
CB TRP JA . 16.39 -21.28 6.64
CG TRP JA . 17.37 -20.19 7.03
CD1 TRP JA . 17.40 -18.96 6.52
CD2 TRP JA . 18.42 -20.28 8.03
NE1 TRP JA . 18.39 -18.23 7.15
CE2 TRP JA . 19.04 -19.01 8.08
CE3 TRP JA . 18.86 -21.29 8.88
CZ2 TRP JA . 20.17 -18.73 8.92
CZ3 TRP JA . 19.91 -21.02 9.75
CH2 TRP JA . 20.56 -19.73 9.76
OXT TRP JA . 14.59 -19.36 8.62
N TRP KA . 11.74 -23.63 -7.80
CA TRP KA . 12.81 -22.97 -7.01
C TRP KA . 12.22 -21.79 -6.21
O TRP KA . 11.35 -21.06 -6.79
CB TRP KA . 13.90 -22.52 -8.00
CG TRP KA . 15.03 -21.74 -7.32
CD1 TRP KA . 15.12 -20.36 -7.17
CD2 TRP KA . 16.24 -22.29 -6.75
NE1 TRP KA . 16.31 -20.05 -6.48
CE2 TRP KA . 16.99 -21.22 -6.21
CE3 TRP KA . 16.73 -23.61 -6.58
CZ2 TRP KA . 18.22 -21.43 -5.53
CZ3 TRP KA . 17.94 -23.78 -5.96
CH2 TRP KA . 18.69 -22.67 -5.46
OXT TRP KA . 12.66 -21.50 -5.04
N TRP LA . 7.07 -16.78 -20.57
CA TRP LA . 8.36 -16.59 -19.84
C TRP LA . 8.02 -16.00 -18.44
O TRP LA . 7.19 -15.09 -18.41
CB TRP LA . 9.32 -15.63 -20.63
CG TRP LA . 10.68 -15.41 -19.86
CD1 TRP LA . 10.96 -14.43 -19.03
CD2 TRP LA . 11.82 -16.29 -19.85
NE1 TRP LA . 12.24 -14.58 -18.47
CE2 TRP LA . 12.79 -15.71 -19.00
CE3 TRP LA . 12.12 -17.53 -20.48
CZ2 TRP LA . 13.98 -16.35 -18.69
CZ3 TRP LA . 13.37 -18.09 -20.27
CH2 TRP LA . 14.31 -17.47 -19.39
OXT TRP LA . 8.53 -16.42 -17.41
N TRP MA . 1.66 -3.93 -27.24
CA TRP MA . 3.01 -4.31 -26.65
C TRP MA . 2.96 -4.46 -25.13
O TRP MA . 2.33 -3.63 -24.45
CB TRP MA . 4.07 -3.19 -27.04
CG TRP MA . 5.50 -3.49 -26.54
CD1 TRP MA . 6.07 -3.05 -25.41
CD2 TRP MA . 6.45 -4.38 -27.15
NE1 TRP MA . 7.37 -3.56 -25.28
CE2 TRP MA . 7.65 -4.35 -26.35
CE3 TRP MA . 6.47 -5.10 -28.38
CZ2 TRP MA . 8.81 -5.08 -26.68
CZ3 TRP MA . 7.60 -5.77 -28.71
CH2 TRP MA . 8.79 -5.74 -27.90
OXT TRP MA . 3.58 -5.31 -24.50
N TRP NA . -2.64 10.47 -25.19
CA TRP NA . -1.30 9.88 -25.27
C TRP NA . -1.11 8.98 -24.06
O TRP NA . -1.60 9.37 -22.97
CB TRP NA . -0.24 11.02 -25.31
CG TRP NA . 1.18 10.49 -25.26
CD1 TRP NA . 1.92 10.25 -24.15
CD2 TRP NA . 1.97 10.04 -26.38
NE1 TRP NA . 3.13 9.68 -24.52
CE2 TRP NA . 3.19 9.54 -25.88
CE3 TRP NA . 1.75 10.03 -27.78
CZ2 TRP NA . 4.22 9.02 -26.70
CZ3 TRP NA . 2.78 9.51 -28.60
CH2 TRP NA . 4.01 9.03 -28.05
OXT TRP NA . -0.63 7.83 -24.14
N TRP OA . -4.50 22.14 -15.73
CA TRP OA . -3.30 21.57 -16.31
C TRP OA . -3.12 20.17 -15.76
O TRP OA . -3.33 20.05 -14.55
CB TRP OA . -2.08 22.54 -16.00
CG TRP OA . -0.75 21.97 -16.46
CD1 TRP OA . 0.08 21.15 -15.74
CD2 TRP OA . -0.17 22.12 -17.77
NE1 TRP OA . 1.17 20.80 -16.52
CE2 TRP OA . 1.07 21.43 -17.75
CE3 TRP OA . -0.53 22.83 -18.93
CZ2 TRP OA . 1.90 21.34 -18.91
CZ3 TRP OA . 0.31 22.79 -20.03
CH2 TRP OA . 1.48 22.02 -20.03
OXT TRP OA . -2.70 19.15 -16.42
N TRP PA . -3.32 27.38 -1.33
CA TRP PA . -2.31 27.07 -2.45
C TRP PA . -2.28 25.58 -2.72
O TRP PA . -2.38 24.83 -1.72
CB TRP PA . -0.92 27.58 -2.01
CG TRP PA . 0.19 27.29 -2.94
CD1 TRP PA . 1.01 26.21 -2.94
CD2 TRP PA . 0.57 28.10 -4.04
NE1 TRP PA . 1.94 26.31 -3.99
CE2 TRP PA . 1.68 27.46 -4.68
CE3 TRP PA . 0.11 29.34 -4.54
CZ2 TRP PA . 2.32 28.04 -5.81
CZ3 TRP PA . 0.70 29.85 -5.66
CH2 TRP PA . 1.79 29.22 -6.29
OXT TRP PA . -2.11 25.15 -3.89
N TRP QA . 0.50 24.37 13.12
CA TRP QA . 1.34 24.54 11.89
C TRP QA . 1.06 23.41 10.87
O TRP QA . 0.90 22.23 11.28
CB TRP QA . 2.83 24.65 12.31
CG TRP QA . 3.73 24.84 11.14
CD1 TRP QA . 4.41 23.87 10.45
CD2 TRP QA . 4.05 26.10 10.51
NE1 TRP QA . 5.13 24.46 9.40
CE2 TRP QA . 4.93 25.82 9.42
CE3 TRP QA . 3.65 27.42 10.74
CZ2 TRP QA . 5.42 26.83 8.57
CZ3 TRP QA . 4.19 28.45 9.91
CH2 TRP QA . 5.04 28.11 8.81
OXT TRP QA . 0.90 23.64 9.67
N TRP RA . 5.67 14.06 23.13
CA TRP RA . 6.40 14.89 22.09
C TRP RA . 5.91 14.38 20.69
O TRP RA . 5.64 15.16 19.78
CB TRP RA . 7.93 14.68 22.22
CG TRP RA . 8.73 15.36 21.08
CD1 TRP RA . 9.15 14.81 19.93
CD2 TRP RA . 9.22 16.73 21.09
NE1 TRP RA . 9.79 15.76 19.16
CE2 TRP RA . 9.87 16.95 19.87
CE3 TRP RA . 9.13 17.80 22.03
CZ2 TRP RA . 10.44 18.20 19.52
CZ3 TRP RA . 9.67 19.07 21.68
CH2 TRP RA . 10.32 19.25 20.48
OXT TRP RA . 5.72 13.16 20.51
N TRP SA . 10.71 -0.06 25.56
CA TRP SA . 11.36 1.13 24.89
C TRP SA . 10.55 1.55 23.59
O TRP SA . 10.09 0.64 22.92
CB TRP SA . 12.84 0.85 24.61
CG TRP SA . 13.57 1.99 23.89
CD1 TRP SA . 13.69 2.17 22.55
CD2 TRP SA . 14.24 3.10 24.51
NE1 TRP SA . 14.40 3.33 22.27
CE2 TRP SA . 14.76 3.92 23.46
CE3 TRP SA . 14.44 3.49 25.87
CZ2 TRP SA . 15.47 5.09 23.70
CZ3 TRP SA . 15.16 4.66 26.12
CH2 TRP SA . 15.70 5.46 25.02
OXT TRP SA . 10.27 2.72 23.29
#